data_2IFE
#
_entry.id   2IFE
#
_cell.length_a   1.000
_cell.length_b   1.000
_cell.length_c   1.000
_cell.angle_alpha   90.00
_cell.angle_beta   90.00
_cell.angle_gamma   90.00
#
_symmetry.space_group_name_H-M   'P 1'
#
_entity_poly.entity_id   1
_entity_poly.type   'polypeptide(L)'
_entity_poly.pdbx_seq_one_letter_code
;MEFQKKKQKVIQVKEIKFRPGTDEGDYQVKLRSLIRFLEEGDKAKITLRFRGREMAHQQIGMEVLNRVKDDLQELAVVES
FPTKIEGRQMIMVLAPKKKQ
;
_entity_poly.pdbx_strand_id   A
#
# COMPACT_ATOMS: atom_id res chain seq x y z
N VAL A 10 10.40 -2.47 18.90
CA VAL A 10 9.07 -1.94 18.52
C VAL A 10 8.82 -2.15 17.07
N ILE A 11 7.72 -1.52 16.64
CA ILE A 11 7.24 -1.53 15.29
C ILE A 11 7.81 -0.34 14.59
N GLN A 12 8.47 -0.59 13.44
CA GLN A 12 9.15 0.44 12.70
C GLN A 12 8.23 0.93 11.65
N VAL A 13 8.56 2.07 11.01
CA VAL A 13 7.95 2.36 9.75
C VAL A 13 8.92 2.04 8.68
N LYS A 14 8.59 1.02 7.86
CA LYS A 14 9.17 0.93 6.55
C LYS A 14 8.11 1.25 5.55
N GLU A 15 8.47 1.20 4.26
CA GLU A 15 7.63 1.70 3.21
C GLU A 15 7.75 0.84 1.98
N ILE A 16 6.72 0.89 1.10
CA ILE A 16 6.75 0.37 -0.25
C ILE A 16 6.11 1.46 -1.07
N LYS A 17 6.32 1.46 -2.41
CA LYS A 17 5.47 2.28 -3.27
C LYS A 17 4.76 1.44 -4.27
N PHE A 18 3.62 1.99 -4.79
CA PHE A 18 2.87 1.42 -5.86
C PHE A 18 2.51 2.56 -6.75
N ARG A 19 3.25 2.72 -7.86
CA ARG A 19 3.03 3.75 -8.85
C ARG A 19 1.98 3.27 -9.83
N PRO A 20 1.47 4.11 -10.73
CA PRO A 20 0.58 3.68 -11.76
C PRO A 20 1.41 2.94 -12.76
N GLY A 21 0.87 1.84 -13.31
CA GLY A 21 1.58 1.02 -14.26
C GLY A 21 2.28 -0.08 -13.55
N THR A 22 1.92 -0.20 -12.26
CA THR A 22 2.29 -1.28 -11.42
C THR A 22 1.06 -2.09 -11.25
N ASP A 23 0.97 -3.07 -12.15
CA ASP A 23 -0.02 -4.07 -12.10
C ASP A 23 0.64 -5.41 -12.20
N GLU A 24 -0.17 -6.48 -12.06
CA GLU A 24 0.01 -7.80 -11.48
C GLU A 24 1.41 -8.31 -11.48
N GLY A 25 1.96 -8.35 -12.70
CA GLY A 25 3.32 -8.47 -13.11
C GLY A 25 4.37 -8.08 -12.15
N ASP A 26 4.46 -6.76 -12.04
CA ASP A 26 5.39 -5.98 -11.31
C ASP A 26 4.96 -5.92 -9.88
N TYR A 27 3.64 -5.93 -9.76
CA TYR A 27 2.90 -5.50 -8.60
C TYR A 27 2.99 -6.47 -7.48
N GLN A 28 2.33 -7.63 -7.59
CA GLN A 28 2.37 -8.70 -6.66
C GLN A 28 3.69 -9.37 -6.36
N VAL A 29 4.69 -9.12 -7.20
CA VAL A 29 6.10 -9.34 -6.88
C VAL A 29 6.47 -8.50 -5.69
N LYS A 30 6.11 -7.21 -5.71
CA LYS A 30 6.37 -6.30 -4.63
C LYS A 30 5.28 -6.18 -3.64
N LEU A 31 4.27 -7.05 -3.78
CA LEU A 31 3.36 -7.33 -2.73
C LEU A 31 4.04 -8.36 -1.90
N ARG A 32 4.86 -9.24 -2.55
CA ARG A 32 5.76 -10.13 -1.85
C ARG A 32 6.78 -9.35 -1.08
N SER A 33 7.36 -8.25 -1.69
CA SER A 33 8.26 -7.43 -0.95
C SER A 33 7.60 -6.79 0.24
N LEU A 34 6.36 -6.31 0.10
CA LEU A 34 5.64 -5.68 1.12
C LEU A 34 5.19 -6.62 2.22
N ILE A 35 4.95 -7.95 1.93
CA ILE A 35 4.74 -8.93 2.98
C ILE A 35 5.90 -8.88 3.89
N ARG A 36 7.11 -9.00 3.29
CA ARG A 36 8.40 -9.05 3.90
C ARG A 36 8.58 -7.97 4.91
N PHE A 37 8.25 -6.71 4.54
CA PHE A 37 8.23 -5.57 5.46
C PHE A 37 7.35 -5.74 6.65
N LEU A 38 6.07 -6.04 6.40
CA LEU A 38 5.13 -6.33 7.45
C LEU A 38 5.50 -7.44 8.40
N GLU A 39 6.17 -8.49 7.84
CA GLU A 39 6.44 -9.79 8.38
C GLU A 39 7.73 -9.78 9.13
N GLU A 40 8.56 -8.71 8.94
CA GLU A 40 9.63 -8.37 9.84
C GLU A 40 9.04 -7.90 11.15
N GLY A 41 7.79 -7.39 11.09
CA GLY A 41 7.11 -6.79 12.19
C GLY A 41 7.39 -5.36 12.06
N ASP A 42 7.02 -4.79 10.89
CA ASP A 42 7.08 -3.39 10.73
C ASP A 42 5.73 -3.05 10.28
N LYS A 43 5.50 -1.74 10.31
CA LYS A 43 4.31 -1.14 9.87
C LYS A 43 4.76 -0.63 8.56
N ALA A 44 4.14 -1.20 7.52
CA ALA A 44 4.59 -1.02 6.18
C ALA A 44 3.72 0.00 5.53
N LYS A 45 4.28 1.13 5.17
CA LYS A 45 3.49 2.24 4.71
C LYS A 45 3.49 2.22 3.22
N ILE A 46 2.30 2.14 2.60
CA ILE A 46 2.19 2.22 1.17
C ILE A 46 2.16 3.67 0.81
N THR A 47 2.94 4.06 -0.21
CA THR A 47 2.86 5.39 -0.73
C THR A 47 2.46 5.22 -2.16
N LEU A 48 1.36 5.88 -2.53
CA LEU A 48 1.04 6.00 -3.91
C LEU A 48 1.71 7.21 -4.39
N ARG A 49 1.96 7.25 -5.70
CA ARG A 49 2.70 8.30 -6.28
C ARG A 49 2.12 8.28 -7.61
N PHE A 50 1.08 9.09 -7.74
CA PHE A 50 0.26 9.17 -8.88
C PHE A 50 0.99 9.91 -9.95
N ARG A 51 0.69 9.59 -11.23
CA ARG A 51 0.85 10.54 -12.29
C ARG A 51 -0.42 11.34 -12.18
N GLY A 52 -0.39 12.45 -11.42
CA GLY A 52 -1.67 12.96 -11.03
C GLY A 52 -1.53 14.13 -10.12
N ARG A 53 -2.56 14.27 -9.25
CA ARG A 53 -2.86 15.53 -8.61
C ARG A 53 -3.46 15.18 -7.29
N GLU A 54 -4.13 16.17 -6.65
CA GLU A 54 -4.85 16.07 -5.40
C GLU A 54 -6.07 15.22 -5.54
N MET A 55 -6.67 15.18 -6.75
CA MET A 55 -7.47 14.04 -7.09
C MET A 55 -6.89 13.61 -8.39
N ALA A 56 -5.92 12.65 -8.35
CA ALA A 56 -5.34 12.14 -9.55
C ALA A 56 -6.32 11.36 -10.30
N HIS A 57 -6.76 10.40 -9.52
CA HIS A 57 -7.31 9.17 -9.98
C HIS A 57 -8.72 8.99 -9.56
N GLN A 58 -9.32 7.93 -10.11
CA GLN A 58 -10.36 7.22 -9.42
C GLN A 58 -10.00 5.78 -9.59
N GLN A 59 -8.83 5.58 -10.22
CA GLN A 59 -8.40 4.32 -10.75
C GLN A 59 -7.12 3.88 -10.13
N ILE A 60 -6.09 4.76 -10.26
CA ILE A 60 -4.70 4.59 -9.98
C ILE A 60 -4.50 4.08 -8.62
N GLY A 61 -5.17 4.74 -7.66
CA GLY A 61 -4.87 4.47 -6.31
C GLY A 61 -5.51 3.24 -5.85
N MET A 62 -6.84 3.26 -5.91
CA MET A 62 -7.66 2.36 -5.18
C MET A 62 -7.97 1.09 -5.91
N GLU A 63 -7.48 0.88 -7.14
CA GLU A 63 -7.25 -0.48 -7.51
C GLU A 63 -6.17 -1.11 -6.77
N VAL A 64 -5.03 -0.40 -6.74
CA VAL A 64 -3.79 -0.94 -6.33
C VAL A 64 -3.86 -1.21 -4.92
N LEU A 65 -3.92 -0.14 -4.11
CA LEU A 65 -4.00 -0.09 -2.67
C LEU A 65 -4.92 -1.07 -2.06
N ASN A 66 -6.16 -1.05 -2.55
CA ASN A 66 -7.22 -1.94 -2.18
C ASN A 66 -6.98 -3.35 -2.49
N ARG A 67 -6.32 -3.65 -3.62
CA ARG A 67 -5.96 -4.98 -3.88
C ARG A 67 -4.71 -5.37 -3.16
N VAL A 68 -3.92 -4.40 -2.62
CA VAL A 68 -2.76 -4.77 -1.93
C VAL A 68 -3.23 -5.24 -0.61
N LYS A 69 -4.15 -4.47 0.06
CA LYS A 69 -4.84 -4.86 1.25
C LYS A 69 -5.46 -6.16 1.09
N ASP A 70 -6.24 -6.39 0.01
CA ASP A 70 -7.07 -7.52 -0.16
C ASP A 70 -6.24 -8.72 -0.40
N ASP A 71 -5.13 -8.59 -1.15
CA ASP A 71 -4.24 -9.72 -1.20
C ASP A 71 -3.45 -9.99 0.06
N LEU A 72 -2.94 -8.95 0.76
CA LEU A 72 -2.14 -9.10 1.93
C LEU A 72 -2.87 -9.35 3.18
N GLN A 73 -4.17 -9.02 3.24
CA GLN A 73 -5.23 -9.21 4.21
C GLN A 73 -5.13 -10.35 5.15
N GLU A 74 -4.44 -11.39 4.68
CA GLU A 74 -4.01 -12.55 5.41
C GLU A 74 -3.19 -12.20 6.62
N LEU A 75 -2.09 -11.50 6.33
CA LEU A 75 -1.01 -11.25 7.22
C LEU A 75 -1.15 -9.85 7.72
N ALA A 76 -1.27 -8.92 6.76
CA ALA A 76 -1.38 -7.51 7.07
C ALA A 76 -2.77 -7.07 7.02
N VAL A 77 -3.19 -6.17 7.94
CA VAL A 77 -4.04 -5.15 7.47
C VAL A 77 -3.67 -3.75 7.67
N VAL A 78 -4.40 -2.97 6.89
CA VAL A 78 -4.26 -1.59 6.68
C VAL A 78 -4.97 -0.87 7.76
N GLU A 79 -4.49 0.34 8.04
CA GLU A 79 -4.96 1.15 9.10
C GLU A 79 -6.19 1.83 8.63
N SER A 80 -6.13 2.29 7.37
CA SER A 80 -7.16 3.10 6.82
C SER A 80 -7.14 2.86 5.38
N PHE A 81 -8.31 2.99 4.73
CA PHE A 81 -8.33 3.10 3.31
C PHE A 81 -8.50 4.59 3.14
N PRO A 82 -7.46 5.35 2.77
CA PRO A 82 -7.28 6.73 3.17
C PRO A 82 -8.22 7.62 2.44
N THR A 83 -8.33 7.39 1.11
CA THR A 83 -8.72 8.14 -0.01
C THR A 83 -8.96 9.61 0.14
N LYS A 84 -7.95 10.20 0.75
CA LYS A 84 -7.65 11.61 0.80
C LYS A 84 -6.22 11.75 0.40
N ILE A 85 -5.97 12.23 -0.84
CA ILE A 85 -4.66 12.42 -1.37
C ILE A 85 -4.14 13.72 -0.85
N GLU A 86 -2.85 13.73 -0.52
CA GLU A 86 -2.15 14.90 -0.08
C GLU A 86 -1.06 15.13 -1.08
N GLY A 87 -1.22 16.15 -1.95
CA GLY A 87 -0.30 16.37 -3.02
C GLY A 87 -0.66 15.45 -4.14
N ARG A 88 0.35 15.10 -4.94
CA ARG A 88 0.25 14.27 -6.11
C ARG A 88 0.56 12.84 -5.77
N GLN A 89 0.22 12.39 -4.55
CA GLN A 89 0.66 11.14 -3.97
C GLN A 89 -0.20 10.83 -2.78
N MET A 90 -0.51 9.54 -2.51
CA MET A 90 -1.45 9.21 -1.45
C MET A 90 -0.95 8.10 -0.60
N ILE A 91 -0.75 8.36 0.69
CA ILE A 91 -0.35 7.34 1.60
C ILE A 91 -1.56 6.58 2.03
N MET A 92 -1.50 5.26 1.80
CA MET A 92 -2.30 4.27 2.48
C MET A 92 -1.39 3.71 3.50
N VAL A 93 -1.84 3.64 4.74
CA VAL A 93 -0.93 3.24 5.78
C VAL A 93 -1.19 1.79 6.05
N LEU A 94 -0.16 0.90 6.18
CA LEU A 94 -0.52 -0.50 6.31
C LEU A 94 0.26 -0.95 7.53
N ALA A 95 -0.33 -1.85 8.35
CA ALA A 95 0.23 -2.27 9.59
C ALA A 95 0.20 -3.75 9.68
N PRO A 96 0.69 -4.35 10.76
CA PRO A 96 0.37 -5.70 11.14
C PRO A 96 -1.09 -5.78 11.43
N LYS A 97 -1.70 -6.95 11.15
CA LYS A 97 -3.08 -7.17 11.51
C LYS A 97 -3.09 -7.36 12.99
N LYS A 98 -3.93 -6.52 13.63
CA LYS A 98 -3.97 -6.30 15.03
C LYS A 98 -4.66 -7.44 15.70
N LYS A 99 -3.99 -8.04 16.70
CA LYS A 99 -4.59 -8.99 17.59
C LYS A 99 -5.51 -8.25 18.49
N GLN A 100 -6.78 -8.70 18.56
CA GLN A 100 -7.76 -8.09 19.40
C GLN A 100 -7.45 -8.51 20.84
N VAL A 10 10.59 -1.32 18.79
CA VAL A 10 9.20 -0.99 18.41
C VAL A 10 8.92 -1.41 17.01
N ILE A 11 7.74 -0.97 16.56
CA ILE A 11 7.22 -1.21 15.25
C ILE A 11 7.78 -0.15 14.38
N GLN A 12 8.49 -0.61 13.33
CA GLN A 12 9.33 0.21 12.51
C GLN A 12 8.51 0.58 11.34
N VAL A 13 8.95 1.56 10.53
CA VAL A 13 8.29 1.83 9.29
C VAL A 13 9.10 1.25 8.17
N LYS A 14 8.49 0.37 7.33
CA LYS A 14 9.03 0.25 6.00
C LYS A 14 8.06 0.88 5.09
N GLU A 15 8.42 1.02 3.81
CA GLU A 15 7.57 1.66 2.87
C GLU A 15 7.74 0.96 1.57
N ILE A 16 6.66 0.87 0.79
CA ILE A 16 6.67 0.36 -0.55
C ILE A 16 6.08 1.47 -1.36
N LYS A 17 6.31 1.50 -2.70
CA LYS A 17 5.46 2.31 -3.54
C LYS A 17 4.76 1.46 -4.54
N PHE A 18 3.59 1.96 -4.99
CA PHE A 18 2.85 1.37 -6.05
C PHE A 18 2.47 2.51 -6.94
N ARG A 19 3.06 2.54 -8.15
CA ARG A 19 2.74 3.53 -9.13
C ARG A 19 1.59 2.99 -9.98
N PRO A 20 0.93 3.81 -10.76
CA PRO A 20 0.01 3.37 -11.77
C PRO A 20 0.85 2.77 -12.85
N GLY A 21 0.38 1.62 -13.41
CA GLY A 21 1.07 0.90 -14.44
C GLY A 21 1.99 -0.08 -13.83
N THR A 22 1.86 -0.21 -12.51
CA THR A 22 2.48 -1.24 -11.74
C THR A 22 1.42 -2.24 -11.48
N ASP A 23 1.40 -3.18 -12.42
CA ASP A 23 0.65 -4.39 -12.38
C ASP A 23 1.63 -5.43 -12.80
N GLU A 24 1.18 -6.52 -13.44
CA GLU A 24 0.69 -7.65 -12.70
C GLU A 24 1.81 -8.19 -11.85
N GLY A 25 2.87 -8.76 -12.45
CA GLY A 25 3.95 -9.33 -11.69
C GLY A 25 5.16 -8.49 -11.66
N ASP A 26 4.94 -7.17 -11.68
CA ASP A 26 5.85 -6.22 -11.12
C ASP A 26 5.32 -5.89 -9.76
N TYR A 27 3.97 -5.82 -9.73
CA TYR A 27 3.15 -5.39 -8.62
C TYR A 27 3.25 -6.35 -7.51
N GLN A 28 2.63 -7.54 -7.62
CA GLN A 28 2.66 -8.52 -6.58
C GLN A 28 3.96 -9.17 -6.21
N VAL A 29 4.99 -8.92 -7.02
CA VAL A 29 6.38 -9.12 -6.63
C VAL A 29 6.75 -8.22 -5.47
N LYS A 30 6.32 -6.96 -5.50
CA LYS A 30 6.55 -6.02 -4.43
C LYS A 30 5.47 -5.96 -3.43
N LEU A 31 4.43 -6.77 -3.67
CA LEU A 31 3.51 -7.13 -2.65
C LEU A 31 4.21 -8.16 -1.84
N ARG A 32 5.10 -8.99 -2.49
CA ARG A 32 5.99 -9.89 -1.82
C ARG A 32 6.97 -9.14 -0.94
N SER A 33 7.58 -8.02 -1.45
CA SER A 33 8.48 -7.28 -0.61
C SER A 33 7.84 -6.71 0.62
N LEU A 34 6.63 -6.15 0.47
CA LEU A 34 5.82 -5.61 1.48
C LEU A 34 5.27 -6.65 2.45
N ILE A 35 5.06 -7.96 2.05
CA ILE A 35 4.74 -9.01 3.00
C ILE A 35 5.81 -9.06 4.01
N ARG A 36 7.06 -9.18 3.50
CA ARG A 36 8.27 -9.35 4.25
C ARG A 36 8.41 -8.29 5.27
N PHE A 37 8.09 -7.02 4.90
CA PHE A 37 8.11 -5.86 5.77
C PHE A 37 7.22 -6.01 6.95
N LEU A 38 5.94 -6.32 6.67
CA LEU A 38 4.95 -6.55 7.68
C LEU A 38 5.25 -7.71 8.61
N GLU A 39 5.92 -8.76 8.05
CA GLU A 39 6.23 -10.05 8.62
C GLU A 39 7.33 -9.91 9.62
N GLU A 40 8.24 -8.92 9.39
CA GLU A 40 9.26 -8.53 10.33
C GLU A 40 8.66 -7.93 11.58
N GLY A 41 7.39 -7.48 11.49
CA GLY A 41 6.70 -6.78 12.52
C GLY A 41 7.10 -5.39 12.33
N ASP A 42 6.87 -4.90 11.09
CA ASP A 42 7.02 -3.52 10.84
C ASP A 42 5.69 -3.20 10.40
N LYS A 43 5.45 -1.90 10.42
CA LYS A 43 4.29 -1.36 9.87
C LYS A 43 4.84 -0.88 8.61
N ALA A 44 4.34 -1.48 7.54
CA ALA A 44 4.68 -1.05 6.24
C ALA A 44 3.78 0.13 6.00
N LYS A 45 4.11 1.04 5.10
CA LYS A 45 3.09 1.94 4.64
C LYS A 45 3.23 1.91 3.15
N ILE A 46 2.10 1.89 2.44
CA ILE A 46 2.09 2.06 1.03
C ILE A 46 2.07 3.50 0.72
N THR A 47 2.87 3.94 -0.26
CA THR A 47 2.76 5.26 -0.78
C THR A 47 2.39 5.12 -2.21
N LEU A 48 1.34 5.85 -2.64
CA LEU A 48 1.08 5.96 -4.04
C LEU A 48 1.76 7.17 -4.53
N ARG A 49 1.99 7.21 -5.85
CA ARG A 49 2.71 8.21 -6.51
C ARG A 49 2.06 8.14 -7.83
N PHE A 50 1.09 9.04 -7.98
CA PHE A 50 0.24 9.14 -9.12
C PHE A 50 1.02 9.85 -10.16
N ARG A 51 1.51 9.08 -11.13
CA ARG A 51 2.31 9.58 -12.21
C ARG A 51 1.76 8.98 -13.45
N GLY A 52 0.49 8.56 -13.34
CA GLY A 52 -0.29 8.02 -14.41
C GLY A 52 -0.82 9.19 -15.12
N ARG A 53 -1.38 10.04 -14.27
CA ARG A 53 -1.61 11.40 -14.62
C ARG A 53 -0.86 12.09 -13.55
N GLU A 54 -0.38 13.33 -13.82
CA GLU A 54 0.41 14.13 -12.93
C GLU A 54 -0.27 14.32 -11.60
N MET A 55 -1.59 14.57 -11.63
CA MET A 55 -2.43 14.77 -10.48
C MET A 55 -2.53 13.58 -9.55
N ALA A 56 -3.61 12.79 -9.62
CA ALA A 56 -4.13 12.18 -8.43
C ALA A 56 -5.44 11.56 -8.80
N HIS A 57 -5.51 10.20 -8.78
CA HIS A 57 -6.77 9.54 -8.99
C HIS A 57 -6.99 8.53 -7.92
N GLN A 58 -8.26 8.30 -7.55
CA GLN A 58 -8.60 7.22 -6.66
C GLN A 58 -9.12 6.08 -7.48
N GLN A 59 -9.00 6.23 -8.80
CA GLN A 59 -9.11 5.15 -9.74
C GLN A 59 -7.79 4.48 -9.67
N ILE A 60 -6.73 5.32 -9.89
CA ILE A 60 -5.36 4.98 -9.79
C ILE A 60 -5.04 4.36 -8.49
N GLY A 61 -5.51 5.01 -7.41
CA GLY A 61 -5.05 4.65 -6.14
C GLY A 61 -5.69 3.44 -5.63
N MET A 62 -7.02 3.49 -5.53
CA MET A 62 -7.76 2.46 -4.86
C MET A 62 -8.25 1.39 -5.80
N GLU A 63 -7.70 1.23 -7.03
CA GLU A 63 -7.39 -0.12 -7.39
C GLU A 63 -6.32 -0.73 -6.62
N VAL A 64 -5.14 -0.11 -6.73
CA VAL A 64 -3.88 -0.68 -6.41
C VAL A 64 -3.85 -0.98 -5.00
N LEU A 65 -3.87 0.07 -4.17
CA LEU A 65 -3.86 0.06 -2.73
C LEU A 65 -4.76 -0.94 -2.14
N ASN A 66 -6.02 -0.83 -2.53
CA ASN A 66 -7.10 -1.69 -2.21
C ASN A 66 -6.85 -3.12 -2.50
N ARG A 67 -6.25 -3.45 -3.66
CA ARG A 67 -5.95 -4.80 -4.00
C ARG A 67 -4.68 -5.27 -3.38
N VAL A 68 -3.83 -4.35 -2.86
CA VAL A 68 -2.64 -4.78 -2.24
C VAL A 68 -3.11 -5.36 -0.97
N LYS A 69 -4.03 -4.65 -0.28
CA LYS A 69 -4.62 -5.03 0.97
C LYS A 69 -5.32 -6.29 0.88
N ASP A 70 -6.26 -6.42 -0.06
CA ASP A 70 -7.10 -7.52 -0.29
C ASP A 70 -6.27 -8.72 -0.60
N ASP A 71 -5.16 -8.54 -1.36
CA ASP A 71 -4.26 -9.66 -1.43
C ASP A 71 -3.46 -9.97 -0.18
N LEU A 72 -2.94 -8.96 0.55
CA LEU A 72 -2.10 -9.14 1.69
C LEU A 72 -2.75 -9.46 2.96
N GLN A 73 -4.05 -9.13 3.12
CA GLN A 73 -5.03 -9.32 4.15
C GLN A 73 -4.90 -10.50 5.05
N GLU A 74 -4.27 -11.54 4.48
CA GLU A 74 -3.78 -12.73 5.13
C GLU A 74 -2.93 -12.42 6.32
N LEU A 75 -1.91 -11.59 6.06
CA LEU A 75 -0.92 -11.15 6.99
C LEU A 75 -1.24 -9.78 7.47
N ALA A 76 -1.43 -8.87 6.51
CA ALA A 76 -1.39 -7.44 6.79
C ALA A 76 -2.67 -6.78 6.68
N VAL A 77 -2.97 -5.88 7.66
CA VAL A 77 -3.99 -4.92 7.41
C VAL A 77 -3.66 -3.51 7.61
N VAL A 78 -4.69 -2.70 7.36
CA VAL A 78 -4.61 -1.33 7.19
C VAL A 78 -4.68 -0.67 8.51
N GLU A 79 -4.26 0.59 8.47
CA GLU A 79 -4.69 1.51 9.45
C GLU A 79 -6.00 2.02 8.97
N SER A 80 -6.05 2.27 7.63
CA SER A 80 -7.17 2.97 7.08
C SER A 80 -7.11 2.90 5.59
N PHE A 81 -8.27 2.94 4.89
CA PHE A 81 -8.28 3.15 3.48
C PHE A 81 -8.69 4.58 3.40
N PRO A 82 -7.73 5.50 3.36
CA PRO A 82 -7.81 6.60 4.27
C PRO A 82 -8.70 7.66 3.71
N THR A 83 -8.13 8.62 2.96
CA THR A 83 -8.64 9.93 3.05
C THR A 83 -8.78 10.34 1.60
N LYS A 84 -7.88 11.19 1.09
CA LYS A 84 -7.91 11.70 -0.25
C LYS A 84 -6.49 12.01 -0.50
N ILE A 85 -6.20 12.32 -1.78
CA ILE A 85 -4.87 12.55 -2.23
C ILE A 85 -4.48 13.94 -1.84
N GLU A 86 -3.24 14.01 -1.37
CA GLU A 86 -2.61 15.19 -0.86
C GLU A 86 -1.37 15.30 -1.65
N GLY A 87 -1.32 16.31 -2.55
CA GLY A 87 -0.26 16.39 -3.50
C GLY A 87 -0.55 15.44 -4.61
N ARG A 88 0.55 14.91 -5.17
CA ARG A 88 0.53 14.03 -6.30
C ARG A 88 0.78 12.63 -5.87
N GLN A 89 0.27 12.22 -4.69
CA GLN A 89 0.68 10.99 -4.04
C GLN A 89 -0.26 10.69 -2.89
N MET A 90 -0.57 9.39 -2.61
CA MET A 90 -1.56 9.05 -1.60
C MET A 90 -1.16 7.86 -0.79
N ILE A 91 -0.95 8.06 0.51
CA ILE A 91 -0.60 6.99 1.39
C ILE A 91 -1.83 6.22 1.77
N MET A 92 -1.72 4.87 1.74
CA MET A 92 -2.51 3.99 2.58
C MET A 92 -1.52 3.49 3.56
N VAL A 93 -1.87 3.54 4.84
CA VAL A 93 -0.95 3.07 5.85
C VAL A 93 -1.21 1.58 6.08
N LEU A 94 -0.14 0.77 6.17
CA LEU A 94 -0.20 -0.69 6.19
C LEU A 94 0.39 -1.40 7.43
N ALA A 95 -0.33 -1.52 8.56
CA ALA A 95 0.20 -2.13 9.77
C ALA A 95 0.07 -3.63 9.90
N PRO A 96 0.56 -4.23 10.98
CA PRO A 96 0.30 -5.62 11.30
C PRO A 96 -1.16 -5.86 11.56
N LYS A 97 -1.69 -6.98 11.02
CA LYS A 97 -2.99 -7.45 11.40
C LYS A 97 -2.83 -8.19 12.67
N LYS A 98 -3.76 -7.92 13.61
CA LYS A 98 -3.87 -8.65 14.83
C LYS A 98 -4.69 -9.86 14.55
N LYS A 99 -4.03 -11.04 14.51
CA LYS A 99 -4.71 -12.29 14.33
C LYS A 99 -5.46 -12.62 15.58
N GLN A 100 -6.78 -12.78 15.44
CA GLN A 100 -7.63 -13.09 16.55
C GLN A 100 -7.42 -14.56 16.90
N VAL A 10 10.28 -0.92 18.58
CA VAL A 10 8.83 -0.84 18.32
C VAL A 10 8.56 -1.08 16.88
N ILE A 11 7.29 -0.82 16.53
CA ILE A 11 6.71 -0.96 15.23
C ILE A 11 6.96 0.31 14.49
N GLN A 12 7.65 0.17 13.34
CA GLN A 12 8.33 1.26 12.69
C GLN A 12 7.64 1.51 11.40
N VAL A 13 7.82 2.69 10.77
CA VAL A 13 7.35 2.84 9.43
C VAL A 13 8.43 2.39 8.52
N LYS A 14 8.14 1.33 7.74
CA LYS A 14 8.83 1.16 6.50
C LYS A 14 7.81 1.35 5.44
N GLU A 15 8.24 1.36 4.16
CA GLU A 15 7.40 1.85 3.11
C GLU A 15 7.55 0.96 1.89
N ILE A 16 6.54 1.01 0.98
CA ILE A 16 6.64 0.47 -0.35
C ILE A 16 5.99 1.52 -1.20
N LYS A 17 6.23 1.50 -2.54
CA LYS A 17 5.38 2.25 -3.44
C LYS A 17 4.73 1.38 -4.45
N PHE A 18 3.54 1.86 -4.93
CA PHE A 18 2.82 1.33 -6.03
C PHE A 18 2.53 2.53 -6.87
N ARG A 19 2.73 2.42 -8.19
CA ARG A 19 2.56 3.48 -9.13
C ARG A 19 1.39 3.11 -10.00
N PRO A 20 0.87 3.97 -10.87
CA PRO A 20 0.02 3.57 -11.95
C PRO A 20 0.93 2.92 -12.94
N GLY A 21 0.49 1.76 -13.50
CA GLY A 21 1.28 1.01 -14.43
C GLY A 21 2.06 -0.03 -13.69
N THR A 22 1.72 -0.15 -12.41
CA THR A 22 2.14 -1.19 -11.55
C THR A 22 0.99 -2.10 -11.42
N ASP A 23 0.97 -3.05 -12.35
CA ASP A 23 0.07 -4.14 -12.38
C ASP A 23 0.90 -5.37 -12.36
N GLU A 24 0.27 -6.57 -12.48
CA GLU A 24 0.49 -7.73 -11.66
C GLU A 24 1.89 -8.16 -11.51
N GLY A 25 2.65 -8.12 -12.62
CA GLY A 25 3.96 -8.67 -12.63
C GLY A 25 5.07 -7.81 -12.17
N ASP A 26 4.73 -6.54 -11.93
CA ASP A 26 5.54 -5.59 -11.26
C ASP A 26 5.08 -5.53 -9.83
N TYR A 27 3.78 -5.80 -9.72
CA TYR A 27 2.98 -5.38 -8.60
C TYR A 27 3.06 -6.34 -7.48
N GLN A 28 2.42 -7.51 -7.62
CA GLN A 28 2.47 -8.61 -6.73
C GLN A 28 3.80 -9.23 -6.41
N VAL A 29 4.82 -8.92 -7.22
CA VAL A 29 6.22 -9.10 -6.89
C VAL A 29 6.58 -8.29 -5.67
N LYS A 30 6.19 -7.01 -5.66
CA LYS A 30 6.42 -6.12 -4.57
C LYS A 30 5.31 -6.07 -3.58
N LEU A 31 4.34 -6.97 -3.76
CA LEU A 31 3.43 -7.32 -2.73
C LEU A 31 4.14 -8.35 -1.93
N ARG A 32 5.00 -9.18 -2.58
CA ARG A 32 5.92 -10.05 -1.88
C ARG A 32 6.90 -9.25 -1.06
N SER A 33 7.48 -8.13 -1.65
CA SER A 33 8.30 -7.29 -0.83
C SER A 33 7.59 -6.70 0.35
N LEU A 34 6.31 -6.27 0.17
CA LEU A 34 5.49 -5.79 1.24
C LEU A 34 5.18 -6.73 2.34
N ILE A 35 5.04 -8.04 2.02
CA ILE A 35 4.82 -9.03 3.04
C ILE A 35 5.96 -8.97 3.98
N ARG A 36 7.17 -8.97 3.40
CA ARG A 36 8.44 -8.91 4.06
C ARG A 36 8.51 -7.80 5.06
N PHE A 37 8.15 -6.55 4.67
CA PHE A 37 8.07 -5.39 5.55
C PHE A 37 7.21 -5.58 6.74
N LEU A 38 5.98 -6.04 6.51
CA LEU A 38 5.06 -6.29 7.57
C LEU A 38 5.50 -7.34 8.57
N GLU A 39 6.07 -8.47 8.06
CA GLU A 39 6.38 -9.66 8.82
C GLU A 39 7.70 -9.54 9.52
N GLU A 40 8.51 -8.52 9.13
CA GLU A 40 9.67 -8.09 9.87
C GLU A 40 9.24 -7.36 11.12
N GLY A 41 7.94 -7.02 11.20
CA GLY A 41 7.32 -6.40 12.32
C GLY A 41 7.49 -4.96 12.15
N ASP A 42 6.94 -4.44 11.04
CA ASP A 42 6.92 -3.03 10.87
C ASP A 42 5.56 -2.79 10.39
N LYS A 43 5.26 -1.49 10.24
CA LYS A 43 4.12 -1.10 9.51
C LYS A 43 4.70 -1.01 8.17
N ALA A 44 3.88 -1.29 7.18
CA ALA A 44 4.33 -1.07 5.86
C ALA A 44 3.45 -0.06 5.29
N LYS A 45 3.99 1.10 4.97
CA LYS A 45 3.18 2.22 4.59
C LYS A 45 3.22 2.30 3.10
N ILE A 46 2.05 2.11 2.48
CA ILE A 46 1.96 2.13 1.06
C ILE A 46 1.82 3.54 0.64
N THR A 47 2.62 3.96 -0.34
CA THR A 47 2.49 5.27 -0.88
C THR A 47 2.17 5.07 -2.32
N LEU A 48 1.09 5.74 -2.77
CA LEU A 48 0.80 5.85 -4.18
C LEU A 48 1.66 6.93 -4.68
N ARG A 49 1.99 6.92 -5.97
CA ARG A 49 2.77 7.92 -6.56
C ARG A 49 2.15 7.98 -7.89
N PHE A 50 1.17 8.87 -7.93
CA PHE A 50 0.27 9.02 -9.04
C PHE A 50 0.95 9.71 -10.18
N ARG A 51 0.47 9.43 -11.41
CA ARG A 51 0.89 10.17 -12.56
C ARG A 51 -0.29 10.88 -13.13
N GLY A 52 -1.31 11.03 -12.27
CA GLY A 52 -2.50 11.78 -12.58
C GLY A 52 -2.35 13.15 -12.05
N ARG A 53 -1.49 13.20 -11.02
CA ARG A 53 -0.98 14.36 -10.31
C ARG A 53 -2.01 15.21 -9.60
N GLU A 54 -1.48 16.28 -8.94
CA GLU A 54 -2.04 17.22 -7.99
C GLU A 54 -3.45 16.98 -7.54
N MET A 55 -3.58 16.35 -6.34
CA MET A 55 -4.80 15.85 -5.74
C MET A 55 -5.43 14.91 -6.71
N ALA A 56 -4.80 13.73 -6.80
CA ALA A 56 -5.00 12.78 -7.85
C ALA A 56 -6.22 11.89 -7.70
N HIS A 57 -6.01 10.65 -8.13
CA HIS A 57 -6.97 9.62 -8.36
C HIS A 57 -7.29 8.78 -7.18
N GLN A 58 -8.51 8.17 -7.22
CA GLN A 58 -8.89 7.15 -6.30
C GLN A 58 -9.19 5.95 -7.13
N GLN A 59 -8.88 6.08 -8.44
CA GLN A 59 -8.97 5.02 -9.39
C GLN A 59 -7.64 4.35 -9.36
N ILE A 60 -6.62 5.20 -9.62
CA ILE A 60 -5.23 4.88 -9.61
C ILE A 60 -4.81 4.38 -8.28
N GLY A 61 -5.30 5.05 -7.23
CA GLY A 61 -5.00 4.68 -5.90
C GLY A 61 -5.63 3.41 -5.53
N MET A 62 -6.97 3.43 -5.41
CA MET A 62 -7.68 2.39 -4.73
C MET A 62 -8.25 1.34 -5.65
N GLU A 63 -7.69 1.14 -6.86
CA GLU A 63 -7.48 -0.24 -7.23
C GLU A 63 -6.39 -0.87 -6.52
N VAL A 64 -5.23 -0.21 -6.63
CA VAL A 64 -3.96 -0.76 -6.33
C VAL A 64 -3.91 -1.05 -4.92
N LEU A 65 -3.93 -0.01 -4.09
CA LEU A 65 -3.93 -0.02 -2.65
C LEU A 65 -4.81 -1.04 -2.07
N ASN A 66 -6.07 -0.96 -2.49
CA ASN A 66 -7.14 -1.85 -2.15
C ASN A 66 -6.85 -3.28 -2.42
N ARG A 67 -6.27 -3.61 -3.60
CA ARG A 67 -5.97 -4.97 -3.92
C ARG A 67 -4.69 -5.41 -3.34
N VAL A 68 -3.85 -4.48 -2.82
CA VAL A 68 -2.66 -4.90 -2.22
C VAL A 68 -3.08 -5.47 -0.92
N LYS A 69 -4.00 -4.76 -0.23
CA LYS A 69 -4.54 -5.14 1.02
C LYS A 69 -5.25 -6.42 0.95
N ASP A 70 -6.22 -6.55 0.03
CA ASP A 70 -7.05 -7.67 -0.15
C ASP A 70 -6.24 -8.84 -0.50
N ASP A 71 -5.15 -8.66 -1.30
CA ASP A 71 -4.26 -9.78 -1.43
C ASP A 71 -3.40 -10.10 -0.21
N LEU A 72 -2.95 -9.09 0.56
CA LEU A 72 -2.08 -9.29 1.67
C LEU A 72 -2.74 -9.71 2.92
N GLN A 73 -4.03 -9.33 3.11
CA GLN A 73 -5.00 -9.48 4.16
C GLN A 73 -4.92 -10.65 5.06
N GLU A 74 -4.32 -11.71 4.49
CA GLU A 74 -3.83 -12.89 5.15
C GLU A 74 -3.00 -12.60 6.35
N LEU A 75 -2.02 -11.72 6.13
CA LEU A 75 -0.97 -11.38 7.03
C LEU A 75 -1.12 -9.96 7.45
N ALA A 76 -1.33 -9.08 6.47
CA ALA A 76 -1.30 -7.64 6.73
C ALA A 76 -2.59 -6.97 6.62
N VAL A 77 -2.95 -6.15 7.65
CA VAL A 77 -4.00 -5.20 7.44
C VAL A 77 -3.77 -3.78 7.78
N VAL A 78 -4.80 -2.97 7.44
CA VAL A 78 -4.73 -1.59 7.26
C VAL A 78 -4.84 -0.89 8.54
N GLU A 79 -4.41 0.38 8.49
CA GLU A 79 -4.81 1.36 9.44
C GLU A 79 -6.11 1.89 8.95
N SER A 80 -6.16 2.16 7.62
CA SER A 80 -7.27 2.84 7.05
C SER A 80 -7.21 2.75 5.57
N PHE A 81 -8.37 2.67 4.90
CA PHE A 81 -8.45 2.74 3.48
C PHE A 81 -9.01 4.08 3.21
N PRO A 82 -8.29 5.04 2.66
CA PRO A 82 -8.76 6.36 2.92
C PRO A 82 -8.74 7.00 1.57
N THR A 83 -7.93 8.07 1.45
CA THR A 83 -8.47 9.26 0.91
C THR A 83 -7.32 10.19 0.66
N LYS A 84 -6.33 10.26 1.60
CA LYS A 84 -5.51 11.44 1.72
C LYS A 84 -4.36 11.39 0.78
N ILE A 85 -4.54 12.06 -0.38
CA ILE A 85 -3.47 12.30 -1.29
C ILE A 85 -2.77 13.50 -0.76
N GLU A 86 -1.47 13.30 -0.65
CA GLU A 86 -0.49 14.22 -0.16
C GLU A 86 0.29 14.64 -1.35
N GLY A 87 -0.09 15.78 -1.98
CA GLY A 87 0.51 16.14 -3.23
C GLY A 87 -0.10 15.33 -4.30
N ARG A 88 0.81 14.70 -5.04
CA ARG A 88 0.54 13.79 -6.11
C ARG A 88 0.91 12.39 -5.70
N GLN A 89 0.52 11.98 -4.46
CA GLN A 89 0.89 10.69 -3.93
C GLN A 89 0.00 10.31 -2.77
N MET A 90 -0.57 9.07 -2.74
CA MET A 90 -1.61 8.74 -1.77
C MET A 90 -1.24 7.63 -0.85
N ILE A 91 -1.18 7.95 0.44
CA ILE A 91 -0.87 6.98 1.41
C ILE A 91 -2.12 6.23 1.80
N MET A 92 -2.04 4.88 1.71
CA MET A 92 -2.80 4.00 2.56
C MET A 92 -1.77 3.51 3.51
N VAL A 93 -2.05 3.59 4.81
CA VAL A 93 -1.09 3.10 5.75
C VAL A 93 -1.44 1.66 5.98
N LEU A 94 -0.47 0.73 6.01
CA LEU A 94 -0.78 -0.68 6.17
C LEU A 94 0.02 -0.97 7.43
N ALA A 95 -0.45 -1.88 8.30
CA ALA A 95 0.12 -2.19 9.58
C ALA A 95 0.13 -3.67 9.78
N PRO A 96 0.62 -4.19 10.90
CA PRO A 96 0.44 -5.57 11.26
C PRO A 96 -1.02 -5.85 11.46
N LYS A 97 -1.50 -7.03 10.96
CA LYS A 97 -2.78 -7.51 11.38
C LYS A 97 -2.56 -8.11 12.72
N LYS A 98 -3.56 -7.88 13.60
CA LYS A 98 -3.58 -8.34 14.96
C LYS A 98 -3.70 -9.83 15.00
N LYS A 99 -2.56 -10.50 15.27
CA LYS A 99 -2.52 -11.93 15.39
C LYS A 99 -2.98 -12.27 16.78
N GLN A 100 -4.00 -13.14 16.87
CA GLN A 100 -4.51 -13.55 18.14
C GLN A 100 -4.87 -15.03 18.01
N VAL A 10 7.16 0.53 19.58
CA VAL A 10 6.27 0.22 18.44
C VAL A 10 7.00 -0.46 17.34
N ILE A 11 6.23 -0.67 16.28
CA ILE A 11 6.58 -1.28 15.07
C ILE A 11 6.98 -0.11 14.23
N GLN A 12 7.92 -0.28 13.29
CA GLN A 12 8.50 0.89 12.68
C GLN A 12 7.83 1.15 11.40
N VAL A 13 7.97 2.38 10.85
CA VAL A 13 7.42 2.63 9.54
C VAL A 13 8.45 2.27 8.56
N LYS A 14 8.17 1.22 7.76
CA LYS A 14 8.89 1.05 6.53
C LYS A 14 7.93 1.35 5.45
N GLU A 15 8.36 1.26 4.19
CA GLU A 15 7.56 1.77 3.12
C GLU A 15 7.75 0.94 1.89
N ILE A 16 6.75 0.99 0.97
CA ILE A 16 6.84 0.45 -0.36
C ILE A 16 6.25 1.53 -1.23
N LYS A 17 6.49 1.49 -2.57
CA LYS A 17 5.66 2.25 -3.48
C LYS A 17 4.91 1.36 -4.40
N PHE A 18 3.76 1.87 -4.88
CA PHE A 18 3.01 1.35 -5.97
C PHE A 18 2.77 2.54 -6.83
N ARG A 19 3.03 2.43 -8.14
CA ARG A 19 2.87 3.50 -9.08
C ARG A 19 1.75 3.08 -9.98
N PRO A 20 1.22 3.93 -10.85
CA PRO A 20 0.37 3.51 -11.92
C PRO A 20 1.28 2.87 -12.92
N GLY A 21 0.82 1.76 -13.53
CA GLY A 21 1.60 0.99 -14.46
C GLY A 21 2.36 -0.07 -13.75
N THR A 22 2.05 -0.16 -12.45
CA THR A 22 2.45 -1.23 -11.61
C THR A 22 1.18 -1.98 -11.37
N ASP A 23 1.00 -2.97 -12.23
CA ASP A 23 -0.06 -3.90 -12.17
C ASP A 23 0.56 -5.26 -12.20
N GLU A 24 -0.29 -6.31 -12.04
CA GLU A 24 -0.12 -7.64 -11.47
C GLU A 24 1.27 -8.16 -11.45
N GLY A 25 1.83 -8.20 -12.66
CA GLY A 25 3.18 -8.37 -13.06
C GLY A 25 4.23 -8.04 -12.09
N ASP A 26 4.38 -6.73 -12.01
CA ASP A 26 5.29 -5.94 -11.27
C ASP A 26 4.84 -5.79 -9.87
N TYR A 27 3.51 -5.77 -9.75
CA TYR A 27 2.77 -5.31 -8.59
C TYR A 27 2.89 -6.28 -7.48
N GLN A 28 2.22 -7.44 -7.58
CA GLN A 28 2.25 -8.51 -6.65
C GLN A 28 3.56 -9.18 -6.33
N VAL A 29 4.58 -8.92 -7.16
CA VAL A 29 5.98 -9.17 -6.84
C VAL A 29 6.40 -8.33 -5.65
N LYS A 30 6.04 -7.04 -5.65
CA LYS A 30 6.31 -6.12 -4.58
C LYS A 30 5.24 -6.03 -3.56
N LEU A 31 4.22 -6.88 -3.73
CA LEU A 31 3.32 -7.19 -2.69
C LEU A 31 4.00 -8.24 -1.89
N ARG A 32 4.81 -9.11 -2.55
CA ARG A 32 5.71 -10.02 -1.88
C ARG A 32 6.74 -9.25 -1.09
N SER A 33 7.32 -8.15 -1.68
CA SER A 33 8.21 -7.35 -0.89
C SER A 33 7.54 -6.76 0.32
N LEU A 34 6.28 -6.28 0.20
CA LEU A 34 5.51 -5.79 1.30
C LEU A 34 5.17 -6.73 2.39
N ILE A 35 4.97 -8.03 2.06
CA ILE A 35 4.75 -9.03 3.07
C ILE A 35 5.94 -9.05 3.96
N ARG A 36 7.12 -9.06 3.33
CA ARG A 36 8.42 -9.06 3.94
C ARG A 36 8.60 -7.96 4.95
N PHE A 37 8.23 -6.70 4.59
CA PHE A 37 8.19 -5.56 5.51
C PHE A 37 7.37 -5.78 6.71
N LEU A 38 6.13 -6.25 6.49
CA LEU A 38 5.23 -6.57 7.54
C LEU A 38 5.72 -7.65 8.48
N GLU A 39 6.43 -8.68 7.92
CA GLU A 39 6.90 -9.89 8.54
C GLU A 39 8.16 -9.68 9.32
N GLU A 40 8.91 -8.59 9.01
CA GLU A 40 10.00 -8.15 9.83
C GLU A 40 9.46 -7.55 11.11
N GLY A 41 8.16 -7.23 11.11
CA GLY A 41 7.46 -6.64 12.19
C GLY A 41 7.67 -5.20 12.02
N ASP A 42 7.05 -4.65 10.96
CA ASP A 42 7.01 -3.24 10.77
C ASP A 42 5.67 -3.04 10.22
N LYS A 43 5.41 -1.77 10.02
CA LYS A 43 4.15 -1.27 9.68
C LYS A 43 4.52 -0.73 8.35
N ALA A 44 3.94 -1.33 7.30
CA ALA A 44 4.52 -1.14 6.02
C ALA A 44 3.68 -0.18 5.28
N LYS A 45 4.20 1.01 5.03
CA LYS A 45 3.38 2.11 4.64
C LYS A 45 3.41 2.23 3.16
N ILE A 46 2.24 2.16 2.53
CA ILE A 46 2.16 2.22 1.11
C ILE A 46 2.13 3.64 0.70
N THR A 47 2.95 4.01 -0.30
CA THR A 47 2.87 5.32 -0.86
C THR A 47 2.52 5.11 -2.30
N LEU A 48 1.41 5.74 -2.72
CA LEU A 48 1.12 5.87 -4.11
C LEU A 48 1.93 7.00 -4.58
N ARG A 49 2.32 6.98 -5.86
CA ARG A 49 3.10 8.01 -6.43
C ARG A 49 2.53 7.98 -7.78
N PHE A 50 1.57 8.89 -7.92
CA PHE A 50 0.73 9.00 -9.07
C PHE A 50 1.49 9.56 -10.24
N ARG A 51 1.00 9.29 -11.46
CA ARG A 51 1.60 9.81 -12.66
C ARG A 51 0.49 10.44 -13.45
N GLY A 52 -0.54 10.90 -12.71
CA GLY A 52 -1.62 11.66 -13.26
C GLY A 52 -1.73 12.88 -12.42
N ARG A 53 -0.89 12.85 -11.37
CA ARG A 53 -0.70 13.79 -10.30
C ARG A 53 -0.95 15.25 -10.55
N GLU A 54 -2.13 15.69 -10.07
CA GLU A 54 -2.30 17.05 -9.63
C GLU A 54 -2.57 16.79 -8.17
N MET A 55 -3.83 17.03 -7.72
CA MET A 55 -4.39 16.26 -6.65
C MET A 55 -4.92 15.07 -7.38
N ALA A 56 -4.31 13.89 -7.15
CA ALA A 56 -4.41 12.81 -8.09
C ALA A 56 -5.65 11.97 -8.07
N HIS A 57 -5.44 10.71 -8.47
CA HIS A 57 -6.45 9.74 -8.82
C HIS A 57 -6.78 8.80 -7.72
N GLN A 58 -8.08 8.43 -7.63
CA GLN A 58 -8.52 7.37 -6.77
C GLN A 58 -8.86 6.20 -7.63
N GLN A 59 -8.52 6.35 -8.93
CA GLN A 59 -8.60 5.30 -9.89
C GLN A 59 -7.32 4.56 -9.71
N ILE A 60 -6.23 5.32 -9.92
CA ILE A 60 -4.85 4.95 -9.82
C ILE A 60 -4.54 4.37 -8.50
N GLY A 61 -4.99 5.05 -7.43
CA GLY A 61 -4.67 4.67 -6.11
C GLY A 61 -5.43 3.48 -5.68
N MET A 62 -6.76 3.55 -5.69
CA MET A 62 -7.55 2.64 -4.93
C MET A 62 -7.98 1.42 -5.71
N GLU A 63 -7.56 1.24 -6.98
CA GLU A 63 -7.17 -0.11 -7.30
C GLU A 63 -6.17 -0.68 -6.44
N VAL A 64 -4.96 -0.15 -6.62
CA VAL A 64 -3.73 -0.72 -6.21
C VAL A 64 -3.78 -0.97 -4.79
N LEU A 65 -3.81 0.09 -3.99
CA LEU A 65 -3.91 0.14 -2.56
C LEU A 65 -4.81 -0.87 -1.96
N ASN A 66 -6.04 -0.87 -2.43
CA ASN A 66 -7.09 -1.81 -2.07
C ASN A 66 -6.87 -3.22 -2.38
N ARG A 67 -6.23 -3.53 -3.51
CA ARG A 67 -5.89 -4.87 -3.76
C ARG A 67 -4.62 -5.23 -3.04
N VAL A 68 -3.85 -4.25 -2.52
CA VAL A 68 -2.68 -4.61 -1.82
C VAL A 68 -3.12 -5.06 -0.48
N LYS A 69 -4.08 -4.33 0.18
CA LYS A 69 -4.76 -4.75 1.35
C LYS A 69 -5.34 -6.07 1.18
N ASP A 70 -6.12 -6.31 0.10
CA ASP A 70 -6.93 -7.46 -0.06
C ASP A 70 -6.08 -8.64 -0.30
N ASP A 71 -4.99 -8.50 -1.07
CA ASP A 71 -4.07 -9.61 -1.11
C ASP A 71 -3.21 -9.80 0.12
N LEU A 72 -2.86 -8.73 0.89
CA LEU A 72 -2.08 -8.82 2.08
C LEU A 72 -2.85 -9.32 3.23
N GLN A 73 -4.18 -8.99 3.30
CA GLN A 73 -5.22 -9.16 4.28
C GLN A 73 -5.17 -10.29 5.23
N GLU A 74 -4.51 -11.35 4.77
CA GLU A 74 -4.14 -12.52 5.48
C GLU A 74 -3.30 -12.21 6.69
N LEU A 75 -2.17 -11.58 6.39
CA LEU A 75 -1.07 -11.37 7.26
C LEU A 75 -1.15 -9.99 7.81
N ALA A 76 -1.27 -9.02 6.89
CA ALA A 76 -1.34 -7.62 7.22
C ALA A 76 -2.74 -7.20 7.21
N VAL A 77 -3.14 -6.23 8.07
CA VAL A 77 -3.96 -5.24 7.50
C VAL A 77 -3.50 -3.86 7.65
N VAL A 78 -4.24 -3.04 6.93
CA VAL A 78 -4.12 -1.64 6.77
C VAL A 78 -4.78 -0.96 7.91
N GLU A 79 -4.31 0.27 8.14
CA GLU A 79 -4.73 1.08 9.23
C GLU A 79 -5.99 1.73 8.82
N SER A 80 -6.00 2.19 7.56
CA SER A 80 -7.11 2.91 7.07
C SER A 80 -7.11 2.68 5.62
N PHE A 81 -8.30 2.60 5.04
CA PHE A 81 -8.43 2.73 3.63
C PHE A 81 -9.07 4.07 3.54
N PRO A 82 -8.46 5.12 3.04
CA PRO A 82 -9.16 6.33 2.95
C PRO A 82 -9.38 6.42 1.47
N THR A 83 -8.80 7.45 0.85
CA THR A 83 -9.39 8.20 -0.18
C THR A 83 -8.34 9.25 -0.38
N LYS A 84 -7.88 9.89 0.74
CA LYS A 84 -7.31 11.19 0.70
C LYS A 84 -5.86 11.16 0.37
N ILE A 85 -5.58 11.75 -0.80
CA ILE A 85 -4.28 11.91 -1.32
C ILE A 85 -3.68 13.11 -0.69
N GLU A 86 -2.37 13.02 -0.43
CA GLU A 86 -1.58 14.07 0.11
C GLU A 86 -0.77 14.61 -1.01
N GLY A 87 -1.35 15.54 -1.80
CA GLY A 87 -0.67 16.06 -2.94
C GLY A 87 -0.73 15.12 -4.09
N ARG A 88 0.47 14.89 -4.62
CA ARG A 88 0.75 14.14 -5.80
C ARG A 88 1.08 12.70 -5.56
N GLN A 89 0.60 12.14 -4.44
CA GLN A 89 1.05 10.87 -3.91
C GLN A 89 0.14 10.50 -2.77
N MET A 90 -0.39 9.24 -2.73
CA MET A 90 -1.40 8.87 -1.76
C MET A 90 -0.87 7.85 -0.82
N ILE A 91 -0.72 8.21 0.46
CA ILE A 91 -0.39 7.26 1.44
C ILE A 91 -1.66 6.55 1.86
N MET A 92 -1.61 5.21 1.74
CA MET A 92 -2.42 4.29 2.49
C MET A 92 -1.45 3.73 3.43
N VAL A 93 -1.83 3.60 4.72
CA VAL A 93 -0.85 3.09 5.63
C VAL A 93 -1.15 1.62 5.80
N LEU A 94 -0.15 0.68 5.72
CA LEU A 94 -0.51 -0.72 5.84
C LEU A 94 0.23 -1.07 7.11
N ALA A 95 -0.28 -2.01 7.93
CA ALA A 95 0.29 -2.28 9.21
C ALA A 95 0.25 -3.75 9.49
N PRO A 96 0.61 -4.24 10.68
CA PRO A 96 0.31 -5.59 11.07
C PRO A 96 -1.17 -5.71 11.29
N LYS A 97 -1.70 -6.95 11.12
CA LYS A 97 -3.06 -7.20 11.51
C LYS A 97 -3.04 -7.34 12.99
N LYS A 98 -3.70 -6.37 13.65
CA LYS A 98 -3.84 -6.32 15.07
C LYS A 98 -5.22 -6.82 15.37
N LYS A 99 -5.40 -8.16 15.36
CA LYS A 99 -6.65 -8.77 15.70
C LYS A 99 -6.77 -8.71 17.19
N GLN A 100 -7.81 -8.00 17.66
CA GLN A 100 -8.04 -7.83 19.07
C GLN A 100 -8.67 -9.11 19.58
N VAL A 10 9.77 -1.95 18.45
CA VAL A 10 8.47 -1.38 18.04
C VAL A 10 8.21 -1.65 16.61
N ILE A 11 7.11 -1.04 16.16
CA ILE A 11 6.61 -1.13 14.82
C ILE A 11 7.30 -0.08 14.03
N GLN A 12 8.07 -0.55 13.04
CA GLN A 12 8.99 0.24 12.28
C GLN A 12 8.26 0.66 11.06
N VAL A 13 8.78 1.66 10.32
CA VAL A 13 8.19 2.00 9.05
C VAL A 13 9.05 1.46 7.98
N LYS A 14 8.48 0.57 7.12
CA LYS A 14 9.03 0.48 5.79
C LYS A 14 8.07 1.18 4.88
N GLU A 15 8.47 1.37 3.62
CA GLU A 15 7.64 2.06 2.69
C GLU A 15 7.86 1.38 1.38
N ILE A 16 6.87 1.46 0.48
CA ILE A 16 7.04 0.99 -0.86
C ILE A 16 6.25 1.95 -1.70
N LYS A 17 6.45 1.96 -3.03
CA LYS A 17 5.50 2.64 -3.89
C LYS A 17 4.75 1.68 -4.72
N PHE A 18 3.52 2.09 -5.13
CA PHE A 18 2.72 1.37 -6.06
C PHE A 18 2.10 2.41 -6.92
N ARG A 19 2.70 2.63 -8.10
CA ARG A 19 2.35 3.67 -9.03
C ARG A 19 1.26 3.20 -9.96
N PRO A 20 0.68 4.05 -10.81
CA PRO A 20 -0.18 3.62 -11.87
C PRO A 20 0.71 2.95 -12.87
N GLY A 21 0.28 1.78 -13.38
CA GLY A 21 1.06 1.02 -14.31
C GLY A 21 1.95 0.08 -13.60
N THR A 22 1.64 -0.09 -12.30
CA THR A 22 2.19 -1.10 -11.48
C THR A 22 1.13 -2.10 -11.26
N ASP A 23 1.08 -3.03 -12.20
CA ASP A 23 0.29 -4.14 -12.29
C ASP A 23 1.09 -5.37 -12.10
N GLU A 24 0.43 -6.55 -12.16
CA GLU A 24 0.60 -7.71 -11.33
C GLU A 24 2.01 -8.16 -11.19
N GLY A 25 2.75 -8.12 -12.31
CA GLY A 25 4.05 -8.68 -12.36
C GLY A 25 5.16 -7.86 -11.83
N ASP A 26 4.91 -6.57 -11.69
CA ASP A 26 5.71 -5.63 -11.03
C ASP A 26 5.23 -5.52 -9.62
N TYR A 27 3.93 -5.80 -9.47
CA TYR A 27 3.15 -5.33 -8.34
C TYR A 27 3.28 -6.29 -7.23
N GLN A 28 2.65 -7.46 -7.33
CA GLN A 28 2.73 -8.57 -6.44
C GLN A 28 4.06 -9.17 -6.10
N VAL A 29 5.09 -8.83 -6.89
CA VAL A 29 6.49 -9.01 -6.54
C VAL A 29 6.84 -8.20 -5.32
N LYS A 30 6.42 -6.94 -5.30
CA LYS A 30 6.68 -6.04 -4.23
C LYS A 30 5.69 -6.02 -3.14
N LEU A 31 4.51 -6.54 -3.44
CA LEU A 31 3.62 -7.09 -2.48
C LEU A 31 4.32 -8.19 -1.71
N ARG A 32 5.16 -9.03 -2.37
CA ARG A 32 6.03 -9.95 -1.70
C ARG A 32 7.00 -9.24 -0.77
N SER A 33 7.60 -8.09 -1.24
CA SER A 33 8.45 -7.32 -0.37
C SER A 33 7.77 -6.86 0.92
N LEU A 34 6.54 -6.34 0.80
CA LEU A 34 5.70 -5.92 1.90
C LEU A 34 5.20 -7.01 2.79
N ILE A 35 5.08 -8.28 2.31
CA ILE A 35 4.75 -9.37 3.19
C ILE A 35 5.81 -9.45 4.19
N ARG A 36 7.05 -9.48 3.68
CA ARG A 36 8.26 -9.60 4.44
C ARG A 36 8.30 -8.55 5.50
N PHE A 37 7.94 -7.28 5.16
CA PHE A 37 7.95 -6.18 6.09
C PHE A 37 7.03 -6.39 7.26
N LEU A 38 5.75 -6.70 6.99
CA LEU A 38 4.70 -6.93 7.95
C LEU A 38 4.83 -8.22 8.73
N GLU A 39 5.62 -9.15 8.17
CA GLU A 39 5.99 -10.42 8.75
C GLU A 39 7.01 -10.17 9.83
N GLU A 40 7.91 -9.17 9.62
CA GLU A 40 8.79 -8.68 10.64
C GLU A 40 8.02 -8.00 11.73
N GLY A 41 6.84 -7.44 11.36
CA GLY A 41 6.04 -6.61 12.18
C GLY A 41 6.58 -5.27 12.00
N ASP A 42 6.44 -4.77 10.76
CA ASP A 42 6.71 -3.41 10.49
C ASP A 42 5.39 -3.05 9.99
N LYS A 43 5.20 -1.75 9.91
CA LYS A 43 4.07 -1.21 9.30
C LYS A 43 4.73 -0.75 8.09
N ALA A 44 4.31 -1.31 6.96
CA ALA A 44 4.78 -0.76 5.74
C ALA A 44 3.82 0.36 5.49
N LYS A 45 4.17 1.36 4.68
CA LYS A 45 3.14 2.23 4.15
C LYS A 45 3.34 2.26 2.68
N ILE A 46 2.25 2.10 1.91
CA ILE A 46 2.33 2.28 0.50
C ILE A 46 2.13 3.72 0.22
N THR A 47 3.04 4.31 -0.57
CA THR A 47 2.83 5.60 -1.11
C THR A 47 2.38 5.39 -2.52
N LEU A 48 1.23 5.99 -2.85
CA LEU A 48 0.84 6.14 -4.22
C LEU A 48 1.60 7.29 -4.71
N ARG A 49 1.88 7.30 -6.01
CA ARG A 49 2.58 8.33 -6.62
C ARG A 49 1.95 8.24 -7.91
N PHE A 50 0.95 9.11 -8.05
CA PHE A 50 0.06 9.16 -9.16
C PHE A 50 0.72 9.67 -10.39
N ARG A 51 -0.08 9.83 -11.47
CA ARG A 51 0.29 10.57 -12.65
C ARG A 51 0.65 11.94 -12.23
N GLY A 52 -0.40 12.66 -11.96
CA GLY A 52 -0.37 13.69 -10.97
C GLY A 52 -1.61 14.48 -11.03
N ARG A 53 -2.14 14.81 -9.84
CA ARG A 53 -3.05 15.92 -9.79
C ARG A 53 -2.92 16.55 -8.44
N GLU A 54 -3.66 17.66 -8.19
CA GLU A 54 -3.67 18.34 -6.93
C GLU A 54 -4.30 17.46 -5.89
N MET A 55 -5.58 17.08 -6.11
CA MET A 55 -6.13 15.93 -5.47
C MET A 55 -6.26 14.96 -6.58
N ALA A 56 -5.37 13.94 -6.62
CA ALA A 56 -5.36 12.97 -7.67
C ALA A 56 -6.56 12.06 -7.72
N HIS A 57 -6.56 11.28 -8.81
CA HIS A 57 -7.07 9.95 -8.98
C HIS A 57 -7.20 9.18 -7.71
N GLN A 58 -8.43 8.73 -7.38
CA GLN A 58 -8.63 7.81 -6.29
C GLN A 58 -8.93 6.49 -6.88
N GLN A 59 -8.81 6.42 -8.22
CA GLN A 59 -9.06 5.24 -8.99
C GLN A 59 -7.77 4.51 -9.07
N ILE A 60 -6.74 5.28 -9.47
CA ILE A 60 -5.35 4.93 -9.52
C ILE A 60 -4.87 4.40 -8.22
N GLY A 61 -5.31 5.04 -7.12
CA GLY A 61 -4.94 4.62 -5.81
C GLY A 61 -5.62 3.36 -5.45
N MET A 62 -6.96 3.38 -5.41
CA MET A 62 -7.66 2.43 -4.64
C MET A 62 -7.97 1.14 -5.34
N GLU A 63 -7.64 0.97 -6.63
CA GLU A 63 -7.39 -0.39 -7.03
C GLU A 63 -6.28 -1.02 -6.33
N VAL A 64 -5.15 -0.32 -6.39
CA VAL A 64 -3.88 -0.88 -6.11
C VAL A 64 -3.82 -1.17 -4.69
N LEU A 65 -3.88 -0.12 -3.87
CA LEU A 65 -3.86 -0.10 -2.44
C LEU A 65 -4.76 -1.08 -1.80
N ASN A 66 -6.03 -1.03 -2.20
CA ASN A 66 -7.02 -1.98 -1.76
C ASN A 66 -6.80 -3.39 -2.15
N ARG A 67 -6.16 -3.63 -3.30
CA ARG A 67 -5.81 -4.97 -3.65
C ARG A 67 -4.53 -5.38 -3.00
N VAL A 68 -3.74 -4.43 -2.44
CA VAL A 68 -2.56 -4.82 -1.78
C VAL A 68 -3.02 -5.35 -0.47
N LYS A 69 -3.95 -4.62 0.22
CA LYS A 69 -4.60 -5.02 1.42
C LYS A 69 -5.16 -6.36 1.29
N ASP A 70 -5.98 -6.59 0.25
CA ASP A 70 -6.81 -7.73 0.08
C ASP A 70 -6.00 -8.89 -0.29
N ASP A 71 -4.95 -8.69 -1.12
CA ASP A 71 -4.05 -9.82 -1.31
C ASP A 71 -3.20 -10.14 -0.12
N LEU A 72 -2.80 -9.15 0.70
CA LEU A 72 -2.00 -9.40 1.83
C LEU A 72 -2.72 -9.82 3.03
N GLN A 73 -4.02 -9.42 3.18
CA GLN A 73 -5.03 -9.52 4.21
C GLN A 73 -4.99 -10.66 5.16
N GLU A 74 -4.34 -11.71 4.70
CA GLU A 74 -3.84 -12.81 5.47
C GLU A 74 -3.03 -12.42 6.68
N LEU A 75 -2.07 -11.54 6.39
CA LEU A 75 -0.87 -11.28 7.12
C LEU A 75 -0.90 -9.83 7.53
N ALA A 76 -1.11 -8.95 6.53
CA ALA A 76 -1.07 -7.49 6.74
C ALA A 76 -2.42 -6.99 6.56
N VAL A 77 -2.81 -5.91 7.28
CA VAL A 77 -3.74 -5.04 6.65
C VAL A 77 -3.28 -3.67 6.48
N VAL A 78 -4.19 -2.87 5.92
CA VAL A 78 -4.10 -1.47 5.93
C VAL A 78 -4.74 -1.07 7.21
N GLU A 79 -4.23 0.05 7.75
CA GLU A 79 -4.65 0.63 8.97
C GLU A 79 -5.84 1.43 8.65
N SER A 80 -5.79 2.10 7.49
CA SER A 80 -6.80 3.01 7.10
C SER A 80 -6.84 3.00 5.64
N PHE A 81 -8.04 2.85 5.11
CA PHE A 81 -8.25 2.99 3.70
C PHE A 81 -8.95 4.29 3.62
N PRO A 82 -8.41 5.31 2.97
CA PRO A 82 -9.13 6.54 3.04
C PRO A 82 -9.14 6.95 1.60
N THR A 83 -8.52 8.11 1.33
CA THR A 83 -9.13 9.07 0.52
C THR A 83 -8.09 10.14 0.33
N LYS A 84 -7.38 10.53 1.42
CA LYS A 84 -6.71 11.80 1.43
C LYS A 84 -5.36 11.69 0.81
N ILE A 85 -5.30 12.19 -0.43
CA ILE A 85 -4.11 12.40 -1.17
C ILE A 85 -3.56 13.70 -0.68
N GLU A 86 -2.23 13.73 -0.58
CA GLU A 86 -1.49 14.90 -0.21
C GLU A 86 -0.61 15.19 -1.37
N GLY A 87 -1.02 16.18 -2.19
CA GLY A 87 -0.31 16.43 -3.42
C GLY A 87 -0.71 15.43 -4.44
N ARG A 88 0.28 15.06 -5.25
CA ARG A 88 0.17 14.15 -6.34
C ARG A 88 0.58 12.77 -5.94
N GLN A 89 0.21 12.35 -4.70
CA GLN A 89 0.67 11.11 -4.12
C GLN A 89 -0.14 10.78 -2.89
N MET A 90 -0.58 9.50 -2.73
CA MET A 90 -1.50 9.12 -1.66
C MET A 90 -0.95 8.03 -0.78
N ILE A 91 -0.75 8.31 0.51
CA ILE A 91 -0.36 7.28 1.42
C ILE A 91 -1.59 6.53 1.86
N MET A 92 -1.52 5.22 1.62
CA MET A 92 -2.28 4.20 2.32
C MET A 92 -1.31 3.66 3.30
N VAL A 93 -1.73 3.61 4.56
CA VAL A 93 -0.83 3.09 5.57
C VAL A 93 -1.07 1.59 5.75
N LEU A 94 -0.03 0.75 5.57
CA LEU A 94 -0.06 -0.71 5.51
C LEU A 94 0.45 -1.47 6.75
N ALA A 95 -0.27 -1.44 7.91
CA ALA A 95 0.16 -1.96 9.21
C ALA A 95 -0.18 -3.37 9.60
N PRO A 96 0.32 -3.92 10.72
CA PRO A 96 0.12 -5.32 11.03
C PRO A 96 -1.31 -5.59 11.35
N LYS A 97 -1.82 -6.74 10.86
CA LYS A 97 -3.15 -7.14 11.15
C LYS A 97 -3.14 -7.74 12.51
N LYS A 98 -4.15 -7.34 13.30
CA LYS A 98 -4.37 -7.79 14.64
C LYS A 98 -4.87 -9.20 14.54
N LYS A 99 -4.09 -10.13 15.13
CA LYS A 99 -4.39 -11.53 15.10
C LYS A 99 -5.57 -11.80 15.99
N GLN A 100 -6.51 -12.61 15.47
CA GLN A 100 -7.71 -12.95 16.17
C GLN A 100 -7.35 -13.84 17.35
N VAL A 10 7.95 -0.25 18.76
CA VAL A 10 9.09 -1.06 18.27
C VAL A 10 8.89 -1.31 16.84
N ILE A 11 7.66 -0.95 16.52
CA ILE A 11 7.02 -1.06 15.25
C ILE A 11 7.33 0.19 14.48
N GLN A 12 7.95 -0.03 13.30
CA GLN A 12 8.66 1.00 12.60
C GLN A 12 7.89 1.28 11.37
N VAL A 13 8.16 2.40 10.69
CA VAL A 13 7.72 2.51 9.32
C VAL A 13 8.83 1.98 8.51
N LYS A 14 8.54 0.92 7.73
CA LYS A 14 9.29 0.76 6.50
C LYS A 14 8.31 0.99 5.41
N GLU A 15 8.78 1.17 4.17
CA GLU A 15 7.96 1.71 3.14
C GLU A 15 8.09 0.90 1.89
N ILE A 16 7.04 0.96 1.02
CA ILE A 16 7.12 0.49 -0.33
C ILE A 16 6.42 1.60 -1.08
N LYS A 17 6.59 1.70 -2.42
CA LYS A 17 5.69 2.52 -3.19
C LYS A 17 4.84 1.64 -4.06
N PHE A 18 3.66 2.16 -4.49
CA PHE A 18 2.91 1.54 -5.53
C PHE A 18 2.69 2.62 -6.53
N ARG A 19 2.90 2.26 -7.81
CA ARG A 19 2.98 3.21 -8.87
C ARG A 19 1.70 3.17 -9.68
N PRO A 20 1.49 4.15 -10.56
CA PRO A 20 0.45 4.16 -11.55
C PRO A 20 0.51 2.99 -12.46
N GLY A 21 -0.69 2.44 -12.74
CA GLY A 21 -0.83 1.20 -13.43
C GLY A 21 -0.35 0.14 -12.51
N THR A 22 0.69 -0.53 -13.01
CA THR A 22 1.49 -1.57 -12.43
C THR A 22 0.69 -2.70 -11.90
N ASP A 23 0.72 -3.78 -12.70
CA ASP A 23 0.22 -5.05 -12.33
C ASP A 23 1.33 -5.99 -12.69
N GLU A 24 1.00 -7.17 -13.26
CA GLU A 24 0.65 -8.29 -12.44
C GLU A 24 1.83 -8.62 -11.59
N GLY A 25 2.88 -9.21 -12.21
CA GLY A 25 4.05 -9.57 -11.46
C GLY A 25 5.17 -8.60 -11.61
N ASP A 26 4.82 -7.32 -11.54
CA ASP A 26 5.69 -6.32 -11.01
C ASP A 26 5.15 -5.95 -9.67
N TYR A 27 3.81 -5.88 -9.62
CA TYR A 27 3.03 -5.36 -8.53
C TYR A 27 3.04 -6.32 -7.40
N GLN A 28 2.35 -7.47 -7.55
CA GLN A 28 2.33 -8.57 -6.66
C GLN A 28 3.62 -9.29 -6.34
N VAL A 29 4.66 -9.05 -7.15
CA VAL A 29 6.03 -9.35 -6.78
C VAL A 29 6.45 -8.52 -5.60
N LYS A 30 6.10 -7.23 -5.61
CA LYS A 30 6.37 -6.34 -4.52
C LYS A 30 5.28 -6.22 -3.52
N LEU A 31 4.26 -7.07 -3.69
CA LEU A 31 3.34 -7.36 -2.66
C LEU A 31 3.99 -8.45 -1.88
N ARG A 32 4.81 -9.31 -2.55
CA ARG A 32 5.68 -10.23 -1.88
C ARG A 32 6.71 -9.52 -1.06
N SER A 33 7.33 -8.41 -1.62
CA SER A 33 8.19 -7.58 -0.84
C SER A 33 7.51 -7.03 0.37
N LEU A 34 6.26 -6.54 0.23
CA LEU A 34 5.48 -6.04 1.32
C LEU A 34 5.08 -7.00 2.38
N ILE A 35 4.90 -8.30 2.05
CA ILE A 35 4.65 -9.30 3.04
C ILE A 35 5.81 -9.29 3.98
N ARG A 36 7.02 -9.32 3.39
CA ARG A 36 8.29 -9.32 4.08
C ARG A 36 8.40 -8.21 5.07
N PHE A 37 8.10 -6.94 4.67
CA PHE A 37 8.09 -5.78 5.56
C PHE A 37 7.20 -5.87 6.73
N LEU A 38 5.97 -6.33 6.50
CA LEU A 38 5.03 -6.54 7.52
C LEU A 38 5.44 -7.64 8.50
N GLU A 39 6.10 -8.71 7.98
CA GLU A 39 6.53 -9.91 8.68
C GLU A 39 7.76 -9.69 9.50
N GLU A 40 8.53 -8.62 9.16
CA GLU A 40 9.62 -8.14 9.98
C GLU A 40 9.07 -7.55 11.24
N GLY A 41 7.77 -7.20 11.21
CA GLY A 41 7.03 -6.64 12.30
C GLY A 41 7.32 -5.21 12.20
N ASP A 42 6.89 -4.64 11.06
CA ASP A 42 6.99 -3.23 10.93
C ASP A 42 5.68 -2.96 10.40
N LYS A 43 5.41 -1.68 10.25
CA LYS A 43 4.34 -1.30 9.43
C LYS A 43 5.07 -1.22 8.18
N ALA A 44 4.42 -1.68 7.14
CA ALA A 44 4.77 -1.21 5.87
C ALA A 44 3.96 0.06 5.74
N LYS A 45 4.31 0.99 4.85
CA LYS A 45 3.41 2.05 4.57
C LYS A 45 3.59 2.25 3.10
N ILE A 46 2.49 2.19 2.33
CA ILE A 46 2.55 2.40 0.92
C ILE A 46 2.46 3.86 0.69
N THR A 47 3.46 4.43 0.02
CA THR A 47 3.29 5.72 -0.54
C THR A 47 2.82 5.51 -1.93
N LEU A 48 1.65 6.09 -2.26
CA LEU A 48 1.26 6.21 -3.62
C LEU A 48 1.91 7.43 -4.13
N ARG A 49 2.18 7.44 -5.43
CA ARG A 49 2.92 8.46 -6.01
C ARG A 49 2.37 8.41 -7.36
N PHE A 50 1.33 9.22 -7.51
CA PHE A 50 0.57 9.26 -8.71
C PHE A 50 1.34 10.08 -9.69
N ARG A 51 1.07 9.90 -11.00
CA ARG A 51 1.34 10.94 -11.97
C ARG A 51 0.07 11.73 -12.01
N GLY A 52 -0.08 12.63 -11.01
CA GLY A 52 -1.38 12.87 -10.46
C GLY A 52 -1.88 14.24 -10.66
N ARG A 53 -2.60 14.70 -9.61
CA ARG A 53 -3.35 15.93 -9.68
C ARG A 53 -3.25 16.56 -8.33
N GLU A 54 -4.07 17.61 -8.07
CA GLU A 54 -4.15 18.29 -6.80
C GLU A 54 -4.68 17.38 -5.74
N MET A 55 -5.88 16.80 -5.97
CA MET A 55 -6.21 15.55 -5.34
C MET A 55 -6.25 14.63 -6.49
N ALA A 56 -5.30 13.66 -6.53
CA ALA A 56 -5.13 12.81 -7.66
C ALA A 56 -6.17 11.73 -7.74
N HIS A 57 -6.05 10.95 -8.82
CA HIS A 57 -6.70 9.72 -9.21
C HIS A 57 -7.75 9.13 -8.33
N GLN A 58 -7.33 8.15 -7.49
CA GLN A 58 -8.17 7.22 -6.74
C GLN A 58 -8.73 6.17 -7.66
N GLN A 59 -8.15 6.10 -8.88
CA GLN A 59 -8.40 5.09 -9.86
C GLN A 59 -7.14 4.31 -9.79
N ILE A 60 -6.04 5.08 -9.99
CA ILE A 60 -4.69 4.72 -9.76
C ILE A 60 -4.50 4.25 -8.36
N GLY A 61 -5.12 4.95 -7.41
CA GLY A 61 -4.86 4.63 -6.06
C GLY A 61 -5.53 3.41 -5.60
N MET A 62 -6.86 3.44 -5.69
CA MET A 62 -7.68 2.47 -5.03
C MET A 62 -7.94 1.23 -5.83
N GLU A 63 -7.42 1.08 -7.07
CA GLU A 63 -7.16 -0.28 -7.46
C GLU A 63 -6.08 -0.90 -6.70
N VAL A 64 -4.96 -0.18 -6.59
CA VAL A 64 -3.72 -0.74 -6.20
C VAL A 64 -3.84 -1.09 -4.80
N LEU A 65 -3.91 -0.05 -3.99
CA LEU A 65 -3.93 -0.04 -2.55
C LEU A 65 -4.92 -0.98 -1.97
N ASN A 66 -6.15 -0.90 -2.47
CA ASN A 66 -7.21 -1.80 -2.12
C ASN A 66 -6.97 -3.21 -2.44
N ARG A 67 -6.32 -3.50 -3.58
CA ARG A 67 -5.97 -4.84 -3.88
C ARG A 67 -4.72 -5.28 -3.17
N VAL A 68 -3.92 -4.35 -2.60
CA VAL A 68 -2.76 -4.76 -1.92
C VAL A 68 -3.23 -5.31 -0.64
N LYS A 69 -4.10 -4.57 0.12
CA LYS A 69 -4.77 -5.00 1.29
C LYS A 69 -5.50 -6.27 1.10
N ASP A 70 -6.25 -6.43 0.00
CA ASP A 70 -7.11 -7.52 -0.23
C ASP A 70 -6.33 -8.73 -0.55
N ASP A 71 -5.21 -8.59 -1.30
CA ASP A 71 -4.35 -9.74 -1.40
C ASP A 71 -3.56 -10.06 -0.15
N LEU A 72 -3.03 -9.07 0.58
CA LEU A 72 -2.23 -9.27 1.73
C LEU A 72 -2.95 -9.58 2.96
N GLN A 73 -4.27 -9.24 3.03
CA GLN A 73 -5.32 -9.44 4.01
C GLN A 73 -5.26 -10.60 4.93
N GLU A 74 -4.52 -11.61 4.47
CA GLU A 74 -4.03 -12.73 5.23
C GLU A 74 -3.29 -12.33 6.46
N LEU A 75 -2.27 -11.51 6.24
CA LEU A 75 -1.18 -11.24 7.12
C LEU A 75 -1.21 -9.80 7.52
N ALA A 76 -1.37 -8.93 6.51
CA ALA A 76 -1.41 -7.49 6.72
C ALA A 76 -2.77 -7.01 6.47
N VAL A 77 -3.20 -6.02 7.27
CA VAL A 77 -3.97 -5.02 6.67
C VAL A 77 -3.45 -3.65 6.75
N VAL A 78 -4.15 -2.80 6.01
CA VAL A 78 -3.97 -1.41 6.02
C VAL A 78 -4.73 -0.95 7.21
N GLU A 79 -4.25 0.17 7.75
CA GLU A 79 -4.74 0.79 8.93
C GLU A 79 -5.93 1.58 8.54
N SER A 80 -5.84 2.21 7.35
CA SER A 80 -6.91 3.03 6.86
C SER A 80 -7.37 2.40 5.59
N PHE A 81 -8.32 3.02 4.89
CA PHE A 81 -8.19 3.06 3.48
C PHE A 81 -8.42 4.52 3.20
N PRO A 82 -7.40 5.35 2.94
CA PRO A 82 -7.40 6.73 3.36
C PRO A 82 -8.29 7.58 2.53
N THR A 83 -8.30 7.31 1.20
CA THR A 83 -8.68 8.01 0.02
C THR A 83 -9.00 9.48 0.13
N LYS A 84 -8.05 10.13 0.80
CA LYS A 84 -7.83 11.55 0.85
C LYS A 84 -6.43 11.73 0.39
N ILE A 85 -6.26 12.08 -0.91
CA ILE A 85 -4.97 12.25 -1.53
C ILE A 85 -4.45 13.56 -1.06
N GLU A 86 -3.14 13.56 -0.78
CA GLU A 86 -2.41 14.65 -0.23
C GLU A 86 -1.47 15.13 -1.28
N GLY A 87 -1.94 16.04 -2.18
CA GLY A 87 -1.11 16.48 -3.27
C GLY A 87 -1.17 15.49 -4.38
N ARG A 88 0.00 15.28 -4.98
CA ARG A 88 0.21 14.45 -6.13
C ARG A 88 0.60 13.05 -5.73
N GLN A 89 0.15 12.61 -4.54
CA GLN A 89 0.66 11.41 -3.91
C GLN A 89 -0.25 11.12 -2.76
N MET A 90 -0.35 9.83 -2.32
CA MET A 90 -1.21 9.52 -1.21
C MET A 90 -0.64 8.42 -0.38
N ILE A 91 -0.39 8.66 0.91
CA ILE A 91 0.01 7.63 1.78
C ILE A 91 -1.20 6.85 2.19
N MET A 92 -1.08 5.53 1.99
CA MET A 92 -1.86 4.49 2.60
C MET A 92 -0.96 3.87 3.61
N VAL A 93 -1.46 3.61 4.83
CA VAL A 93 -0.56 3.09 5.84
C VAL A 93 -0.82 1.61 6.03
N LEU A 94 0.21 0.76 5.93
CA LEU A 94 0.11 -0.69 5.85
C LEU A 94 0.60 -1.49 7.04
N ALA A 95 -0.22 -1.62 8.10
CA ALA A 95 0.21 -2.17 9.36
C ALA A 95 0.14 -3.66 9.47
N PRO A 96 0.62 -4.24 10.57
CA PRO A 96 0.24 -5.58 10.97
C PRO A 96 -1.22 -5.58 11.28
N LYS A 97 -1.92 -6.68 10.91
CA LYS A 97 -3.33 -6.74 11.12
C LYS A 97 -3.63 -7.03 12.56
N LYS A 98 -4.83 -6.58 13.00
CA LYS A 98 -5.39 -6.92 14.27
C LYS A 98 -5.74 -8.36 14.22
N LYS A 99 -5.05 -9.17 15.06
CA LYS A 99 -5.27 -10.57 15.16
C LYS A 99 -6.53 -10.78 15.94
N GLN A 100 -7.61 -11.17 15.22
CA GLN A 100 -8.90 -11.33 15.83
C GLN A 100 -8.95 -12.73 16.44
N VAL A 10 5.95 -0.17 18.67
CA VAL A 10 6.98 -1.23 18.74
C VAL A 10 7.28 -1.66 17.36
N ILE A 11 6.35 -1.16 16.56
CA ILE A 11 6.22 -1.31 15.15
C ILE A 11 6.95 -0.19 14.47
N GLN A 12 7.80 -0.53 13.47
CA GLN A 12 8.61 0.44 12.79
C GLN A 12 7.83 0.94 11.63
N VAL A 13 8.22 2.09 11.04
CA VAL A 13 7.80 2.42 9.71
C VAL A 13 8.89 1.99 8.82
N LYS A 14 8.58 1.00 7.95
CA LYS A 14 9.29 0.91 6.69
C LYS A 14 8.33 1.33 5.64
N GLU A 15 8.80 1.41 4.38
CA GLU A 15 8.00 1.95 3.32
C GLU A 15 8.11 1.07 2.12
N ILE A 16 7.07 1.10 1.25
CA ILE A 16 7.13 0.60 -0.09
C ILE A 16 6.48 1.70 -0.88
N LYS A 17 6.67 1.74 -2.22
CA LYS A 17 5.76 2.51 -3.05
C LYS A 17 4.97 1.57 -3.90
N PHE A 18 3.82 2.04 -4.41
CA PHE A 18 3.13 1.35 -5.45
C PHE A 18 2.86 2.35 -6.51
N ARG A 19 2.83 1.85 -7.75
CA ARG A 19 2.75 2.68 -8.90
C ARG A 19 1.32 2.89 -9.31
N PRO A 20 1.04 3.96 -10.05
CA PRO A 20 -0.20 4.21 -10.73
C PRO A 20 -0.36 3.19 -11.82
N GLY A 21 -1.51 2.46 -11.78
CA GLY A 21 -1.96 1.36 -12.61
C GLY A 21 -0.88 0.57 -13.25
N THR A 22 -0.61 -0.54 -12.58
CA THR A 22 0.55 -1.35 -12.76
C THR A 22 0.15 -2.60 -12.11
N ASP A 23 0.12 -3.68 -12.90
CA ASP A 23 -0.02 -5.00 -12.41
C ASP A 23 1.22 -5.77 -12.77
N GLU A 24 1.07 -6.97 -13.38
CA GLU A 24 0.96 -8.19 -12.63
C GLU A 24 2.19 -8.33 -11.79
N GLY A 25 3.30 -8.81 -12.38
CA GLY A 25 4.48 -9.06 -11.61
C GLY A 25 5.49 -7.99 -11.75
N ASP A 26 5.00 -6.75 -11.69
CA ASP A 26 5.76 -5.65 -11.21
C ASP A 26 5.24 -5.34 -9.85
N TYR A 27 3.90 -5.41 -9.76
CA TYR A 27 3.10 -5.00 -8.63
C TYR A 27 3.25 -6.01 -7.56
N GLN A 28 2.65 -7.20 -7.71
CA GLN A 28 2.70 -8.30 -6.81
C GLN A 28 4.01 -8.93 -6.43
N VAL A 29 5.07 -8.57 -7.16
CA VAL A 29 6.45 -8.76 -6.74
C VAL A 29 6.74 -7.93 -5.52
N LYS A 30 6.23 -6.69 -5.48
CA LYS A 30 6.37 -5.81 -4.34
C LYS A 30 5.24 -5.86 -3.38
N LEU A 31 4.24 -6.71 -3.69
CA LEU A 31 3.31 -7.15 -2.72
C LEU A 31 4.02 -8.17 -1.92
N ARG A 32 4.90 -8.96 -2.60
CA ARG A 32 5.81 -9.89 -1.99
C ARG A 32 6.76 -9.18 -1.07
N SER A 33 7.33 -8.01 -1.50
CA SER A 33 8.14 -7.26 -0.59
C SER A 33 7.40 -6.82 0.64
N LEU A 34 6.14 -6.35 0.49
CA LEU A 34 5.31 -5.97 1.60
C LEU A 34 4.95 -7.03 2.58
N ILE A 35 4.79 -8.30 2.11
CA ILE A 35 4.58 -9.42 2.98
C ILE A 35 5.70 -9.46 3.95
N ARG A 36 6.91 -9.40 3.39
CA ARG A 36 8.18 -9.41 4.08
C ARG A 36 8.25 -8.37 5.17
N PHE A 37 7.82 -7.11 4.91
CA PHE A 37 7.79 -6.05 5.90
C PHE A 37 6.96 -6.37 7.12
N LEU A 38 5.70 -6.79 6.91
CA LEU A 38 4.78 -7.13 7.98
C LEU A 38 5.09 -8.42 8.69
N GLU A 39 5.89 -9.30 8.05
CA GLU A 39 6.42 -10.52 8.60
C GLU A 39 7.50 -10.21 9.58
N GLU A 40 8.30 -9.15 9.32
CA GLU A 40 9.23 -8.62 10.29
C GLU A 40 8.49 -8.00 11.44
N GLY A 41 7.25 -7.51 11.15
CA GLY A 41 6.43 -6.81 12.07
C GLY A 41 6.85 -5.41 12.00
N ASP A 42 6.70 -4.83 10.80
CA ASP A 42 6.88 -3.44 10.63
C ASP A 42 5.56 -3.12 10.09
N LYS A 43 5.32 -1.82 9.99
CA LYS A 43 4.18 -1.33 9.33
C LYS A 43 4.85 -0.86 8.12
N ALA A 44 4.43 -1.36 6.95
CA ALA A 44 4.92 -0.69 5.79
C ALA A 44 3.99 0.47 5.63
N LYS A 45 4.41 1.55 4.99
CA LYS A 45 3.46 2.53 4.54
C LYS A 45 3.58 2.49 3.07
N ILE A 46 2.44 2.32 2.39
CA ILE A 46 2.43 2.35 0.97
C ILE A 46 2.27 3.77 0.56
N THR A 47 3.29 4.32 -0.11
CA THR A 47 3.14 5.64 -0.65
C THR A 47 2.78 5.39 -2.09
N LEU A 48 1.60 5.86 -2.50
CA LEU A 48 1.23 5.93 -3.88
C LEU A 48 1.88 7.15 -4.37
N ARG A 49 2.33 7.15 -5.62
CA ARG A 49 3.10 8.22 -6.09
C ARG A 49 2.68 8.12 -7.49
N PHE A 50 1.59 8.84 -7.71
CA PHE A 50 0.95 8.91 -8.96
C PHE A 50 1.86 9.82 -9.72
N ARG A 51 2.53 9.30 -10.75
CA ARG A 51 3.49 10.09 -11.50
C ARG A 51 2.68 10.97 -12.35
N GLY A 52 1.97 10.23 -13.17
CA GLY A 52 0.70 10.62 -13.64
C GLY A 52 0.34 9.58 -14.60
N ARG A 53 -0.76 8.88 -14.28
CA ARG A 53 -1.32 7.99 -15.26
C ARG A 53 -2.21 8.81 -16.09
N GLU A 54 -3.22 9.28 -15.38
CA GLU A 54 -4.15 10.29 -15.78
C GLU A 54 -4.02 11.39 -14.78
N MET A 55 -2.83 11.51 -14.15
CA MET A 55 -2.56 12.18 -12.89
C MET A 55 -3.02 11.28 -11.79
N ALA A 56 -3.00 11.77 -10.53
CA ALA A 56 -3.47 11.05 -9.39
C ALA A 56 -4.95 10.90 -9.31
N HIS A 57 -5.43 9.64 -9.42
CA HIS A 57 -6.81 9.35 -9.18
C HIS A 57 -6.91 8.36 -8.08
N GLN A 58 -8.16 8.14 -7.61
CA GLN A 58 -8.49 7.09 -6.69
C GLN A 58 -9.02 5.91 -7.45
N GLN A 59 -8.68 5.86 -8.76
CA GLN A 59 -8.84 4.73 -9.61
C GLN A 59 -7.50 4.11 -9.64
N ILE A 60 -6.52 5.01 -9.85
CA ILE A 60 -5.14 4.81 -10.05
C ILE A 60 -4.58 4.29 -8.77
N GLY A 61 -5.10 4.85 -7.68
CA GLY A 61 -4.69 4.50 -6.37
C GLY A 61 -5.33 3.27 -5.85
N MET A 62 -6.66 3.28 -5.80
CA MET A 62 -7.43 2.34 -5.04
C MET A 62 -7.79 1.10 -5.81
N GLU A 63 -7.37 0.94 -7.08
CA GLU A 63 -6.95 -0.39 -7.42
C GLU A 63 -5.90 -0.93 -6.57
N VAL A 64 -4.73 -0.31 -6.69
CA VAL A 64 -3.48 -0.87 -6.32
C VAL A 64 -3.52 -1.19 -4.92
N LEU A 65 -3.59 -0.14 -4.11
CA LEU A 65 -3.64 -0.12 -2.69
C LEU A 65 -4.58 -1.08 -2.07
N ASN A 66 -5.83 -1.00 -2.48
CA ASN A 66 -6.88 -1.92 -2.09
C ASN A 66 -6.73 -3.33 -2.48
N ARG A 67 -6.07 -3.61 -3.62
CA ARG A 67 -5.81 -4.98 -3.91
C ARG A 67 -4.59 -5.41 -3.16
N VAL A 68 -3.75 -4.49 -2.66
CA VAL A 68 -2.62 -4.91 -1.93
C VAL A 68 -3.13 -5.40 -0.64
N LYS A 69 -4.04 -4.64 0.04
CA LYS A 69 -4.75 -5.04 1.22
C LYS A 69 -5.37 -6.35 1.07
N ASP A 70 -6.15 -6.57 -0.01
CA ASP A 70 -6.99 -7.67 -0.21
C ASP A 70 -6.17 -8.87 -0.45
N ASP A 71 -5.08 -8.74 -1.24
CA ASP A 71 -4.22 -9.89 -1.34
C ASP A 71 -3.36 -10.17 -0.13
N LEU A 72 -2.91 -9.13 0.62
CA LEU A 72 -2.07 -9.32 1.76
C LEU A 72 -2.77 -9.68 2.99
N GLN A 73 -4.07 -9.29 3.12
CA GLN A 73 -5.07 -9.40 4.16
C GLN A 73 -4.98 -10.51 5.13
N GLU A 74 -4.40 -11.60 4.64
CA GLU A 74 -3.95 -12.78 5.33
C GLU A 74 -3.10 -12.49 6.52
N LEU A 75 -2.09 -11.64 6.27
CA LEU A 75 -0.96 -11.41 7.10
C LEU A 75 -0.94 -9.98 7.55
N ALA A 76 -1.07 -9.08 6.56
CA ALA A 76 -1.02 -7.64 6.79
C ALA A 76 -2.38 -7.18 6.65
N VAL A 77 -2.78 -6.15 7.41
CA VAL A 77 -3.65 -5.24 6.75
C VAL A 77 -3.12 -3.89 6.65
N VAL A 78 -4.01 -3.06 6.13
CA VAL A 78 -3.94 -1.66 6.10
C VAL A 78 -4.54 -1.20 7.36
N GLU A 79 -4.06 -0.04 7.82
CA GLU A 79 -4.49 0.60 8.99
C GLU A 79 -5.73 1.32 8.63
N SER A 80 -5.70 1.91 7.42
CA SER A 80 -6.73 2.79 7.01
C SER A 80 -6.66 2.89 5.54
N PHE A 81 -7.83 2.93 4.91
CA PHE A 81 -7.96 3.25 3.53
C PHE A 81 -8.42 4.68 3.57
N PRO A 82 -7.55 5.68 3.58
CA PRO A 82 -7.81 6.78 4.43
C PRO A 82 -8.36 7.90 3.59
N THR A 83 -7.50 8.82 3.12
CA THR A 83 -7.86 10.17 3.18
C THR A 83 -8.27 10.63 1.80
N LYS A 84 -7.37 11.37 1.15
CA LYS A 84 -7.57 12.00 -0.10
C LYS A 84 -6.16 12.12 -0.56
N ILE A 85 -5.94 12.22 -1.88
CA ILE A 85 -4.67 12.49 -2.42
C ILE A 85 -4.33 13.93 -2.16
N GLU A 86 -3.10 14.13 -1.70
CA GLU A 86 -2.53 15.44 -1.48
C GLU A 86 -1.54 15.64 -2.57
N GLY A 87 -1.87 16.53 -3.52
CA GLY A 87 -1.08 16.65 -4.70
C GLY A 87 -1.38 15.50 -5.58
N ARG A 88 -0.28 15.00 -6.17
CA ARG A 88 -0.27 13.83 -6.99
C ARG A 88 0.54 12.80 -6.27
N GLN A 89 0.10 12.44 -5.05
CA GLN A 89 0.75 11.42 -4.25
C GLN A 89 -0.13 11.17 -3.03
N MET A 90 -0.43 9.89 -2.70
CA MET A 90 -1.27 9.54 -1.57
C MET A 90 -0.42 8.66 -0.72
N ILE A 91 -0.74 8.43 0.58
CA ILE A 91 -0.23 7.28 1.25
C ILE A 91 -1.47 6.54 1.71
N MET A 92 -1.34 5.21 1.83
CA MET A 92 -2.20 4.32 2.56
C MET A 92 -1.29 3.68 3.54
N VAL A 93 -1.67 3.68 4.82
CA VAL A 93 -0.79 3.15 5.83
C VAL A 93 -1.07 1.64 5.97
N LEU A 94 -0.04 0.77 6.10
CA LEU A 94 -0.02 -0.69 6.20
C LEU A 94 0.54 -1.39 7.44
N ALA A 95 -0.28 -1.68 8.47
CA ALA A 95 0.14 -2.29 9.73
C ALA A 95 -0.19 -3.73 9.94
N PRO A 96 0.41 -4.43 10.91
CA PRO A 96 0.25 -5.86 11.02
C PRO A 96 -1.13 -6.14 11.51
N LYS A 97 -1.73 -7.22 10.94
CA LYS A 97 -3.10 -7.53 11.19
C LYS A 97 -3.18 -8.17 12.53
N LYS A 98 -4.16 -7.66 13.32
CA LYS A 98 -4.37 -8.03 14.69
C LYS A 98 -4.90 -9.41 14.77
N LYS A 99 -4.05 -10.32 15.31
CA LYS A 99 -4.50 -11.62 15.73
C LYS A 99 -5.16 -11.43 17.05
N GLN A 100 -6.48 -11.64 17.09
CA GLN A 100 -7.23 -11.40 18.29
C GLN A 100 -7.02 -12.62 19.19
N VAL A 10 9.23 -0.84 18.36
CA VAL A 10 9.84 -2.15 18.02
C VAL A 10 9.36 -2.51 16.68
N ILE A 11 8.38 -1.70 16.34
CA ILE A 11 7.70 -1.66 15.09
C ILE A 11 8.33 -0.60 14.27
N GLN A 12 8.89 -1.00 13.10
CA GLN A 12 9.59 -0.09 12.25
C GLN A 12 8.61 0.41 11.27
N VAL A 13 8.98 1.44 10.50
CA VAL A 13 8.26 1.72 9.29
C VAL A 13 9.11 1.18 8.19
N LYS A 14 8.63 0.15 7.43
CA LYS A 14 9.21 -0.02 6.13
C LYS A 14 8.23 0.60 5.20
N GLU A 15 8.59 0.73 3.92
CA GLU A 15 7.79 1.45 3.01
C GLU A 15 7.94 0.80 1.67
N ILE A 16 6.87 0.85 0.87
CA ILE A 16 6.85 0.35 -0.47
C ILE A 16 6.24 1.47 -1.26
N LYS A 17 6.42 1.50 -2.60
CA LYS A 17 5.57 2.33 -3.42
C LYS A 17 4.86 1.51 -4.44
N PHE A 18 3.69 2.03 -4.87
CA PHE A 18 2.95 1.51 -5.97
C PHE A 18 2.67 2.70 -6.84
N ARG A 19 2.69 2.49 -8.17
CA ARG A 19 2.34 3.50 -9.12
C ARG A 19 1.20 2.92 -9.91
N PRO A 20 0.48 3.69 -10.70
CA PRO A 20 -0.50 3.18 -11.62
C PRO A 20 0.24 2.54 -12.74
N GLY A 21 -0.30 1.41 -13.25
CA GLY A 21 0.26 0.71 -14.38
C GLY A 21 1.33 -0.22 -13.93
N THR A 22 1.40 -0.37 -12.61
CA THR A 22 2.24 -1.28 -11.94
C THR A 22 1.37 -2.39 -11.55
N ASP A 23 1.40 -3.38 -12.42
CA ASP A 23 0.85 -4.67 -12.26
C ASP A 23 1.95 -5.61 -12.62
N GLU A 24 1.61 -6.78 -13.21
CA GLU A 24 1.24 -7.92 -12.43
C GLU A 24 2.39 -8.30 -11.56
N GLY A 25 3.48 -8.82 -12.16
CA GLY A 25 4.61 -9.26 -11.39
C GLY A 25 5.75 -8.30 -11.46
N ASP A 26 5.40 -7.02 -11.42
CA ASP A 26 6.24 -6.01 -10.85
C ASP A 26 5.65 -5.69 -9.51
N TYR A 27 4.30 -5.66 -9.50
CA TYR A 27 3.46 -5.23 -8.42
C TYR A 27 3.52 -6.19 -7.30
N GLN A 28 2.86 -7.35 -7.43
CA GLN A 28 2.86 -8.42 -6.50
C GLN A 28 4.16 -9.11 -6.13
N VAL A 29 5.21 -8.82 -6.91
CA VAL A 29 6.58 -9.08 -6.50
C VAL A 29 6.94 -8.23 -5.30
N LYS A 30 6.56 -6.95 -5.33
CA LYS A 30 6.78 -6.03 -4.25
C LYS A 30 5.69 -5.94 -3.28
N LEU A 31 4.62 -6.71 -3.53
CA LEU A 31 3.67 -7.04 -2.54
C LEU A 31 4.30 -8.12 -1.75
N ARG A 32 5.16 -8.97 -2.39
CA ARG A 32 5.99 -9.91 -1.71
C ARG A 32 6.99 -9.21 -0.81
N SER A 33 7.63 -8.09 -1.30
CA SER A 33 8.51 -7.37 -0.43
C SER A 33 7.83 -6.81 0.78
N LEU A 34 6.62 -6.26 0.62
CA LEU A 34 5.81 -5.71 1.62
C LEU A 34 5.25 -6.75 2.59
N ILE A 35 5.05 -8.05 2.20
CA ILE A 35 4.71 -9.09 3.15
C ILE A 35 5.78 -9.22 4.15
N ARG A 36 7.03 -9.32 3.62
CA ARG A 36 8.26 -9.51 4.33
C ARG A 36 8.35 -8.48 5.42
N PHE A 37 8.12 -7.20 5.05
CA PHE A 37 8.14 -6.06 5.93
C PHE A 37 7.20 -6.23 7.07
N LEU A 38 5.92 -6.52 6.74
CA LEU A 38 4.89 -6.74 7.70
C LEU A 38 5.12 -7.85 8.68
N GLU A 39 5.70 -8.99 8.20
CA GLU A 39 5.84 -10.22 8.92
C GLU A 39 7.07 -10.25 9.76
N GLU A 40 8.00 -9.29 9.52
CA GLU A 40 9.03 -8.94 10.46
C GLU A 40 8.42 -8.32 11.69
N GLY A 41 7.22 -7.74 11.52
CA GLY A 41 6.50 -7.02 12.52
C GLY A 41 6.93 -5.63 12.31
N ASP A 42 6.66 -5.12 11.10
CA ASP A 42 6.86 -3.74 10.85
C ASP A 42 5.56 -3.31 10.35
N LYS A 43 5.42 -2.00 10.36
CA LYS A 43 4.28 -1.31 9.93
C LYS A 43 4.74 -0.85 8.61
N ALA A 44 4.01 -1.27 7.57
CA ALA A 44 4.54 -1.13 6.26
C ALA A 44 3.76 -0.12 5.52
N LYS A 45 4.40 0.98 5.14
CA LYS A 45 3.68 2.12 4.67
C LYS A 45 3.67 2.15 3.18
N ILE A 46 2.48 2.12 2.56
CA ILE A 46 2.37 2.25 1.16
C ILE A 46 2.36 3.72 0.84
N THR A 47 3.14 4.11 -0.18
CA THR A 47 3.00 5.41 -0.76
C THR A 47 2.59 5.15 -2.16
N LEU A 48 1.36 5.58 -2.46
CA LEU A 48 0.90 5.65 -3.81
C LEU A 48 1.42 6.93 -4.36
N ARG A 49 1.71 6.97 -5.67
CA ARG A 49 2.32 8.08 -6.30
C ARG A 49 1.73 7.90 -7.63
N PHE A 50 0.76 8.78 -7.88
CA PHE A 50 -0.08 8.85 -9.04
C PHE A 50 0.71 9.41 -10.18
N ARG A 51 1.20 8.49 -11.01
CA ARG A 51 1.99 8.77 -12.17
C ARG A 51 1.20 8.51 -13.40
N GLY A 52 -0.13 8.69 -13.28
CA GLY A 52 -1.00 8.87 -14.40
C GLY A 52 -0.83 10.30 -14.70
N ARG A 53 -0.90 11.02 -13.58
CA ARG A 53 -0.57 12.40 -13.33
C ARG A 53 -1.33 13.32 -14.23
N GLU A 54 -2.64 13.03 -14.39
CA GLU A 54 -3.57 14.02 -14.84
C GLU A 54 -3.89 14.75 -13.58
N MET A 55 -4.47 14.00 -12.61
CA MET A 55 -4.78 14.51 -11.32
C MET A 55 -4.08 13.67 -10.29
N ALA A 56 -4.83 12.71 -9.71
CA ALA A 56 -4.54 11.96 -8.55
C ALA A 56 -5.86 11.32 -8.36
N HIS A 57 -5.96 10.01 -8.63
CA HIS A 57 -7.23 9.40 -8.90
C HIS A 57 -7.75 8.48 -7.84
N GLN A 58 -9.08 8.21 -7.91
CA GLN A 58 -9.72 7.20 -7.11
C GLN A 58 -9.74 5.92 -7.86
N GLN A 59 -9.41 6.02 -9.15
CA GLN A 59 -9.25 4.93 -10.06
C GLN A 59 -7.93 4.33 -9.75
N ILE A 60 -6.90 5.20 -9.86
CA ILE A 60 -5.52 4.92 -9.66
C ILE A 60 -5.26 4.33 -8.34
N GLY A 61 -5.80 4.96 -7.28
CA GLY A 61 -5.46 4.54 -5.97
C GLY A 61 -6.13 3.32 -5.54
N MET A 62 -7.45 3.34 -5.56
CA MET A 62 -8.21 2.31 -4.90
C MET A 62 -8.40 1.09 -5.75
N GLU A 63 -7.89 1.02 -7.02
CA GLU A 63 -7.40 -0.27 -7.40
C GLU A 63 -6.26 -0.75 -6.63
N VAL A 64 -5.11 -0.10 -6.84
CA VAL A 64 -3.82 -0.58 -6.51
C VAL A 64 -3.71 -0.84 -5.07
N LEU A 65 -3.77 0.23 -4.29
CA LEU A 65 -3.73 0.28 -2.85
C LEU A 65 -4.62 -0.70 -2.18
N ASN A 66 -5.90 -0.65 -2.54
CA ASN A 66 -6.89 -1.63 -2.12
C ASN A 66 -6.70 -3.04 -2.51
N ARG A 67 -6.04 -3.28 -3.65
CA ARG A 67 -5.70 -4.61 -4.01
C ARG A 67 -4.44 -5.02 -3.34
N VAL A 68 -3.66 -4.07 -2.77
CA VAL A 68 -2.53 -4.44 -2.02
C VAL A 68 -3.03 -4.91 -0.71
N LYS A 69 -4.02 -4.20 -0.10
CA LYS A 69 -4.72 -4.62 1.08
C LYS A 69 -5.29 -5.95 0.90
N ASP A 70 -6.06 -6.19 -0.18
CA ASP A 70 -6.85 -7.33 -0.39
C ASP A 70 -5.97 -8.48 -0.68
N ASP A 71 -4.87 -8.26 -1.44
CA ASP A 71 -3.94 -9.36 -1.56
C ASP A 71 -3.08 -9.59 -0.32
N LEU A 72 -2.85 -8.57 0.54
CA LEU A 72 -2.11 -8.73 1.75
C LEU A 72 -2.92 -9.34 2.82
N GLN A 73 -4.25 -8.99 2.90
CA GLN A 73 -5.31 -9.16 3.88
C GLN A 73 -5.27 -10.33 4.81
N GLU A 74 -4.67 -11.38 4.28
CA GLU A 74 -4.27 -12.61 4.91
C GLU A 74 -3.45 -12.42 6.16
N LEU A 75 -2.47 -11.54 6.00
CA LEU A 75 -1.29 -11.41 6.76
C LEU A 75 -1.32 -10.00 7.31
N ALA A 76 -1.52 -9.02 6.40
CA ALA A 76 -1.55 -7.62 6.79
C ALA A 76 -2.91 -7.11 6.73
N VAL A 77 -3.29 -6.20 7.66
CA VAL A 77 -4.13 -5.17 7.18
C VAL A 77 -3.67 -3.80 7.35
N VAL A 78 -4.39 -2.98 6.58
CA VAL A 78 -4.18 -1.61 6.41
C VAL A 78 -4.81 -0.96 7.55
N GLU A 79 -4.21 0.18 7.92
CA GLU A 79 -4.57 0.91 9.07
C GLU A 79 -5.75 1.69 8.69
N SER A 80 -5.71 2.18 7.44
CA SER A 80 -6.73 3.05 6.99
C SER A 80 -6.66 3.08 5.52
N PHE A 81 -7.83 3.19 4.91
CA PHE A 81 -7.95 3.53 3.52
C PHE A 81 -8.38 4.95 3.63
N PRO A 82 -7.48 5.92 3.69
CA PRO A 82 -7.68 6.99 4.63
C PRO A 82 -8.35 8.12 3.92
N THR A 83 -7.58 9.10 3.40
CA THR A 83 -8.01 10.42 3.54
C THR A 83 -8.59 10.84 2.22
N LYS A 84 -7.83 11.66 1.48
CA LYS A 84 -8.13 12.14 0.18
C LYS A 84 -6.74 12.44 -0.23
N ILE A 85 -6.44 12.37 -1.54
CA ILE A 85 -5.14 12.58 -2.04
C ILE A 85 -4.86 14.04 -2.00
N GLU A 86 -3.66 14.33 -1.50
CA GLU A 86 -3.12 15.64 -1.36
C GLU A 86 -1.96 15.64 -2.29
N GLY A 87 -2.04 16.49 -3.34
CA GLY A 87 -1.06 16.48 -4.38
C GLY A 87 -1.33 15.32 -5.27
N ARG A 88 -0.22 14.81 -5.84
CA ARG A 88 -0.19 13.75 -6.79
C ARG A 88 0.29 12.50 -6.14
N GLN A 89 -0.14 12.21 -4.90
CA GLN A 89 0.50 11.16 -4.13
C GLN A 89 -0.28 10.89 -2.86
N MET A 90 -0.75 9.63 -2.67
CA MET A 90 -1.61 9.24 -1.57
C MET A 90 -0.90 8.22 -0.75
N ILE A 91 -0.73 8.46 0.56
CA ILE A 91 -0.29 7.45 1.47
C ILE A 91 -1.48 6.65 1.88
N MET A 92 -1.33 5.32 1.79
CA MET A 92 -2.13 4.36 2.48
C MET A 92 -1.21 3.77 3.47
N VAL A 93 -1.57 3.81 4.75
CA VAL A 93 -0.70 3.27 5.75
C VAL A 93 -1.07 1.81 5.91
N LEU A 94 -0.10 0.86 6.00
CA LEU A 94 -0.46 -0.55 6.12
C LEU A 94 0.26 -0.95 7.39
N ALA A 95 -0.28 -1.93 8.15
CA ALA A 95 0.22 -2.29 9.43
C ALA A 95 0.14 -3.77 9.60
N PRO A 96 0.55 -4.33 10.73
CA PRO A 96 0.22 -5.68 11.09
C PRO A 96 -1.27 -5.83 11.28
N LYS A 97 -1.81 -6.99 10.87
CA LYS A 97 -3.13 -7.40 11.25
C LYS A 97 -3.00 -7.94 12.64
N LYS A 98 -4.12 -7.96 13.39
CA LYS A 98 -4.20 -8.56 14.69
C LYS A 98 -3.94 -10.03 14.57
N LYS A 99 -3.00 -10.51 15.44
CA LYS A 99 -2.40 -11.82 15.39
C LYS A 99 -1.67 -12.01 14.10
N GLN A 100 -0.54 -11.26 13.97
CA GLN A 100 0.37 -11.25 12.85
C GLN A 100 -0.29 -10.72 11.57
N VAL A 10 10.00 -1.48 18.47
CA VAL A 10 8.59 -1.26 18.12
C VAL A 10 8.35 -1.54 16.69
N ILE A 11 7.11 -1.18 16.29
CA ILE A 11 6.61 -1.25 14.94
C ILE A 11 6.99 0.04 14.29
N GLN A 12 7.76 -0.11 13.18
CA GLN A 12 8.53 0.98 12.63
C GLN A 12 7.87 1.33 11.35
N VAL A 13 8.09 2.55 10.81
CA VAL A 13 7.61 2.81 9.48
C VAL A 13 8.68 2.41 8.54
N LYS A 14 8.37 1.37 7.75
CA LYS A 14 9.03 1.22 6.48
C LYS A 14 8.04 1.53 5.42
N GLU A 15 8.45 1.49 4.14
CA GLU A 15 7.60 1.95 3.07
C GLU A 15 7.71 1.03 1.89
N ILE A 16 6.65 1.02 1.04
CA ILE A 16 6.66 0.46 -0.27
C ILE A 16 5.99 1.52 -1.10
N LYS A 17 6.17 1.49 -2.44
CA LYS A 17 5.31 2.29 -3.29
C LYS A 17 4.54 1.41 -4.20
N PHE A 18 3.41 1.96 -4.74
CA PHE A 18 2.69 1.37 -5.81
C PHE A 18 2.32 2.51 -6.69
N ARG A 19 2.88 2.56 -7.91
CA ARG A 19 2.67 3.60 -8.87
C ARG A 19 1.54 3.18 -9.77
N PRO A 20 1.01 4.03 -10.63
CA PRO A 20 0.13 3.61 -11.69
C PRO A 20 1.03 2.95 -12.69
N GLY A 21 0.57 1.81 -13.25
CA GLY A 21 1.34 1.04 -14.19
C GLY A 21 2.15 0.03 -13.48
N THR A 22 1.87 -0.07 -12.17
CA THR A 22 2.31 -1.11 -11.32
C THR A 22 1.15 -2.01 -11.19
N ASP A 23 1.14 -2.96 -12.13
CA ASP A 23 0.21 -4.03 -12.18
C ASP A 23 1.03 -5.27 -12.23
N GLU A 24 0.39 -6.45 -12.41
CA GLU A 24 0.51 -7.63 -11.61
C GLU A 24 1.91 -8.10 -11.44
N GLY A 25 2.69 -8.09 -12.52
CA GLY A 25 3.97 -8.70 -12.51
C GLY A 25 5.10 -7.85 -12.05
N ASP A 26 4.79 -6.58 -11.82
CA ASP A 26 5.63 -5.64 -11.15
C ASP A 26 5.18 -5.56 -9.73
N TYR A 27 3.87 -5.80 -9.60
CA TYR A 27 3.09 -5.36 -8.47
C TYR A 27 3.13 -6.32 -7.37
N GLN A 28 2.50 -7.49 -7.52
CA GLN A 28 2.53 -8.59 -6.61
C GLN A 28 3.86 -9.22 -6.29
N VAL A 29 4.88 -8.91 -7.10
CA VAL A 29 6.28 -9.09 -6.77
C VAL A 29 6.66 -8.23 -5.59
N LYS A 30 6.24 -6.95 -5.60
CA LYS A 30 6.47 -6.06 -4.48
C LYS A 30 5.37 -6.00 -3.49
N LEU A 31 4.36 -6.84 -3.68
CA LEU A 31 3.41 -7.16 -2.66
C LEU A 31 4.09 -8.21 -1.86
N ARG A 32 4.93 -9.05 -2.54
CA ARG A 32 5.84 -9.99 -1.93
C ARG A 32 6.83 -9.26 -1.05
N SER A 33 7.42 -8.13 -1.58
CA SER A 33 8.31 -7.35 -0.78
C SER A 33 7.63 -6.77 0.44
N LEU A 34 6.38 -6.28 0.29
CA LEU A 34 5.61 -5.72 1.31
C LEU A 34 5.18 -6.72 2.38
N ILE A 35 4.92 -8.02 2.03
CA ILE A 35 4.71 -9.09 2.98
C ILE A 35 5.85 -9.12 3.93
N ARG A 36 7.06 -9.16 3.34
CA ARG A 36 8.35 -9.19 3.96
C ARG A 36 8.50 -8.14 5.02
N PHE A 37 8.08 -6.88 4.74
CA PHE A 37 8.03 -5.80 5.72
C PHE A 37 7.21 -6.11 6.93
N LEU A 38 5.95 -6.51 6.73
CA LEU A 38 5.01 -6.87 7.79
C LEU A 38 5.35 -8.13 8.54
N GLU A 39 6.15 -9.02 7.91
CA GLU A 39 6.68 -10.25 8.47
C GLU A 39 7.82 -9.96 9.40
N GLU A 40 8.59 -8.88 9.11
CA GLU A 40 9.56 -8.37 10.05
C GLU A 40 8.85 -7.74 11.21
N GLY A 41 7.60 -7.31 10.96
CA GLY A 41 6.77 -6.59 11.87
C GLY A 41 7.21 -5.20 11.75
N ASP A 42 6.83 -4.59 10.61
CA ASP A 42 7.00 -3.19 10.50
C ASP A 42 5.65 -2.87 10.07
N LYS A 43 5.39 -1.57 10.05
CA LYS A 43 4.20 -1.09 9.51
C LYS A 43 4.79 -0.58 8.27
N ALA A 44 4.40 -1.22 7.16
CA ALA A 44 4.79 -0.66 5.92
C ALA A 44 3.78 0.40 5.69
N LYS A 45 4.11 1.43 4.92
CA LYS A 45 3.09 2.29 4.41
C LYS A 45 3.21 2.17 2.95
N ILE A 46 2.05 2.06 2.28
CA ILE A 46 2.00 2.20 0.87
C ILE A 46 1.95 3.65 0.60
N THR A 47 2.83 4.12 -0.28
CA THR A 47 2.73 5.45 -0.78
C THR A 47 2.34 5.25 -2.21
N LEU A 48 1.21 5.85 -2.58
CA LEU A 48 0.86 5.91 -3.96
C LEU A 48 1.51 7.12 -4.48
N ARG A 49 1.77 7.15 -5.79
CA ARG A 49 2.51 8.17 -6.40
C ARG A 49 1.94 8.18 -7.74
N PHE A 50 0.91 9.00 -7.85
CA PHE A 50 0.04 9.10 -8.98
C PHE A 50 0.71 9.90 -10.04
N ARG A 51 0.19 9.79 -11.28
CA ARG A 51 0.60 10.65 -12.36
C ARG A 51 -0.58 11.51 -12.71
N GLY A 52 -1.40 11.84 -11.70
CA GLY A 52 -2.56 12.68 -11.86
C GLY A 52 -2.35 13.93 -11.12
N ARG A 53 -1.31 13.88 -10.27
CA ARG A 53 -0.76 15.02 -9.57
C ARG A 53 -1.71 15.46 -8.52
N GLU A 54 -1.74 16.78 -8.28
CA GLU A 54 -2.52 17.50 -7.30
C GLU A 54 -3.97 17.11 -7.33
N MET A 55 -4.38 16.35 -6.28
CA MET A 55 -5.63 15.66 -6.14
C MET A 55 -5.95 14.84 -7.35
N ALA A 56 -5.30 13.67 -7.46
CA ALA A 56 -5.37 12.83 -8.62
C ALA A 56 -6.63 12.00 -8.68
N HIS A 57 -6.54 10.98 -9.56
CA HIS A 57 -7.29 9.76 -9.67
C HIS A 57 -7.80 9.13 -8.40
N GLN A 58 -8.91 8.37 -8.52
CA GLN A 58 -9.40 7.56 -7.44
C GLN A 58 -9.49 6.16 -7.95
N GLN A 59 -9.17 6.04 -9.24
CA GLN A 59 -9.16 4.80 -9.96
C GLN A 59 -7.84 4.19 -9.70
N ILE A 60 -6.82 5.00 -10.00
CA ILE A 60 -5.49 4.91 -9.67
C ILE A 60 -5.64 5.50 -8.35
N GLY A 61 -5.43 4.54 -7.53
CA GLY A 61 -5.16 4.45 -6.19
C GLY A 61 -5.75 3.21 -5.69
N MET A 62 -7.09 3.21 -5.64
CA MET A 62 -7.84 2.18 -4.98
C MET A 62 -8.32 1.09 -5.90
N GLU A 63 -7.71 0.89 -7.09
CA GLU A 63 -7.46 -0.48 -7.46
C GLU A 63 -6.40 -1.12 -6.70
N VAL A 64 -5.27 -0.41 -6.66
CA VAL A 64 -3.99 -0.92 -6.36
C VAL A 64 -4.01 -1.31 -4.98
N LEU A 65 -4.11 -0.28 -4.14
CA LEU A 65 -4.20 -0.28 -2.72
C LEU A 65 -5.11 -1.31 -2.24
N ASN A 66 -6.35 -1.28 -2.73
CA ASN A 66 -7.41 -2.21 -2.42
C ASN A 66 -7.09 -3.61 -2.72
N ARG A 67 -6.38 -3.89 -3.83
CA ARG A 67 -5.97 -5.23 -4.07
C ARG A 67 -4.73 -5.57 -3.31
N VAL A 68 -3.99 -4.59 -2.75
CA VAL A 68 -2.87 -4.91 -1.98
C VAL A 68 -3.39 -5.40 -0.67
N LYS A 69 -4.36 -4.68 -0.01
CA LYS A 69 -5.04 -5.14 1.17
C LYS A 69 -5.61 -6.47 0.92
N ASP A 70 -6.38 -6.66 -0.16
CA ASP A 70 -7.16 -7.82 -0.37
C ASP A 70 -6.29 -8.99 -0.59
N ASP A 71 -5.14 -8.81 -1.28
CA ASP A 71 -4.20 -9.90 -1.26
C ASP A 71 -3.47 -10.14 0.05
N LEU A 72 -2.98 -9.09 0.75
CA LEU A 72 -2.15 -9.22 1.92
C LEU A 72 -2.82 -9.44 3.20
N GLN A 73 -4.13 -9.15 3.30
CA GLN A 73 -5.13 -9.40 4.31
C GLN A 73 -4.94 -10.56 5.21
N GLU A 74 -4.30 -11.60 4.65
CA GLU A 74 -3.85 -12.81 5.28
C GLU A 74 -2.98 -12.60 6.48
N LEU A 75 -1.99 -11.74 6.28
CA LEU A 75 -0.89 -11.51 7.16
C LEU A 75 -0.97 -10.12 7.74
N ALA A 76 -1.11 -9.14 6.82
CA ALA A 76 -1.10 -7.73 7.14
C ALA A 76 -2.45 -7.23 7.08
N VAL A 77 -2.82 -6.27 7.97
CA VAL A 77 -3.79 -5.34 7.51
C VAL A 77 -3.55 -3.91 7.63
N VAL A 78 -4.32 -3.24 6.78
CA VAL A 78 -4.26 -1.87 6.54
C VAL A 78 -5.04 -1.23 7.62
N GLU A 79 -4.61 -0.02 7.94
CA GLU A 79 -5.14 0.75 9.01
C GLU A 79 -6.36 1.37 8.49
N SER A 80 -6.28 1.82 7.23
CA SER A 80 -7.31 2.63 6.69
C SER A 80 -7.23 2.57 5.22
N PHE A 81 -8.35 2.87 4.52
CA PHE A 81 -8.37 2.95 3.10
C PHE A 81 -8.70 4.34 2.75
N PRO A 82 -7.78 5.20 2.34
CA PRO A 82 -7.93 6.48 2.96
C PRO A 82 -7.53 7.50 1.93
N THR A 83 -6.50 8.31 2.24
CA THR A 83 -6.83 9.47 2.98
C THR A 83 -7.37 10.52 2.09
N LYS A 84 -6.44 11.25 1.50
CA LYS A 84 -6.70 12.27 0.54
C LYS A 84 -5.40 12.29 -0.16
N ILE A 85 -5.41 12.69 -1.44
CA ILE A 85 -4.19 12.82 -2.15
C ILE A 85 -3.64 14.16 -1.78
N GLU A 86 -2.39 14.06 -1.35
CA GLU A 86 -1.59 15.09 -0.77
C GLU A 86 -0.43 15.24 -1.66
N GLY A 87 -0.43 16.31 -2.48
CA GLY A 87 0.52 16.40 -3.55
C GLY A 87 0.07 15.48 -4.62
N ARG A 88 1.07 14.80 -5.19
CA ARG A 88 0.93 13.91 -6.30
C ARG A 88 0.84 12.49 -5.85
N GLN A 89 0.30 12.22 -4.65
CA GLN A 89 0.59 10.99 -3.96
C GLN A 89 -0.34 10.74 -2.79
N MET A 90 -0.69 9.46 -2.52
CA MET A 90 -1.61 9.13 -1.46
C MET A 90 -1.03 8.07 -0.59
N ILE A 91 -0.89 8.34 0.71
CA ILE A 91 -0.51 7.32 1.63
C ILE A 91 -1.74 6.56 2.05
N MET A 92 -1.62 5.22 1.92
CA MET A 92 -2.39 4.26 2.65
C MET A 92 -1.46 3.64 3.63
N VAL A 93 -1.94 3.38 4.85
CA VAL A 93 -1.04 2.90 5.87
C VAL A 93 -1.28 1.42 6.10
N LEU A 94 -0.22 0.60 6.21
CA LEU A 94 -0.18 -0.84 6.41
C LEU A 94 0.47 -1.46 7.64
N ALA A 95 -0.29 -1.80 8.71
CA ALA A 95 0.24 -2.40 9.93
C ALA A 95 0.12 -3.89 10.03
N PRO A 96 0.78 -4.55 11.00
CA PRO A 96 0.59 -5.95 11.19
C PRO A 96 -0.73 -6.08 11.87
N LYS A 97 -1.57 -7.05 11.43
CA LYS A 97 -2.88 -7.12 12.00
C LYS A 97 -2.93 -7.81 13.31
N LYS A 98 -4.05 -7.57 14.02
CA LYS A 98 -4.44 -8.35 15.15
C LYS A 98 -5.16 -9.53 14.59
N LYS A 99 -4.67 -10.74 14.92
CA LYS A 99 -5.26 -11.98 14.50
C LYS A 99 -6.59 -12.12 15.19
N GLN A 100 -7.64 -12.35 14.37
CA GLN A 100 -8.97 -12.50 14.87
C GLN A 100 -9.06 -13.80 15.67
N VAL A 10 7.24 0.09 18.41
CA VAL A 10 8.32 -0.89 18.19
C VAL A 10 8.28 -1.31 16.79
N ILE A 11 7.15 -0.88 16.26
CA ILE A 11 6.67 -1.07 14.92
C ILE A 11 7.25 0.03 14.10
N GLN A 12 8.03 -0.40 13.09
CA GLN A 12 8.90 0.45 12.34
C GLN A 12 8.17 0.78 11.09
N VAL A 13 8.62 1.81 10.35
CA VAL A 13 8.07 2.06 9.06
C VAL A 13 8.99 1.45 8.06
N LYS A 14 8.48 0.49 7.24
CA LYS A 14 9.08 0.33 5.94
C LYS A 14 8.15 0.98 5.00
N GLU A 15 8.56 1.19 3.74
CA GLU A 15 7.72 1.88 2.81
C GLU A 15 7.82 1.10 1.54
N ILE A 16 6.78 1.16 0.70
CA ILE A 16 6.87 0.68 -0.65
C ILE A 16 6.22 1.75 -1.45
N LYS A 17 6.47 1.81 -2.79
CA LYS A 17 5.65 2.61 -3.65
C LYS A 17 4.96 1.75 -4.64
N PHE A 18 3.81 2.25 -5.15
CA PHE A 18 3.04 1.57 -6.13
C PHE A 18 2.62 2.68 -7.05
N ARG A 19 2.64 2.41 -8.37
CA ARG A 19 2.43 3.41 -9.37
C ARG A 19 1.04 3.27 -9.95
N PRO A 20 0.63 4.17 -10.83
CA PRO A 20 -0.60 4.05 -11.58
C PRO A 20 -0.57 2.84 -12.46
N GLY A 21 -1.72 2.13 -12.45
CA GLY A 21 -2.05 0.88 -13.11
C GLY A 21 -0.91 0.00 -13.36
N THR A 22 -0.77 -0.90 -12.40
CA THR A 22 0.33 -1.75 -12.23
C THR A 22 -0.05 -3.05 -12.82
N ASP A 23 0.68 -4.02 -12.31
CA ASP A 23 1.13 -5.13 -13.06
C ASP A 23 1.13 -6.35 -12.24
N GLU A 24 1.28 -7.52 -12.87
CA GLU A 24 1.28 -8.76 -12.17
C GLU A 24 2.53 -8.83 -11.36
N GLY A 25 3.67 -9.11 -12.02
CA GLY A 25 4.90 -9.20 -11.33
C GLY A 25 5.79 -8.04 -11.59
N ASP A 26 5.19 -6.84 -11.51
CA ASP A 26 5.90 -5.72 -11.00
C ASP A 26 5.39 -5.49 -9.62
N TYR A 27 4.05 -5.60 -9.50
CA TYR A 27 3.39 -5.06 -8.35
C TYR A 27 3.48 -6.03 -7.23
N GLN A 28 2.87 -7.22 -7.38
CA GLN A 28 2.90 -8.30 -6.45
C GLN A 28 4.22 -8.95 -6.12
N VAL A 29 5.26 -8.63 -6.89
CA VAL A 29 6.65 -8.84 -6.51
C VAL A 29 6.98 -8.00 -5.28
N LYS A 30 6.54 -6.73 -5.29
CA LYS A 30 6.74 -5.84 -4.19
C LYS A 30 5.65 -5.82 -3.21
N LEU A 31 4.63 -6.65 -3.46
CA LEU A 31 3.70 -7.03 -2.46
C LEU A 31 4.37 -8.13 -1.71
N ARG A 32 5.28 -8.91 -2.37
CA ARG A 32 6.18 -9.81 -1.70
C ARG A 32 7.10 -9.05 -0.78
N SER A 33 7.66 -7.87 -1.24
CA SER A 33 8.44 -7.08 -0.33
C SER A 33 7.68 -6.63 0.89
N LEU A 34 6.43 -6.16 0.73
CA LEU A 34 5.56 -5.80 1.83
C LEU A 34 5.16 -6.91 2.75
N ILE A 35 5.06 -8.18 2.27
CA ILE A 35 4.81 -9.29 3.15
C ILE A 35 5.90 -9.33 4.15
N ARG A 36 7.15 -9.31 3.63
CA ARG A 36 8.38 -9.35 4.37
C ARG A 36 8.36 -8.33 5.46
N PHE A 37 7.93 -7.08 5.15
CA PHE A 37 7.90 -5.99 6.06
C PHE A 37 7.03 -6.26 7.26
N LEU A 38 5.75 -6.58 7.01
CA LEU A 38 4.73 -6.82 8.01
C LEU A 38 4.89 -8.08 8.80
N GLU A 39 5.55 -9.10 8.21
CA GLU A 39 5.85 -10.34 8.86
C GLU A 39 7.10 -10.25 9.68
N GLU A 40 7.93 -9.21 9.44
CA GLU A 40 8.94 -8.82 10.40
C GLU A 40 8.27 -8.18 11.59
N GLY A 41 7.12 -7.54 11.34
CA GLY A 41 6.41 -6.75 12.28
C GLY A 41 6.90 -5.37 12.09
N ASP A 42 6.61 -4.83 10.90
CA ASP A 42 6.82 -3.45 10.66
C ASP A 42 5.48 -3.11 10.21
N LYS A 43 5.27 -1.83 10.01
CA LYS A 43 4.11 -1.33 9.41
C LYS A 43 4.73 -0.91 8.15
N ALA A 44 4.24 -1.45 7.02
CA ALA A 44 4.69 -0.87 5.82
C ALA A 44 3.82 0.32 5.59
N LYS A 45 4.25 1.28 4.78
CA LYS A 45 3.35 2.31 4.41
C LYS A 45 3.49 2.47 2.93
N ILE A 46 2.38 2.25 2.21
CA ILE A 46 2.33 2.30 0.78
C ILE A 46 2.11 3.71 0.38
N THR A 47 2.87 4.21 -0.61
CA THR A 47 2.66 5.53 -1.11
C THR A 47 2.41 5.38 -2.59
N LEU A 48 1.29 5.96 -3.07
CA LEU A 48 0.99 6.12 -4.46
C LEU A 48 1.76 7.28 -4.86
N ARG A 49 2.15 7.37 -6.14
CA ARG A 49 2.83 8.49 -6.61
C ARG A 49 2.32 8.50 -7.98
N PHE A 50 1.23 9.26 -8.07
CA PHE A 50 0.37 9.40 -9.19
C PHE A 50 1.13 10.05 -10.30
N ARG A 51 0.87 9.58 -11.53
CA ARG A 51 1.46 10.11 -12.73
C ARG A 51 0.37 10.81 -13.50
N GLY A 52 -0.65 11.23 -12.73
CA GLY A 52 -1.53 12.30 -13.13
C GLY A 52 -0.74 13.50 -12.81
N ARG A 53 -0.24 13.40 -11.58
CA ARG A 53 0.75 14.22 -10.92
C ARG A 53 0.27 15.62 -10.71
N GLU A 54 -1.05 15.75 -10.52
CA GLU A 54 -1.77 16.96 -10.29
C GLU A 54 -3.16 16.46 -10.26
N MET A 55 -3.42 15.55 -11.23
CA MET A 55 -4.72 15.00 -11.49
C MET A 55 -5.09 13.94 -10.52
N ALA A 56 -4.06 13.26 -9.91
CA ALA A 56 -4.05 12.23 -8.89
C ALA A 56 -5.36 11.70 -8.41
N HIS A 57 -5.60 10.38 -8.67
CA HIS A 57 -6.93 9.86 -8.63
C HIS A 57 -7.19 8.92 -7.50
N GLN A 58 -8.49 8.61 -7.27
CA GLN A 58 -8.88 7.56 -6.38
C GLN A 58 -9.10 6.29 -7.16
N GLN A 59 -8.98 6.42 -8.47
CA GLN A 59 -9.02 5.32 -9.40
C GLN A 59 -7.66 4.74 -9.40
N ILE A 60 -6.68 5.65 -9.66
CA ILE A 60 -5.29 5.41 -9.73
C ILE A 60 -4.81 4.81 -8.46
N GLY A 61 -5.21 5.41 -7.33
CA GLY A 61 -4.77 4.94 -6.06
C GLY A 61 -5.42 3.67 -5.68
N MET A 62 -6.75 3.69 -5.52
CA MET A 62 -7.45 2.66 -4.82
C MET A 62 -8.06 1.63 -5.72
N GLU A 63 -7.53 1.42 -6.95
CA GLU A 63 -7.22 0.06 -7.28
C GLU A 63 -6.14 -0.55 -6.51
N VAL A 64 -4.96 0.05 -6.67
CA VAL A 64 -3.70 -0.53 -6.37
C VAL A 64 -3.64 -0.83 -4.95
N LEU A 65 -3.70 0.23 -4.12
CA LEU A 65 -3.74 0.21 -2.69
C LEU A 65 -4.64 -0.80 -2.12
N ASN A 66 -5.89 -0.74 -2.54
CA ASN A 66 -6.97 -1.63 -2.20
C ASN A 66 -6.71 -3.05 -2.52
N ARG A 67 -6.04 -3.34 -3.65
CA ARG A 67 -5.68 -4.68 -3.97
C ARG A 67 -4.46 -5.11 -3.23
N VAL A 68 -3.68 -4.15 -2.66
CA VAL A 68 -2.58 -4.52 -1.87
C VAL A 68 -3.12 -5.04 -0.59
N LYS A 69 -4.09 -4.33 0.07
CA LYS A 69 -4.78 -4.82 1.22
C LYS A 69 -5.39 -6.11 0.92
N ASP A 70 -6.17 -6.24 -0.17
CA ASP A 70 -6.99 -7.35 -0.44
C ASP A 70 -6.15 -8.55 -0.69
N ASP A 71 -4.99 -8.39 -1.35
CA ASP A 71 -4.09 -9.51 -1.37
C ASP A 71 -3.43 -9.84 -0.06
N LEU A 72 -2.84 -8.86 0.65
CA LEU A 72 -2.05 -9.09 1.82
C LEU A 72 -2.76 -9.27 3.11
N GLN A 73 -4.06 -8.92 3.18
CA GLN A 73 -5.09 -9.16 4.16
C GLN A 73 -4.97 -10.34 5.05
N GLU A 74 -4.33 -11.38 4.49
CA GLU A 74 -3.90 -12.59 5.12
C GLU A 74 -3.09 -12.37 6.35
N LEU A 75 -2.04 -11.57 6.16
CA LEU A 75 -0.97 -11.37 7.08
C LEU A 75 -0.98 -9.96 7.59
N ALA A 76 -0.98 -9.01 6.65
CA ALA A 76 -0.94 -7.58 6.94
C ALA A 76 -2.34 -7.15 6.99
N VAL A 77 -2.68 -6.15 7.83
CA VAL A 77 -3.65 -5.26 7.30
C VAL A 77 -3.12 -3.92 7.21
N VAL A 78 -4.09 -3.03 7.04
CA VAL A 78 -4.02 -1.65 6.86
C VAL A 78 -4.57 -1.01 8.08
N GLU A 79 -4.27 0.28 8.24
CA GLU A 79 -4.83 1.11 9.24
C GLU A 79 -6.13 1.61 8.71
N SER A 80 -6.11 2.03 7.43
CA SER A 80 -7.19 2.77 6.88
C SER A 80 -7.17 2.61 5.40
N PHE A 81 -8.34 2.61 4.77
CA PHE A 81 -8.44 2.78 3.37
C PHE A 81 -9.01 4.13 3.22
N PRO A 82 -8.25 5.17 2.95
CA PRO A 82 -8.77 6.46 3.18
C PRO A 82 -9.18 6.87 1.79
N THR A 83 -8.46 7.85 1.25
CA THR A 83 -9.01 8.83 0.40
C THR A 83 -7.82 9.71 0.08
N LYS A 84 -7.02 10.08 1.11
CA LYS A 84 -6.37 11.36 1.12
C LYS A 84 -5.10 11.38 0.34
N ILE A 85 -5.20 11.95 -0.86
CA ILE A 85 -4.07 12.31 -1.64
C ILE A 85 -3.63 13.60 -1.04
N GLU A 86 -2.33 13.61 -0.79
CA GLU A 86 -1.61 14.66 -0.14
C GLU A 86 -0.53 15.00 -1.09
N GLY A 87 -0.72 16.07 -1.89
CA GLY A 87 0.17 16.35 -2.98
C GLY A 87 -0.26 15.56 -4.16
N ARG A 88 0.75 15.02 -4.84
CA ARG A 88 0.64 14.22 -6.02
C ARG A 88 0.85 12.77 -5.68
N GLN A 89 0.32 12.32 -4.51
CA GLN A 89 0.66 11.02 -3.94
C GLN A 89 -0.25 10.66 -2.79
N MET A 90 -0.67 9.37 -2.71
CA MET A 90 -1.71 8.94 -1.78
C MET A 90 -1.17 7.85 -0.92
N ILE A 91 -1.17 8.02 0.41
CA ILE A 91 -0.79 6.92 1.22
C ILE A 91 -1.99 6.04 1.53
N MET A 92 -1.73 4.72 1.55
CA MET A 92 -2.51 3.78 2.31
C MET A 92 -1.54 3.37 3.34
N VAL A 93 -1.93 3.47 4.61
CA VAL A 93 -1.00 3.09 5.64
C VAL A 93 -1.23 1.63 5.96
N LEU A 94 -0.19 0.77 5.89
CA LEU A 94 -0.18 -0.69 6.04
C LEU A 94 0.35 -1.36 7.31
N ALA A 95 -0.43 -1.53 8.41
CA ALA A 95 0.04 -2.04 9.69
C ALA A 95 -0.34 -3.43 10.13
N PRO A 96 0.41 -4.12 11.01
CA PRO A 96 0.33 -5.56 11.15
C PRO A 96 -0.96 -5.98 11.74
N LYS A 97 -1.50 -7.10 11.19
CA LYS A 97 -2.76 -7.63 11.63
C LYS A 97 -2.53 -8.38 12.89
N LYS A 98 -3.51 -8.28 13.81
CA LYS A 98 -3.53 -9.02 15.04
C LYS A 98 -3.68 -10.48 14.73
N LYS A 99 -2.63 -11.26 15.03
CA LYS A 99 -2.65 -12.68 14.88
C LYS A 99 -3.44 -13.23 16.04
N GLN A 100 -4.44 -14.07 15.72
CA GLN A 100 -5.24 -14.68 16.74
C GLN A 100 -4.38 -15.75 17.42
N VAL A 10 6.56 -1.58 18.65
CA VAL A 10 7.70 -2.43 18.23
C VAL A 10 7.66 -2.53 16.77
N ILE A 11 6.51 -2.06 16.34
CA ILE A 11 6.07 -1.97 14.99
C ILE A 11 6.51 -0.65 14.46
N GLN A 12 7.38 -0.72 13.44
CA GLN A 12 8.15 0.39 12.94
C GLN A 12 7.54 0.75 11.64
N VAL A 13 7.75 1.99 11.15
CA VAL A 13 7.32 2.31 9.81
C VAL A 13 8.44 2.01 8.91
N LYS A 14 8.23 0.98 8.07
CA LYS A 14 8.99 0.89 6.83
C LYS A 14 8.08 1.29 5.72
N GLU A 15 8.59 1.32 4.48
CA GLU A 15 7.86 1.88 3.38
C GLU A 15 8.03 1.08 2.12
N ILE A 16 7.05 1.18 1.19
CA ILE A 16 7.18 0.75 -0.19
C ILE A 16 6.49 1.84 -0.96
N LYS A 17 6.63 1.86 -2.31
CA LYS A 17 5.70 2.63 -3.12
C LYS A 17 4.96 1.74 -4.06
N PHE A 18 3.75 2.20 -4.50
CA PHE A 18 3.02 1.61 -5.58
C PHE A 18 2.77 2.72 -6.54
N ARG A 19 2.61 2.36 -7.84
CA ARG A 19 2.56 3.32 -8.92
C ARG A 19 1.36 3.03 -9.81
N PRO A 20 0.95 3.93 -10.71
CA PRO A 20 -0.17 3.74 -11.59
C PRO A 20 0.25 2.84 -12.70
N GLY A 21 -0.65 1.92 -13.10
CA GLY A 21 -0.45 1.07 -14.26
C GLY A 21 0.48 -0.04 -13.98
N THR A 22 0.72 -0.22 -12.69
CA THR A 22 1.63 -1.15 -12.14
C THR A 22 0.82 -2.25 -11.63
N ASP A 23 0.79 -3.25 -12.49
CA ASP A 23 0.34 -4.57 -12.23
C ASP A 23 1.49 -5.42 -12.67
N GLU A 24 1.23 -6.56 -13.34
CA GLU A 24 0.95 -7.80 -12.69
C GLU A 24 2.09 -8.11 -11.78
N GLY A 25 3.18 -8.69 -12.35
CA GLY A 25 4.32 -9.05 -11.56
C GLY A 25 5.42 -8.05 -11.65
N ASP A 26 5.04 -6.77 -11.58
CA ASP A 26 5.88 -5.75 -11.04
C ASP A 26 5.35 -5.44 -9.69
N TYR A 27 4.00 -5.43 -9.62
CA TYR A 27 3.19 -5.00 -8.50
C TYR A 27 3.28 -6.02 -7.43
N GLN A 28 2.65 -7.18 -7.62
CA GLN A 28 2.69 -8.32 -6.77
C GLN A 28 4.01 -8.95 -6.42
N VAL A 29 5.06 -8.60 -7.19
CA VAL A 29 6.44 -8.83 -6.79
C VAL A 29 6.78 -8.03 -5.57
N LYS A 30 6.37 -6.75 -5.53
CA LYS A 30 6.58 -5.88 -4.40
C LYS A 30 5.48 -5.88 -3.42
N LEU A 31 4.47 -6.72 -3.69
CA LEU A 31 3.53 -7.10 -2.72
C LEU A 31 4.20 -8.20 -1.95
N ARG A 32 5.07 -8.99 -2.62
CA ARG A 32 5.96 -9.92 -1.97
C ARG A 32 6.93 -9.18 -1.07
N SER A 33 7.51 -8.02 -1.53
CA SER A 33 8.28 -7.24 -0.62
C SER A 33 7.52 -6.76 0.57
N LEU A 34 6.25 -6.36 0.41
CA LEU A 34 5.42 -5.99 1.54
C LEU A 34 5.08 -7.04 2.53
N ILE A 35 4.92 -8.31 2.08
CA ILE A 35 4.71 -9.40 2.99
C ILE A 35 5.88 -9.49 3.92
N ARG A 36 7.07 -9.39 3.32
CA ARG A 36 8.38 -9.38 3.93
C ARG A 36 8.45 -8.39 5.06
N PHE A 37 8.00 -7.12 4.85
CA PHE A 37 7.95 -6.11 5.90
C PHE A 37 7.12 -6.48 7.08
N LEU A 38 5.88 -6.92 6.84
CA LEU A 38 4.92 -7.32 7.85
C LEU A 38 5.27 -8.61 8.55
N GLU A 39 6.10 -9.45 7.90
CA GLU A 39 6.67 -10.66 8.40
C GLU A 39 7.71 -10.36 9.43
N GLU A 40 8.49 -9.26 9.21
CA GLU A 40 9.38 -8.74 10.21
C GLU A 40 8.61 -8.18 11.37
N GLY A 41 7.38 -7.71 11.08
CA GLY A 41 6.52 -7.06 12.01
C GLY A 41 6.88 -5.63 11.94
N ASP A 42 6.51 -5.01 10.82
CA ASP A 42 6.60 -3.60 10.70
C ASP A 42 5.30 -3.30 10.11
N LYS A 43 5.02 -2.00 9.97
CA LYS A 43 4.04 -1.56 9.06
C LYS A 43 4.83 -1.41 7.84
N ALA A 44 4.22 -1.65 6.68
CA ALA A 44 4.84 -1.10 5.54
C ALA A 44 3.90 -0.13 4.99
N LYS A 45 4.37 1.10 4.87
CA LYS A 45 3.52 2.19 4.57
C LYS A 45 3.66 2.46 3.13
N ILE A 46 2.56 2.31 2.39
CA ILE A 46 2.60 2.50 0.98
C ILE A 46 2.43 3.96 0.75
N THR A 47 3.38 4.54 0.01
CA THR A 47 3.09 5.78 -0.61
C THR A 47 2.73 5.44 -2.01
N LEU A 48 1.48 5.75 -2.36
CA LEU A 48 1.09 5.73 -3.75
C LEU A 48 1.67 6.98 -4.34
N ARG A 49 2.03 6.93 -5.61
CA ARG A 49 2.80 7.91 -6.25
C ARG A 49 2.26 7.72 -7.60
N PHE A 50 1.25 8.53 -7.84
CA PHE A 50 0.59 8.66 -9.09
C PHE A 50 1.57 9.47 -9.86
N ARG A 51 1.87 9.12 -11.12
CA ARG A 51 2.62 9.99 -11.97
C ARG A 51 1.58 10.84 -12.62
N GLY A 52 1.16 11.91 -11.92
CA GLY A 52 -0.20 12.30 -12.11
C GLY A 52 -0.52 13.58 -11.46
N ARG A 53 -1.64 13.51 -10.71
CA ARG A 53 -2.55 14.61 -10.51
C ARG A 53 -3.16 14.92 -11.85
N GLU A 54 -3.53 13.81 -12.51
CA GLU A 54 -4.16 13.71 -13.79
C GLU A 54 -4.25 12.22 -13.93
N MET A 55 -3.33 11.52 -13.24
CA MET A 55 -3.37 10.09 -13.06
C MET A 55 -3.60 9.81 -11.59
N ALA A 56 -3.66 10.87 -10.75
CA ALA A 56 -4.17 10.71 -9.41
C ALA A 56 -5.66 10.67 -9.46
N HIS A 57 -6.22 9.45 -9.34
CA HIS A 57 -7.64 9.23 -9.51
C HIS A 57 -8.30 8.95 -8.20
N GLN A 58 -9.09 7.85 -8.17
CA GLN A 58 -9.46 7.17 -6.96
C GLN A 58 -9.61 5.75 -7.42
N GLN A 59 -9.34 5.58 -8.72
CA GLN A 59 -9.26 4.33 -9.42
C GLN A 59 -7.86 3.88 -9.25
N ILE A 60 -6.95 4.82 -9.58
CA ILE A 60 -5.60 4.87 -9.40
C ILE A 60 -5.69 5.57 -8.10
N GLY A 61 -5.57 4.69 -7.16
CA GLY A 61 -5.70 4.83 -5.76
C GLY A 61 -6.00 3.50 -5.17
N MET A 62 -7.29 3.29 -5.12
CA MET A 62 -8.02 2.25 -4.43
C MET A 62 -8.22 1.01 -5.25
N GLU A 63 -7.68 0.88 -6.48
CA GLU A 63 -7.38 -0.45 -6.89
C GLU A 63 -6.21 -0.96 -6.25
N VAL A 64 -5.18 -0.11 -6.22
CA VAL A 64 -3.85 -0.49 -5.98
C VAL A 64 -3.76 -0.92 -4.61
N LEU A 65 -3.77 0.07 -3.74
CA LEU A 65 -3.66 0.05 -2.31
C LEU A 65 -4.61 -0.90 -1.69
N ASN A 66 -5.88 -0.84 -2.12
CA ASN A 66 -6.87 -1.78 -1.67
C ASN A 66 -6.64 -3.18 -2.08
N ARG A 67 -6.03 -3.43 -3.27
CA ARG A 67 -5.72 -4.78 -3.62
C ARG A 67 -4.45 -5.21 -2.96
N VAL A 68 -3.65 -4.27 -2.44
CA VAL A 68 -2.48 -4.67 -1.78
C VAL A 68 -2.89 -5.22 -0.46
N LYS A 69 -3.79 -4.51 0.29
CA LYS A 69 -4.40 -4.93 1.50
C LYS A 69 -5.03 -6.25 1.41
N ASP A 70 -5.83 -6.48 0.35
CA ASP A 70 -6.67 -7.60 0.13
C ASP A 70 -5.85 -8.75 -0.27
N ASP A 71 -4.80 -8.55 -1.11
CA ASP A 71 -3.90 -9.65 -1.29
C ASP A 71 -2.94 -9.91 -0.14
N LEU A 72 -2.63 -8.90 0.69
CA LEU A 72 -1.78 -9.03 1.84
C LEU A 72 -2.48 -9.62 2.99
N GLN A 73 -3.82 -9.35 3.13
CA GLN A 73 -4.83 -9.66 4.13
C GLN A 73 -4.72 -10.90 4.94
N GLU A 74 -3.91 -11.82 4.44
CA GLU A 74 -3.37 -12.94 5.14
C GLU A 74 -2.67 -12.52 6.39
N LEU A 75 -1.67 -11.67 6.20
CA LEU A 75 -0.74 -11.21 7.17
C LEU A 75 -1.13 -9.84 7.62
N ALA A 76 -1.26 -8.96 6.61
CA ALA A 76 -1.29 -7.52 6.86
C ALA A 76 -2.61 -6.96 6.61
N VAL A 77 -3.07 -6.03 7.46
CA VAL A 77 -3.85 -4.99 6.88
C VAL A 77 -3.48 -3.59 7.12
N VAL A 78 -4.13 -2.79 6.30
CA VAL A 78 -4.11 -1.39 6.27
C VAL A 78 -4.92 -0.90 7.42
N GLU A 79 -4.42 0.23 7.89
CA GLU A 79 -4.81 0.88 9.10
C GLU A 79 -6.00 1.68 8.75
N SER A 80 -5.89 2.31 7.57
CA SER A 80 -6.83 3.28 7.18
C SER A 80 -6.68 3.37 5.72
N PHE A 81 -7.81 3.50 5.04
CA PHE A 81 -7.82 3.80 3.65
C PHE A 81 -8.17 5.26 3.69
N PRO A 82 -7.23 6.20 3.71
CA PRO A 82 -7.45 7.31 4.56
C PRO A 82 -8.03 8.43 3.74
N THR A 83 -7.20 9.22 3.03
CA THR A 83 -7.46 10.59 3.01
C THR A 83 -8.09 10.96 1.70
N LYS A 84 -7.29 11.60 0.84
CA LYS A 84 -7.64 12.10 -0.46
C LYS A 84 -6.27 12.07 -1.00
N ILE A 85 -6.13 12.10 -2.34
CA ILE A 85 -4.85 12.30 -2.90
C ILE A 85 -4.52 13.74 -2.72
N GLU A 86 -3.34 13.91 -2.14
CA GLU A 86 -2.78 15.17 -1.76
C GLU A 86 -1.58 15.32 -2.63
N GLY A 87 -1.69 16.21 -3.64
CA GLY A 87 -0.67 16.28 -4.64
C GLY A 87 -0.82 15.15 -5.57
N ARG A 88 0.34 14.63 -5.98
CA ARG A 88 0.48 13.57 -6.93
C ARG A 88 0.75 12.29 -6.22
N GLN A 89 0.16 12.05 -5.03
CA GLN A 89 0.56 10.93 -4.20
C GLN A 89 -0.42 10.67 -3.10
N MET A 90 -0.76 9.39 -2.85
CA MET A 90 -1.72 9.01 -1.83
C MET A 90 -1.08 8.06 -0.88
N ILE A 91 -0.97 8.40 0.41
CA ILE A 91 -0.52 7.46 1.39
C ILE A 91 -1.69 6.61 1.78
N MET A 92 -1.42 5.29 1.89
CA MET A 92 -2.18 4.37 2.69
C MET A 92 -1.14 3.77 3.59
N VAL A 93 -1.40 3.67 4.90
CA VAL A 93 -0.46 2.99 5.75
C VAL A 93 -0.86 1.53 5.77
N LEU A 94 0.07 0.55 5.64
CA LEU A 94 -0.37 -0.84 5.65
C LEU A 94 0.32 -1.32 6.92
N ALA A 95 -0.31 -2.17 7.75
CA ALA A 95 0.16 -2.48 9.08
C ALA A 95 -0.16 -3.88 9.49
N PRO A 96 0.21 -4.32 10.68
CA PRO A 96 -0.08 -5.67 11.10
C PRO A 96 -1.55 -5.84 11.29
N LYS A 97 -2.08 -6.99 10.82
CA LYS A 97 -3.46 -7.33 11.02
C LYS A 97 -3.56 -7.90 12.40
N LYS A 98 -4.64 -7.50 13.10
CA LYS A 98 -4.89 -7.96 14.43
C LYS A 98 -5.51 -9.31 14.38
N LYS A 99 -5.09 -10.17 15.34
CA LYS A 99 -5.42 -11.57 15.44
C LYS A 99 -4.95 -12.30 14.23
N GLN A 100 -3.63 -12.24 13.99
CA GLN A 100 -3.00 -12.91 12.90
C GLN A 100 -2.21 -14.06 13.49
N VAL A 10 8.65 -1.34 18.52
CA VAL A 10 9.21 -2.65 18.11
C VAL A 10 8.84 -2.87 16.71
N ILE A 11 7.94 -1.97 16.37
CA ILE A 11 7.31 -1.81 15.09
C ILE A 11 8.05 -0.73 14.36
N GLN A 12 8.64 -1.09 13.20
CA GLN A 12 9.41 -0.17 12.42
C GLN A 12 8.49 0.43 11.42
N VAL A 13 8.93 1.48 10.71
CA VAL A 13 8.26 1.87 9.51
C VAL A 13 9.09 1.38 8.37
N LYS A 14 8.55 0.48 7.52
CA LYS A 14 9.14 0.34 6.21
C LYS A 14 8.22 1.05 5.30
N GLU A 15 8.59 1.16 4.02
CA GLU A 15 7.76 1.84 3.08
C GLU A 15 7.93 1.14 1.77
N ILE A 16 6.90 1.22 0.92
CA ILE A 16 6.94 0.73 -0.43
C ILE A 16 6.34 1.84 -1.24
N LYS A 17 6.52 1.83 -2.58
CA LYS A 17 5.64 2.60 -3.41
C LYS A 17 4.91 1.75 -4.38
N PHE A 18 3.72 2.23 -4.79
CA PHE A 18 2.96 1.65 -5.84
C PHE A 18 2.62 2.71 -6.82
N ARG A 19 2.20 2.25 -8.01
CA ARG A 19 2.00 3.06 -9.16
C ARG A 19 0.54 2.96 -9.52
N PRO A 20 0.12 3.69 -10.54
CA PRO A 20 -1.12 3.51 -11.24
C PRO A 20 -1.24 2.14 -11.83
N GLY A 21 -2.51 1.63 -11.79
CA GLY A 21 -3.01 0.31 -12.15
C GLY A 21 -2.06 -0.53 -12.90
N THR A 22 -1.48 -1.43 -12.11
CA THR A 22 -0.21 -1.96 -12.34
C THR A 22 -0.36 -3.36 -12.84
N ASP A 23 0.71 -4.05 -12.55
CA ASP A 23 1.22 -5.18 -13.23
C ASP A 23 1.32 -6.35 -12.34
N GLU A 24 1.54 -7.54 -12.92
CA GLU A 24 1.62 -8.75 -12.15
C GLU A 24 2.91 -8.70 -11.37
N GLY A 25 4.04 -8.90 -12.06
CA GLY A 25 5.30 -8.89 -11.38
C GLY A 25 6.10 -7.69 -11.65
N ASP A 26 5.42 -6.54 -11.57
CA ASP A 26 6.04 -5.35 -11.10
C ASP A 26 5.52 -5.11 -9.75
N TYR A 27 4.20 -5.32 -9.61
CA TYR A 27 3.51 -4.81 -8.45
C TYR A 27 3.67 -5.78 -7.35
N GLN A 28 3.11 -7.00 -7.49
CA GLN A 28 3.16 -8.07 -6.56
C GLN A 28 4.50 -8.68 -6.22
N VAL A 29 5.54 -8.29 -6.98
CA VAL A 29 6.94 -8.40 -6.56
C VAL A 29 7.16 -7.58 -5.30
N LYS A 30 6.66 -6.35 -5.29
CA LYS A 30 6.77 -5.46 -4.16
C LYS A 30 5.66 -5.51 -3.20
N LEU A 31 4.65 -6.32 -3.52
CA LEU A 31 3.72 -6.76 -2.55
C LEU A 31 4.41 -7.84 -1.79
N ARG A 32 5.32 -8.60 -2.45
CA ARG A 32 6.21 -9.53 -1.79
C ARG A 32 7.14 -8.80 -0.84
N SER A 33 7.70 -7.61 -1.25
CA SER A 33 8.49 -6.86 -0.32
C SER A 33 7.75 -6.46 0.92
N LEU A 34 6.49 -5.97 0.78
CA LEU A 34 5.66 -5.63 1.90
C LEU A 34 5.26 -6.76 2.78
N ILE A 35 5.11 -8.02 2.26
CA ILE A 35 4.78 -9.12 3.11
C ILE A 35 5.86 -9.30 4.10
N ARG A 36 7.09 -9.29 3.58
CA ARG A 36 8.32 -9.45 4.31
C ARG A 36 8.39 -8.44 5.41
N PHE A 37 8.01 -7.17 5.16
CA PHE A 37 8.02 -6.12 6.13
C PHE A 37 7.13 -6.43 7.31
N LEU A 38 5.87 -6.78 7.04
CA LEU A 38 4.85 -7.11 8.01
C LEU A 38 5.04 -8.43 8.71
N GLU A 39 5.86 -9.33 8.11
CA GLU A 39 6.32 -10.57 8.67
C GLU A 39 7.34 -10.31 9.73
N GLU A 40 8.18 -9.25 9.53
CA GLU A 40 9.05 -8.74 10.57
C GLU A 40 8.23 -8.10 11.65
N GLY A 41 7.01 -7.65 11.29
CA GLY A 41 6.11 -6.93 12.12
C GLY A 41 6.54 -5.53 12.01
N ASP A 42 6.34 -4.94 10.81
CA ASP A 42 6.61 -3.57 10.65
C ASP A 42 5.34 -3.05 10.18
N LYS A 43 5.26 -1.74 10.26
CA LYS A 43 4.15 -0.99 9.84
C LYS A 43 4.68 -0.52 8.55
N ALA A 44 4.15 -1.08 7.46
CA ALA A 44 4.66 -0.77 6.18
C ALA A 44 3.79 0.25 5.58
N LYS A 45 4.37 1.38 5.22
CA LYS A 45 3.58 2.48 4.74
C LYS A 45 3.57 2.41 3.27
N ILE A 46 2.38 2.32 2.67
CA ILE A 46 2.27 2.39 1.25
C ILE A 46 2.24 3.84 0.93
N THR A 47 3.06 4.23 -0.06
CA THR A 47 2.93 5.54 -0.62
C THR A 47 2.58 5.28 -2.04
N LEU A 48 1.38 5.73 -2.39
CA LEU A 48 0.97 5.77 -3.76
C LEU A 48 1.62 6.95 -4.37
N ARG A 49 1.88 6.89 -5.69
CA ARG A 49 2.57 7.87 -6.44
C ARG A 49 1.92 7.68 -7.75
N PHE A 50 0.94 8.55 -7.95
CA PHE A 50 0.09 8.66 -9.09
C PHE A 50 0.85 9.24 -10.24
N ARG A 51 0.41 8.91 -11.46
CA ARG A 51 0.77 9.61 -12.66
C ARG A 51 -0.50 10.16 -13.18
N GLY A 52 -1.43 10.42 -12.25
CA GLY A 52 -2.75 10.90 -12.49
C GLY A 52 -2.78 12.38 -12.68
N ARG A 53 -3.58 13.00 -11.82
CA ARG A 53 -3.83 14.42 -11.85
C ARG A 53 -2.85 15.10 -10.95
N GLU A 54 -3.18 16.35 -10.54
CA GLU A 54 -2.52 17.03 -9.46
C GLU A 54 -2.84 16.31 -8.18
N MET A 55 -3.91 16.70 -7.45
CA MET A 55 -4.48 15.82 -6.47
C MET A 55 -5.27 14.84 -7.26
N ALA A 56 -4.78 13.59 -7.27
CA ALA A 56 -5.10 12.63 -8.28
C ALA A 56 -6.41 11.93 -8.12
N HIS A 57 -6.41 10.66 -8.54
CA HIS A 57 -7.62 9.94 -8.82
C HIS A 57 -8.38 9.44 -7.65
N GLN A 58 -7.81 8.40 -6.98
CA GLN A 58 -8.48 7.48 -6.09
C GLN A 58 -9.30 6.53 -6.93
N GLN A 59 -8.86 6.31 -8.18
CA GLN A 59 -9.35 5.30 -9.06
C GLN A 59 -8.10 4.63 -9.44
N ILE A 60 -7.14 5.49 -9.88
CA ILE A 60 -5.75 5.20 -10.04
C ILE A 60 -5.20 4.67 -8.77
N GLY A 61 -5.61 5.28 -7.65
CA GLY A 61 -5.17 4.85 -6.39
C GLY A 61 -5.76 3.59 -5.92
N MET A 62 -7.09 3.56 -5.80
CA MET A 62 -7.72 2.57 -5.00
C MET A 62 -8.01 1.30 -5.75
N GLU A 63 -7.66 1.17 -7.05
CA GLU A 63 -7.27 -0.16 -7.45
C GLU A 63 -6.14 -0.72 -6.72
N VAL A 64 -5.00 -0.04 -6.85
CA VAL A 64 -3.71 -0.53 -6.51
C VAL A 64 -3.66 -0.78 -5.09
N LEU A 65 -3.75 0.29 -4.29
CA LEU A 65 -3.75 0.34 -2.86
C LEU A 65 -4.61 -0.69 -2.23
N ASN A 66 -5.88 -0.73 -2.61
CA ASN A 66 -6.84 -1.73 -2.20
C ASN A 66 -6.59 -3.11 -2.58
N ARG A 67 -5.95 -3.35 -3.74
CA ARG A 67 -5.57 -4.66 -4.09
C ARG A 67 -4.30 -5.05 -3.40
N VAL A 68 -3.56 -4.07 -2.81
CA VAL A 68 -2.44 -4.41 -2.05
C VAL A 68 -2.95 -4.91 -0.76
N LYS A 69 -3.95 -4.21 -0.13
CA LYS A 69 -4.63 -4.64 1.04
C LYS A 69 -5.19 -5.98 0.87
N ASP A 70 -5.96 -6.20 -0.21
CA ASP A 70 -6.75 -7.35 -0.43
C ASP A 70 -5.85 -8.50 -0.68
N ASP A 71 -4.76 -8.28 -1.46
CA ASP A 71 -3.81 -9.37 -1.56
C ASP A 71 -2.94 -9.58 -0.33
N LEU A 72 -2.73 -8.55 0.54
CA LEU A 72 -1.93 -8.68 1.72
C LEU A 72 -2.71 -9.26 2.84
N GLN A 73 -4.03 -8.93 2.94
CA GLN A 73 -5.06 -9.09 3.94
C GLN A 73 -4.98 -10.23 4.88
N GLU A 74 -4.42 -11.31 4.34
CA GLU A 74 -4.04 -12.55 4.97
C GLU A 74 -3.19 -12.37 6.19
N LEU A 75 -2.19 -11.52 6.01
CA LEU A 75 -1.01 -11.36 6.77
C LEU A 75 -1.03 -9.98 7.35
N ALA A 76 -1.25 -8.98 6.47
CA ALA A 76 -1.21 -7.57 6.85
C ALA A 76 -2.54 -6.98 6.71
N VAL A 77 -2.94 -6.05 7.60
CA VAL A 77 -3.82 -5.05 7.11
C VAL A 77 -3.55 -3.62 7.34
N VAL A 78 -4.27 -2.85 6.53
CA VAL A 78 -4.23 -1.46 6.42
C VAL A 78 -5.01 -0.88 7.52
N GLU A 79 -4.54 0.29 7.94
CA GLU A 79 -5.04 0.97 9.09
C GLU A 79 -6.25 1.69 8.65
N SER A 80 -6.15 2.25 7.43
CA SER A 80 -7.20 3.05 6.91
C SER A 80 -7.10 2.90 5.46
N PHE A 81 -8.26 2.84 4.82
CA PHE A 81 -8.33 3.03 3.42
C PHE A 81 -8.90 4.41 3.35
N PRO A 82 -8.15 5.48 3.18
CA PRO A 82 -8.72 6.76 3.37
C PRO A 82 -9.05 7.16 1.96
N THR A 83 -8.35 8.19 1.47
CA THR A 83 -8.91 9.11 0.56
C THR A 83 -7.75 10.00 0.16
N LYS A 84 -6.97 10.51 1.16
CA LYS A 84 -6.39 11.81 1.01
C LYS A 84 -5.08 11.80 0.30
N ILE A 85 -5.15 12.20 -0.98
CA ILE A 85 -4.00 12.40 -1.81
C ILE A 85 -3.57 13.78 -1.50
N GLU A 86 -2.26 13.91 -1.31
CA GLU A 86 -1.58 15.14 -1.03
C GLU A 86 -0.47 15.20 -2.02
N GLY A 87 -0.55 16.15 -2.96
CA GLY A 87 0.31 16.12 -4.12
C GLY A 87 -0.25 15.11 -5.05
N ARG A 88 0.65 14.48 -5.82
CA ARG A 88 0.35 13.45 -6.75
C ARG A 88 0.67 12.14 -6.11
N GLN A 89 0.23 11.93 -4.86
CA GLN A 89 0.68 10.80 -4.10
C GLN A 89 -0.21 10.60 -2.90
N MET A 90 -0.63 9.35 -2.63
CA MET A 90 -1.56 9.05 -1.56
C MET A 90 -0.96 8.05 -0.63
N ILE A 91 -0.84 8.40 0.65
CA ILE A 91 -0.45 7.44 1.62
C ILE A 91 -1.66 6.66 2.02
N MET A 92 -1.51 5.34 1.87
CA MET A 92 -2.32 4.36 2.52
C MET A 92 -1.41 3.76 3.53
N VAL A 93 -1.85 3.68 4.79
CA VAL A 93 -0.95 3.20 5.81
C VAL A 93 -1.20 1.71 6.01
N LEU A 94 -0.16 0.84 6.17
CA LEU A 94 -0.42 -0.60 6.24
C LEU A 94 0.31 -1.06 7.49
N ALA A 95 -0.26 -2.04 8.25
CA ALA A 95 0.19 -2.43 9.55
C ALA A 95 -0.06 -3.88 9.77
N PRO A 96 0.36 -4.50 10.87
CA PRO A 96 0.15 -5.92 11.03
C PRO A 96 -1.31 -6.14 11.32
N LYS A 97 -1.86 -7.26 10.81
CA LYS A 97 -3.22 -7.60 11.11
C LYS A 97 -3.21 -8.21 12.46
N LYS A 98 -4.16 -7.74 13.29
CA LYS A 98 -4.33 -8.19 14.64
C LYS A 98 -5.05 -9.50 14.63
N LYS A 99 -4.29 -10.60 14.78
CA LYS A 99 -4.82 -11.93 14.85
C LYS A 99 -5.07 -12.24 16.29
N GLN A 100 -6.24 -11.81 16.80
CA GLN A 100 -6.58 -11.97 18.17
C GLN A 100 -7.31 -13.29 18.32
N VAL A 10 6.78 -1.04 18.41
CA VAL A 10 7.95 -1.86 18.00
C VAL A 10 7.94 -1.96 16.54
N ILE A 11 6.79 -1.51 16.10
CA ILE A 11 6.35 -1.44 14.73
C ILE A 11 6.82 -0.14 14.19
N GLN A 12 7.71 -0.26 13.18
CA GLN A 12 8.46 0.82 12.61
C GLN A 12 7.77 1.18 11.35
N VAL A 13 8.04 2.38 10.79
CA VAL A 13 7.56 2.68 9.46
C VAL A 13 8.62 2.30 8.49
N LYS A 14 8.31 1.29 7.64
CA LYS A 14 8.96 1.18 6.36
C LYS A 14 8.00 1.54 5.26
N GLU A 15 8.47 1.50 4.00
CA GLU A 15 7.71 1.98 2.88
C GLU A 15 7.93 1.11 1.67
N ILE A 16 6.97 1.11 0.72
CA ILE A 16 7.13 0.60 -0.62
C ILE A 16 6.39 1.62 -1.44
N LYS A 17 6.55 1.61 -2.79
CA LYS A 17 5.66 2.36 -3.66
C LYS A 17 4.88 1.46 -4.55
N PHE A 18 3.73 1.96 -5.07
CA PHE A 18 2.90 1.29 -6.01
C PHE A 18 2.28 2.38 -6.81
N ARG A 19 2.85 2.63 -8.00
CA ARG A 19 2.45 3.68 -8.90
C ARG A 19 1.34 3.20 -9.80
N PRO A 20 0.73 4.03 -10.62
CA PRO A 20 -0.06 3.57 -11.73
C PRO A 20 0.93 3.04 -12.72
N GLY A 21 0.65 1.82 -13.24
CA GLY A 21 1.54 1.13 -14.13
C GLY A 21 2.37 0.17 -13.36
N THR A 22 2.05 0.11 -12.06
CA THR A 22 2.47 -0.96 -11.20
C THR A 22 1.28 -1.81 -11.04
N ASP A 23 1.20 -2.76 -11.96
CA ASP A 23 0.24 -3.80 -11.98
C ASP A 23 1.01 -5.07 -12.09
N GLU A 24 0.32 -6.22 -12.28
CA GLU A 24 0.45 -7.42 -11.51
C GLU A 24 1.82 -7.94 -11.39
N GLY A 25 2.58 -7.91 -12.51
CA GLY A 25 3.84 -8.55 -12.54
C GLY A 25 5.00 -7.75 -12.07
N ASP A 26 4.72 -6.50 -11.78
CA ASP A 26 5.61 -5.60 -11.10
C ASP A 26 5.18 -5.53 -9.68
N TYR A 27 3.87 -5.74 -9.51
CA TYR A 27 3.11 -5.30 -8.37
C TYR A 27 3.11 -6.32 -7.30
N GLN A 28 2.43 -7.45 -7.51
CA GLN A 28 2.43 -8.61 -6.68
C GLN A 28 3.75 -9.27 -6.36
N VAL A 29 4.78 -8.97 -7.17
CA VAL A 29 6.17 -9.22 -6.85
C VAL A 29 6.56 -8.46 -5.61
N LYS A 30 6.25 -7.16 -5.57
CA LYS A 30 6.53 -6.31 -4.45
C LYS A 30 5.42 -6.23 -3.46
N LEU A 31 4.41 -7.08 -3.65
CA LEU A 31 3.45 -7.38 -2.65
C LEU A 31 4.08 -8.45 -1.86
N ARG A 32 4.91 -9.32 -2.50
CA ARG A 32 5.77 -10.23 -1.82
C ARG A 32 6.80 -9.49 -0.98
N SER A 33 7.40 -8.39 -1.54
CA SER A 33 8.24 -7.53 -0.75
C SER A 33 7.56 -7.02 0.48
N LEU A 34 6.30 -6.55 0.33
CA LEU A 34 5.50 -6.07 1.43
C LEU A 34 5.14 -7.03 2.50
N ILE A 35 4.91 -8.31 2.13
CA ILE A 35 4.68 -9.34 3.12
C ILE A 35 5.85 -9.37 4.06
N ARG A 36 7.05 -9.39 3.46
CA ARG A 36 8.33 -9.36 4.14
C ARG A 36 8.45 -8.26 5.15
N PHE A 37 8.03 -7.01 4.79
CA PHE A 37 8.00 -5.88 5.72
C PHE A 37 7.18 -6.10 6.94
N LEU A 38 5.92 -6.54 6.75
CA LEU A 38 4.96 -6.78 7.80
C LEU A 38 5.24 -8.00 8.63
N GLU A 39 6.04 -8.94 8.07
CA GLU A 39 6.55 -10.11 8.74
C GLU A 39 7.66 -9.73 9.68
N GLU A 40 8.46 -8.68 9.30
CA GLU A 40 9.39 -8.07 10.22
C GLU A 40 8.63 -7.33 11.29
N GLY A 41 7.40 -6.90 10.94
CA GLY A 41 6.51 -6.14 11.75
C GLY A 41 6.88 -4.73 11.55
N ASP A 42 6.44 -4.17 10.41
CA ASP A 42 6.52 -2.76 10.25
C ASP A 42 5.18 -2.49 9.74
N LYS A 43 4.80 -1.20 9.69
CA LYS A 43 3.77 -0.87 8.76
C LYS A 43 4.58 -0.60 7.58
N ALA A 44 4.32 -1.35 6.51
CA ALA A 44 4.87 -0.93 5.28
C ALA A 44 3.84 -0.03 4.73
N LYS A 45 4.22 1.21 4.45
CA LYS A 45 3.25 2.15 4.01
C LYS A 45 3.41 2.25 2.55
N ILE A 46 2.31 2.05 1.84
CA ILE A 46 2.32 2.09 0.43
C ILE A 46 2.11 3.51 0.07
N THR A 47 3.04 4.04 -0.74
CA THR A 47 2.93 5.36 -1.23
C THR A 47 2.49 5.23 -2.63
N LEU A 48 1.33 5.84 -2.93
CA LEU A 48 0.93 6.03 -4.28
C LEU A 48 1.65 7.21 -4.74
N ARG A 49 1.94 7.28 -6.04
CA ARG A 49 2.67 8.34 -6.59
C ARG A 49 2.02 8.39 -7.91
N PHE A 50 0.97 9.19 -7.90
CA PHE A 50 -0.02 9.26 -8.93
C PHE A 50 0.53 9.91 -10.14
N ARG A 51 0.11 9.41 -11.30
CA ARG A 51 0.14 10.16 -12.52
C ARG A 51 -1.23 10.71 -12.60
N GLY A 52 -1.47 11.85 -11.93
CA GLY A 52 -2.82 12.19 -11.62
C GLY A 52 -2.85 13.56 -11.05
N ARG A 53 -3.74 13.74 -10.06
CA ARG A 53 -4.10 15.06 -9.63
C ARG A 53 -4.13 15.06 -8.13
N GLU A 54 -4.70 16.15 -7.54
CA GLU A 54 -4.96 16.34 -6.14
C GLU A 54 -5.71 15.16 -5.59
N MET A 55 -7.00 14.99 -5.99
CA MET A 55 -7.63 13.71 -5.96
C MET A 55 -7.54 13.24 -7.39
N ALA A 56 -6.64 12.26 -7.65
CA ALA A 56 -6.44 11.80 -9.00
C ALA A 56 -7.57 10.98 -9.46
N HIS A 57 -7.75 10.02 -8.59
CA HIS A 57 -8.23 8.72 -8.92
C HIS A 57 -9.56 8.39 -8.34
N GLN A 58 -10.10 7.26 -8.84
CA GLN A 58 -10.80 6.33 -8.01
C GLN A 58 -10.17 5.02 -8.32
N GLN A 59 -9.22 5.08 -9.28
CA GLN A 59 -8.64 3.97 -9.97
C GLN A 59 -7.25 3.70 -9.52
N ILE A 60 -6.39 4.74 -9.65
CA ILE A 60 -4.97 4.73 -9.46
C ILE A 60 -4.62 4.28 -8.11
N GLY A 61 -5.21 4.92 -7.09
CA GLY A 61 -4.93 4.58 -5.74
C GLY A 61 -5.58 3.30 -5.38
N MET A 62 -6.92 3.33 -5.39
CA MET A 62 -7.71 2.37 -4.67
C MET A 62 -8.13 1.18 -5.48
N GLU A 63 -7.57 0.94 -6.68
CA GLU A 63 -7.34 -0.41 -7.05
C GLU A 63 -6.25 -1.02 -6.32
N VAL A 64 -5.11 -0.34 -6.38
CA VAL A 64 -3.84 -0.89 -6.09
C VAL A 64 -3.80 -1.18 -4.68
N LEU A 65 -3.83 -0.14 -3.86
CA LEU A 65 -3.85 -0.12 -2.43
C LEU A 65 -4.82 -1.05 -1.80
N ASN A 66 -6.06 -0.98 -2.28
CA ASN A 66 -7.11 -1.90 -1.90
C ASN A 66 -6.83 -3.33 -2.19
N ARG A 67 -6.21 -3.62 -3.34
CA ARG A 67 -5.86 -4.97 -3.66
C ARG A 67 -4.60 -5.38 -2.96
N VAL A 68 -3.80 -4.44 -2.40
CA VAL A 68 -2.63 -4.84 -1.75
C VAL A 68 -3.06 -5.38 -0.44
N LYS A 69 -3.94 -4.64 0.31
CA LYS A 69 -4.57 -5.06 1.50
C LYS A 69 -5.30 -6.32 1.35
N ASP A 70 -6.06 -6.51 0.26
CA ASP A 70 -6.90 -7.62 0.06
C ASP A 70 -6.08 -8.81 -0.24
N ASP A 71 -5.00 -8.66 -1.04
CA ASP A 71 -4.11 -9.79 -1.15
C ASP A 71 -3.22 -10.03 0.07
N LEU A 72 -2.90 -8.99 0.87
CA LEU A 72 -2.07 -9.09 2.02
C LEU A 72 -2.78 -9.60 3.20
N GLN A 73 -4.12 -9.28 3.32
CA GLN A 73 -5.14 -9.47 4.32
C GLN A 73 -5.08 -10.65 5.22
N GLU A 74 -4.36 -11.66 4.74
CA GLU A 74 -3.92 -12.82 5.46
C GLU A 74 -3.16 -12.45 6.69
N LEU A 75 -2.10 -11.67 6.45
CA LEU A 75 -1.06 -11.35 7.35
C LEU A 75 -1.21 -9.93 7.78
N ALA A 76 -1.33 -9.04 6.78
CA ALA A 76 -1.33 -7.60 7.01
C ALA A 76 -2.65 -7.01 6.76
N VAL A 77 -3.10 -6.07 7.61
CA VAL A 77 -3.91 -5.03 7.08
C VAL A 77 -3.57 -3.63 7.37
N VAL A 78 -4.21 -2.80 6.56
CA VAL A 78 -4.09 -1.41 6.55
C VAL A 78 -4.88 -0.86 7.69
N GLU A 79 -4.41 0.31 8.12
CA GLU A 79 -4.89 1.04 9.24
C GLU A 79 -6.08 1.77 8.78
N SER A 80 -5.99 2.29 7.54
CA SER A 80 -7.02 3.13 7.03
C SER A 80 -7.01 2.93 5.57
N PHE A 81 -8.21 2.81 4.98
CA PHE A 81 -8.31 2.68 3.55
C PHE A 81 -9.00 3.90 3.08
N PRO A 82 -8.35 4.94 2.56
CA PRO A 82 -9.02 6.19 2.73
C PRO A 82 -8.89 6.84 1.39
N THR A 83 -8.21 7.99 1.40
CA THR A 83 -8.77 9.15 0.80
C THR A 83 -7.67 10.18 0.72
N LYS A 84 -6.79 10.26 1.74
CA LYS A 84 -6.01 11.44 1.98
C LYS A 84 -4.76 11.44 1.18
N ILE A 85 -4.85 12.05 -0.02
CA ILE A 85 -3.73 12.25 -0.88
C ILE A 85 -3.07 13.50 -0.40
N GLU A 86 -1.73 13.42 -0.35
CA GLU A 86 -0.87 14.48 0.05
C GLU A 86 -0.24 14.98 -1.20
N GLY A 87 -0.82 16.02 -1.81
CA GLY A 87 -0.39 16.42 -3.12
C GLY A 87 -0.99 15.50 -4.11
N ARG A 88 -0.13 15.07 -5.03
CA ARG A 88 -0.41 14.15 -6.08
C ARG A 88 0.24 12.85 -5.72
N GLN A 89 0.03 12.36 -4.47
CA GLN A 89 0.76 11.23 -3.96
C GLN A 89 0.13 10.73 -2.66
N MET A 90 -0.41 9.48 -2.61
CA MET A 90 -1.28 9.03 -1.53
C MET A 90 -0.71 7.91 -0.71
N ILE A 91 -0.50 8.14 0.59
CA ILE A 91 -0.16 7.07 1.46
C ILE A 91 -1.43 6.37 1.91
N MET A 92 -1.46 5.06 1.66
CA MET A 92 -2.26 4.10 2.37
C MET A 92 -1.28 3.51 3.31
N VAL A 93 -1.67 3.39 4.60
CA VAL A 93 -0.71 2.88 5.56
C VAL A 93 -0.98 1.42 5.82
N LEU A 94 -0.06 0.47 5.50
CA LEU A 94 -0.47 -0.92 5.52
C LEU A 94 0.22 -1.45 6.78
N ALA A 95 -0.52 -1.72 7.88
CA ALA A 95 0.03 -2.16 9.14
C ALA A 95 -0.08 -3.63 9.35
N PRO A 96 0.40 -4.16 10.47
CA PRO A 96 0.16 -5.53 10.81
C PRO A 96 -1.29 -5.62 11.16
N LYS A 97 -1.89 -6.83 11.00
CA LYS A 97 -3.30 -6.96 11.21
C LYS A 97 -3.60 -6.91 12.68
N LYS A 98 -4.44 -5.91 12.99
CA LYS A 98 -4.99 -5.56 14.26
C LYS A 98 -6.01 -6.54 14.75
N LYS A 99 -6.64 -6.16 15.88
CA LYS A 99 -7.77 -6.84 16.48
C LYS A 99 -8.94 -6.79 15.53
N GLN A 100 -9.22 -7.93 14.87
CA GLN A 100 -10.35 -8.06 14.00
C GLN A 100 -11.07 -9.32 14.44
N VAL A 10 8.30 -0.50 18.71
CA VAL A 10 9.20 -1.55 18.20
C VAL A 10 8.84 -1.80 16.81
N ILE A 11 7.69 -1.21 16.55
CA ILE A 11 6.99 -1.21 15.31
C ILE A 11 7.51 -0.06 14.52
N GLN A 12 8.14 -0.42 13.39
CA GLN A 12 8.88 0.49 12.57
C GLN A 12 8.00 0.82 11.42
N VAL A 13 8.47 1.74 10.54
CA VAL A 13 7.84 1.95 9.27
C VAL A 13 8.74 1.32 8.26
N LYS A 14 8.20 0.40 7.40
CA LYS A 14 8.90 0.23 6.15
C LYS A 14 8.02 0.85 5.16
N GLU A 15 8.46 0.94 3.90
CA GLU A 15 7.66 1.61 2.93
C GLU A 15 7.88 0.99 1.60
N ILE A 16 6.81 0.99 0.79
CA ILE A 16 6.79 0.47 -0.55
C ILE A 16 6.20 1.59 -1.36
N LYS A 17 6.37 1.57 -2.70
CA LYS A 17 5.53 2.38 -3.54
C LYS A 17 4.81 1.54 -4.54
N PHE A 18 3.62 2.05 -4.96
CA PHE A 18 2.86 1.48 -6.02
C PHE A 18 2.50 2.60 -6.94
N ARG A 19 2.42 2.29 -8.25
CA ARG A 19 2.14 3.25 -9.28
C ARG A 19 0.74 3.02 -9.81
N PRO A 20 0.21 3.94 -10.62
CA PRO A 20 -0.98 3.77 -11.40
C PRO A 20 -0.86 2.61 -12.32
N GLY A 21 -1.95 1.82 -12.42
CA GLY A 21 -1.96 0.60 -13.16
C GLY A 21 -1.09 -0.35 -12.43
N THR A 22 -0.11 -0.86 -13.19
CA THR A 22 0.99 -1.70 -12.83
C THR A 22 0.56 -2.93 -12.13
N ASP A 23 0.67 -4.04 -12.88
CA ASP A 23 0.48 -5.34 -12.35
C ASP A 23 1.72 -6.09 -12.70
N GLU A 24 1.58 -7.30 -13.27
CA GLU A 24 1.49 -8.51 -12.49
C GLU A 24 2.67 -8.58 -11.59
N GLY A 25 3.82 -9.02 -12.15
CA GLY A 25 5.01 -9.17 -11.37
C GLY A 25 5.98 -8.06 -11.60
N ASP A 26 5.45 -6.84 -11.59
CA ASP A 26 6.17 -5.71 -11.09
C ASP A 26 5.64 -5.43 -9.73
N TYR A 27 4.29 -5.51 -9.66
CA TYR A 27 3.47 -5.08 -8.56
C TYR A 27 3.62 -6.05 -7.45
N GLN A 28 3.00 -7.24 -7.57
CA GLN A 28 3.04 -8.31 -6.64
C GLN A 28 4.35 -8.94 -6.26
N VAL A 29 5.41 -8.62 -7.02
CA VAL A 29 6.79 -8.81 -6.59
C VAL A 29 7.07 -7.98 -5.36
N LYS A 30 6.63 -6.72 -5.39
CA LYS A 30 6.78 -5.80 -4.30
C LYS A 30 5.66 -5.78 -3.35
N LEU A 31 4.65 -6.59 -3.64
CA LEU A 31 3.70 -6.96 -2.66
C LEU A 31 4.37 -8.00 -1.84
N ARG A 32 5.27 -8.83 -2.45
CA ARG A 32 6.13 -9.73 -1.74
C ARG A 32 7.08 -8.98 -0.84
N SER A 33 7.70 -7.86 -1.32
CA SER A 33 8.57 -7.12 -0.45
C SER A 33 7.85 -6.52 0.72
N LEU A 34 6.61 -6.04 0.53
CA LEU A 34 5.79 -5.51 1.53
C LEU A 34 5.25 -6.56 2.50
N ILE A 35 5.06 -7.86 2.10
CA ILE A 35 4.76 -8.90 3.06
C ILE A 35 5.85 -8.99 4.08
N ARG A 36 7.09 -9.07 3.57
CA ARG A 36 8.33 -9.21 4.29
C ARG A 36 8.44 -8.16 5.35
N PHE A 37 8.10 -6.89 4.99
CA PHE A 37 8.07 -5.75 5.88
C PHE A 37 7.13 -5.92 7.01
N LEU A 38 5.88 -6.33 6.69
CA LEU A 38 4.88 -6.63 7.65
C LEU A 38 5.23 -7.76 8.62
N GLU A 39 5.98 -8.78 8.11
CA GLU A 39 6.39 -9.99 8.79
C GLU A 39 7.43 -9.71 9.82
N GLU A 40 8.29 -8.68 9.54
CA GLU A 40 9.24 -8.17 10.51
C GLU A 40 8.54 -7.54 11.68
N GLY A 41 7.26 -7.15 11.49
CA GLY A 41 6.43 -6.55 12.48
C GLY A 41 6.68 -5.12 12.34
N ASP A 42 6.40 -4.60 11.13
CA ASP A 42 6.43 -3.19 10.93
C ASP A 42 5.07 -2.92 10.44
N LYS A 43 4.75 -1.62 10.41
CA LYS A 43 3.63 -1.25 9.63
C LYS A 43 4.30 -0.89 8.40
N ALA A 44 3.75 -1.40 7.29
CA ALA A 44 4.44 -1.20 6.08
C ALA A 44 3.65 -0.23 5.31
N LYS A 45 4.23 0.93 5.07
CA LYS A 45 3.45 2.06 4.65
C LYS A 45 3.51 2.18 3.16
N ILE A 46 2.34 2.16 2.52
CA ILE A 46 2.27 2.29 1.11
C ILE A 46 2.29 3.74 0.79
N THR A 47 3.11 4.12 -0.21
CA THR A 47 2.97 5.42 -0.80
C THR A 47 2.53 5.16 -2.19
N LEU A 48 1.33 5.65 -2.47
CA LEU A 48 0.84 5.75 -3.82
C LEU A 48 1.45 6.95 -4.40
N ARG A 49 1.62 6.99 -5.72
CA ARG A 49 2.26 8.06 -6.38
C ARG A 49 1.62 7.99 -7.71
N PHE A 50 0.57 8.81 -7.81
CA PHE A 50 -0.24 9.01 -8.96
C PHE A 50 0.53 9.79 -10.00
N ARG A 51 -0.06 9.96 -11.20
CA ARG A 51 0.21 11.14 -11.98
C ARG A 51 -0.95 12.04 -11.71
N GLY A 52 -0.92 12.72 -10.54
CA GLY A 52 -2.05 13.41 -10.01
C GLY A 52 -1.81 14.87 -10.03
N ARG A 53 -1.47 15.30 -8.82
CA ARG A 53 -1.16 16.65 -8.41
C ARG A 53 -2.42 17.43 -8.27
N GLU A 54 -3.17 17.08 -7.20
CA GLU A 54 -4.28 17.83 -6.70
C GLU A 54 -4.49 17.08 -5.41
N MET A 55 -5.75 16.82 -5.01
CA MET A 55 -6.05 15.59 -4.35
C MET A 55 -6.62 14.80 -5.48
N ALA A 56 -5.83 13.85 -6.04
CA ALA A 56 -6.13 13.36 -7.35
C ALA A 56 -7.14 12.24 -7.38
N HIS A 57 -6.95 11.38 -8.39
CA HIS A 57 -7.52 10.07 -8.61
C HIS A 57 -7.68 9.24 -7.39
N GLN A 58 -8.88 8.67 -7.18
CA GLN A 58 -9.06 7.67 -6.16
C GLN A 58 -9.43 6.42 -6.87
N GLN A 59 -9.29 6.46 -8.21
CA GLN A 59 -9.56 5.34 -9.05
C GLN A 59 -8.28 4.62 -9.19
N ILE A 60 -7.26 5.41 -9.58
CA ILE A 60 -5.88 5.07 -9.69
C ILE A 60 -5.36 4.48 -8.44
N GLY A 61 -5.78 5.07 -7.31
CA GLY A 61 -5.38 4.57 -6.05
C GLY A 61 -5.98 3.30 -5.69
N MET A 62 -7.31 3.27 -5.61
CA MET A 62 -7.96 2.26 -4.87
C MET A 62 -8.20 1.00 -5.66
N GLU A 63 -7.82 0.92 -6.96
CA GLU A 63 -7.39 -0.39 -7.36
C GLU A 63 -6.23 -0.92 -6.67
N VAL A 64 -5.11 -0.20 -6.79
CA VAL A 64 -3.82 -0.69 -6.50
C VAL A 64 -3.73 -0.97 -5.08
N LEU A 65 -3.80 0.10 -4.29
CA LEU A 65 -3.78 0.17 -2.86
C LEU A 65 -4.64 -0.84 -2.19
N ASN A 66 -5.92 -0.85 -2.56
CA ASN A 66 -6.87 -1.83 -2.11
C ASN A 66 -6.66 -3.24 -2.52
N ARG A 67 -6.03 -3.47 -3.68
CA ARG A 67 -5.66 -4.80 -4.03
C ARG A 67 -4.40 -5.17 -3.33
N VAL A 68 -3.65 -4.19 -2.77
CA VAL A 68 -2.50 -4.55 -2.03
C VAL A 68 -2.97 -5.06 -0.72
N LYS A 69 -3.95 -4.38 -0.06
CA LYS A 69 -4.63 -4.85 1.12
C LYS A 69 -5.20 -6.19 0.95
N ASP A 70 -5.93 -6.43 -0.16
CA ASP A 70 -6.69 -7.59 -0.42
C ASP A 70 -5.79 -8.71 -0.72
N ASP A 71 -4.69 -8.46 -1.47
CA ASP A 71 -3.73 -9.53 -1.58
C ASP A 71 -2.84 -9.74 -0.34
N LEU A 72 -2.61 -8.70 0.50
CA LEU A 72 -1.86 -8.80 1.72
C LEU A 72 -2.63 -9.41 2.83
N GLN A 73 -3.98 -9.22 2.86
CA GLN A 73 -5.05 -9.60 3.76
C GLN A 73 -4.94 -10.84 4.58
N GLU A 74 -4.05 -11.72 4.11
CA GLU A 74 -3.53 -12.86 4.79
C GLU A 74 -2.90 -12.48 6.09
N LEU A 75 -1.84 -11.67 5.97
CA LEU A 75 -1.00 -11.25 7.03
C LEU A 75 -1.45 -9.93 7.53
N ALA A 76 -1.53 -8.99 6.58
CA ALA A 76 -1.65 -7.59 6.91
C ALA A 76 -3.04 -7.19 6.80
N VAL A 77 -3.50 -6.26 7.64
CA VAL A 77 -4.29 -5.25 7.04
C VAL A 77 -3.82 -3.89 7.20
N VAL A 78 -4.53 -3.04 6.46
CA VAL A 78 -4.31 -1.66 6.33
C VAL A 78 -4.95 -1.01 7.50
N GLU A 79 -4.39 0.16 7.84
CA GLU A 79 -4.76 0.89 9.00
C GLU A 79 -5.98 1.63 8.64
N SER A 80 -5.96 2.17 7.41
CA SER A 80 -7.01 2.99 6.96
C SER A 80 -6.93 2.91 5.51
N PHE A 81 -8.10 2.90 4.87
CA PHE A 81 -8.17 3.09 3.48
C PHE A 81 -8.67 4.50 3.41
N PRO A 82 -7.86 5.52 3.30
CA PRO A 82 -8.29 6.79 3.75
C PRO A 82 -8.67 7.50 2.49
N THR A 83 -7.87 8.52 2.15
CA THR A 83 -8.40 9.72 1.63
C THR A 83 -7.23 10.53 1.13
N LYS A 84 -6.10 10.55 1.88
CA LYS A 84 -5.23 11.69 1.95
C LYS A 84 -4.20 11.73 0.87
N ILE A 85 -4.61 12.16 -0.35
CA ILE A 85 -3.69 12.46 -1.37
C ILE A 85 -3.27 13.84 -1.09
N GLU A 86 -1.97 13.95 -0.96
CA GLU A 86 -1.26 15.18 -0.72
C GLU A 86 -0.28 15.29 -1.84
N GLY A 87 -0.59 16.14 -2.84
CA GLY A 87 0.22 16.19 -4.03
C GLY A 87 -0.25 15.15 -4.98
N ARG A 88 0.71 14.57 -5.69
CA ARG A 88 0.52 13.56 -6.68
C ARG A 88 0.76 12.22 -6.07
N GLN A 89 0.28 12.00 -4.83
CA GLN A 89 0.60 10.79 -4.11
C GLN A 89 -0.20 10.64 -2.85
N MET A 90 -0.63 9.40 -2.54
CA MET A 90 -1.46 9.09 -1.40
C MET A 90 -0.77 8.11 -0.53
N ILE A 91 -0.57 8.44 0.74
CA ILE A 91 -0.18 7.45 1.67
C ILE A 91 -1.42 6.73 2.13
N MET A 92 -1.38 5.41 1.92
CA MET A 92 -2.24 4.46 2.57
C MET A 92 -1.30 3.81 3.50
N VAL A 93 -1.67 3.71 4.78
CA VAL A 93 -0.72 3.12 5.69
C VAL A 93 -1.11 1.67 5.76
N LEU A 94 -0.17 0.69 5.75
CA LEU A 94 -0.61 -0.68 5.82
C LEU A 94 0.05 -1.08 7.11
N ALA A 95 -0.54 -2.04 7.88
CA ALA A 95 -0.10 -2.34 9.20
C ALA A 95 -0.16 -3.82 9.44
N PRO A 96 0.18 -4.32 10.62
CA PRO A 96 -0.15 -5.68 10.99
C PRO A 96 -1.62 -5.79 11.20
N LYS A 97 -2.18 -6.98 10.89
CA LYS A 97 -3.55 -7.27 11.22
C LYS A 97 -3.57 -7.66 12.66
N LYS A 98 -4.64 -7.22 13.36
CA LYS A 98 -4.95 -7.68 14.69
C LYS A 98 -5.55 -9.04 14.57
N LYS A 99 -4.72 -10.09 14.74
CA LYS A 99 -5.17 -11.45 14.66
C LYS A 99 -5.77 -11.82 15.97
N GLN A 100 -7.11 -12.00 15.97
CA GLN A 100 -7.85 -12.32 17.14
C GLN A 100 -8.49 -13.69 16.90
N VAL A 10 9.29 -0.94 18.40
CA VAL A 10 10.02 -2.19 18.07
C VAL A 10 9.63 -2.57 16.70
N ILE A 11 8.60 -1.85 16.34
CA ILE A 11 7.93 -1.84 15.07
C ILE A 11 8.54 -0.76 14.25
N GLN A 12 9.04 -1.13 13.05
CA GLN A 12 9.69 -0.18 12.19
C GLN A 12 8.64 0.34 11.29
N VAL A 13 8.93 1.42 10.55
CA VAL A 13 8.12 1.75 9.42
C VAL A 13 8.89 1.39 8.21
N LYS A 14 8.33 0.49 7.35
CA LYS A 14 8.94 0.37 6.06
C LYS A 14 8.08 1.13 5.14
N GLU A 15 8.50 1.23 3.88
CA GLU A 15 7.69 1.89 2.92
C GLU A 15 7.87 1.13 1.65
N ILE A 16 6.84 1.17 0.79
CA ILE A 16 6.96 0.70 -0.56
C ILE A 16 6.29 1.78 -1.35
N LYS A 17 6.52 1.85 -2.68
CA LYS A 17 5.64 2.62 -3.51
C LYS A 17 4.92 1.73 -4.47
N PHE A 18 3.72 2.18 -4.88
CA PHE A 18 2.99 1.59 -5.95
C PHE A 18 2.72 2.71 -6.88
N ARG A 19 3.02 2.47 -8.19
CA ARG A 19 2.92 3.45 -9.22
C ARG A 19 1.57 3.35 -9.88
N PRO A 20 1.19 4.30 -10.74
CA PRO A 20 -0.08 4.32 -11.43
C PRO A 20 -0.05 3.21 -12.43
N GLY A 21 -1.20 2.51 -12.55
CA GLY A 21 -1.24 1.26 -13.25
C GLY A 21 -0.55 0.28 -12.38
N THR A 22 0.49 -0.32 -12.99
CA THR A 22 1.42 -1.27 -12.47
C THR A 22 0.76 -2.48 -11.93
N ASP A 23 0.84 -3.56 -12.72
CA ASP A 23 0.21 -4.76 -12.36
C ASP A 23 1.18 -5.88 -12.28
N GLU A 24 0.64 -7.12 -12.19
CA GLU A 24 1.07 -8.32 -11.52
C GLU A 24 2.54 -8.44 -11.33
N GLY A 25 3.19 -8.42 -12.50
CA GLY A 25 4.56 -8.30 -12.85
C GLY A 25 5.47 -7.77 -11.84
N ASP A 26 5.30 -6.47 -11.71
CA ASP A 26 6.03 -5.54 -10.95
C ASP A 26 5.44 -5.43 -9.60
N TYR A 27 4.11 -5.58 -9.60
CA TYR A 27 3.27 -5.16 -8.51
C TYR A 27 3.40 -6.10 -7.38
N GLN A 28 2.84 -7.32 -7.50
CA GLN A 28 2.89 -8.36 -6.53
C GLN A 28 4.22 -8.97 -6.16
N VAL A 29 5.27 -8.60 -6.90
CA VAL A 29 6.65 -8.74 -6.48
C VAL A 29 6.91 -7.90 -5.26
N LYS A 30 6.40 -6.66 -5.26
CA LYS A 30 6.53 -5.75 -4.16
C LYS A 30 5.43 -5.76 -3.18
N LEU A 31 4.40 -6.55 -3.50
CA LEU A 31 3.44 -6.96 -2.54
C LEU A 31 4.12 -8.02 -1.73
N ARG A 32 4.98 -8.82 -2.39
CA ARG A 32 5.88 -9.76 -1.77
C ARG A 32 6.84 -9.06 -0.83
N SER A 33 7.40 -7.89 -1.25
CA SER A 33 8.24 -7.11 -0.38
C SER A 33 7.56 -6.72 0.90
N LEU A 34 6.31 -6.22 0.81
CA LEU A 34 5.51 -5.86 1.96
C LEU A 34 5.05 -6.98 2.83
N ILE A 35 4.87 -8.21 2.30
CA ILE A 35 4.56 -9.35 3.14
C ILE A 35 5.65 -9.53 4.12
N ARG A 36 6.89 -9.55 3.57
CA ARG A 36 8.13 -9.67 4.25
C ARG A 36 8.21 -8.68 5.35
N PHE A 37 7.83 -7.41 5.11
CA PHE A 37 7.89 -6.37 6.09
C PHE A 37 7.01 -6.62 7.28
N LEU A 38 5.72 -6.88 7.05
CA LEU A 38 4.71 -7.11 8.06
C LEU A 38 4.88 -8.39 8.83
N GLU A 39 5.47 -9.42 8.20
CA GLU A 39 5.75 -10.70 8.80
C GLU A 39 6.94 -10.61 9.70
N GLU A 40 7.90 -9.70 9.38
CA GLU A 40 9.00 -9.41 10.27
C GLU A 40 8.58 -8.39 11.31
N GLY A 41 7.32 -7.93 11.22
CA GLY A 41 6.67 -7.06 12.14
C GLY A 41 7.14 -5.67 11.93
N ASP A 42 6.74 -5.09 10.81
CA ASP A 42 6.94 -3.71 10.60
C ASP A 42 5.60 -3.29 10.25
N LYS A 43 5.44 -1.98 10.35
CA LYS A 43 4.29 -1.32 9.92
C LYS A 43 4.79 -0.87 8.60
N ALA A 44 4.35 -1.49 7.50
CA ALA A 44 4.82 -1.00 6.23
C ALA A 44 3.89 0.12 5.89
N LYS A 45 4.28 1.09 5.08
CA LYS A 45 3.31 2.06 4.65
C LYS A 45 3.50 2.22 3.17
N ILE A 46 2.40 2.12 2.41
CA ILE A 46 2.40 2.32 1.00
C ILE A 46 2.31 3.78 0.74
N THR A 47 3.09 4.26 -0.23
CA THR A 47 2.90 5.58 -0.74
C THR A 47 2.53 5.38 -2.18
N LEU A 48 1.42 5.98 -2.59
CA LEU A 48 1.17 6.08 -4.00
C LEU A 48 1.86 7.27 -4.48
N ARG A 49 2.22 7.25 -5.76
CA ARG A 49 2.95 8.29 -6.36
C ARG A 49 2.45 8.15 -7.72
N PHE A 50 1.39 8.92 -7.93
CA PHE A 50 0.66 9.04 -9.16
C PHE A 50 1.53 9.85 -10.07
N ARG A 51 1.25 9.87 -11.39
CA ARG A 51 1.79 10.92 -12.22
C ARG A 51 0.89 12.08 -11.95
N GLY A 52 1.33 13.01 -11.08
CA GLY A 52 0.46 13.78 -10.23
C GLY A 52 -0.55 14.64 -10.89
N ARG A 53 -1.81 14.41 -10.45
CA ARG A 53 -3.02 15.16 -10.73
C ARG A 53 -3.40 15.29 -12.17
N GLU A 54 -2.92 14.33 -12.99
CA GLU A 54 -3.42 14.07 -14.29
C GLU A 54 -3.73 12.63 -14.22
N MET A 55 -2.99 11.94 -13.32
CA MET A 55 -3.17 10.53 -13.06
C MET A 55 -3.30 10.34 -11.59
N ALA A 56 -3.35 11.40 -10.76
CA ALA A 56 -3.73 11.25 -9.37
C ALA A 56 -5.20 11.07 -9.21
N HIS A 57 -5.61 9.79 -9.24
CA HIS A 57 -6.99 9.40 -9.15
C HIS A 57 -7.06 8.43 -8.03
N GLN A 58 -8.28 8.15 -7.54
CA GLN A 58 -8.50 7.06 -6.61
C GLN A 58 -9.02 5.87 -7.37
N GLN A 59 -8.86 5.92 -8.71
CA GLN A 59 -9.01 4.81 -9.58
C GLN A 59 -7.65 4.21 -9.63
N ILE A 60 -6.70 5.13 -9.89
CA ILE A 60 -5.31 4.91 -10.06
C ILE A 60 -4.76 4.47 -8.77
N GLY A 61 -5.29 5.04 -7.70
CA GLY A 61 -4.88 4.69 -6.41
C GLY A 61 -5.47 3.43 -5.93
N MET A 62 -6.80 3.44 -5.73
CA MET A 62 -7.48 2.42 -4.99
C MET A 62 -8.04 1.34 -5.86
N GLU A 63 -7.51 1.10 -7.06
CA GLU A 63 -7.24 -0.28 -7.38
C GLU A 63 -6.13 -0.87 -6.64
N VAL A 64 -4.98 -0.20 -6.76
CA VAL A 64 -3.70 -0.73 -6.44
C VAL A 64 -3.67 -1.00 -5.02
N LEU A 65 -3.75 0.07 -4.22
CA LEU A 65 -3.75 0.09 -2.79
C LEU A 65 -4.64 -0.93 -2.17
N ASN A 66 -5.90 -0.88 -2.59
CA ASN A 66 -6.96 -1.77 -2.22
C ASN A 66 -6.69 -3.18 -2.52
N ARG A 67 -6.03 -3.49 -3.66
CA ARG A 67 -5.69 -4.85 -3.91
C ARG A 67 -4.44 -5.23 -3.17
N VAL A 68 -3.67 -4.25 -2.66
CA VAL A 68 -2.54 -4.59 -1.89
C VAL A 68 -3.03 -5.04 -0.56
N LYS A 69 -4.03 -4.32 0.08
CA LYS A 69 -4.73 -4.77 1.24
C LYS A 69 -5.29 -6.10 1.01
N ASP A 70 -6.06 -6.31 -0.07
CA ASP A 70 -6.86 -7.46 -0.28
C ASP A 70 -6.00 -8.64 -0.45
N ASP A 71 -4.86 -8.48 -1.18
CA ASP A 71 -3.95 -9.59 -1.18
C ASP A 71 -3.12 -9.77 0.09
N LEU A 72 -2.84 -8.70 0.87
CA LEU A 72 -2.06 -8.79 2.06
C LEU A 72 -2.81 -9.27 3.25
N GLN A 73 -4.13 -8.93 3.33
CA GLN A 73 -5.17 -9.07 4.33
C GLN A 73 -5.11 -10.22 5.27
N GLU A 74 -4.50 -11.29 4.75
CA GLU A 74 -4.16 -12.50 5.43
C GLU A 74 -3.32 -12.28 6.64
N LEU A 75 -2.24 -11.54 6.40
CA LEU A 75 -1.12 -11.40 7.27
C LEU A 75 -1.10 -10.00 7.82
N ALA A 76 -1.13 -9.03 6.89
CA ALA A 76 -1.07 -7.61 7.21
C ALA A 76 -2.46 -7.20 7.23
N VAL A 77 -2.81 -6.15 8.00
CA VAL A 77 -3.73 -5.28 7.38
C VAL A 77 -3.18 -3.96 7.17
N VAL A 78 -4.12 -3.07 6.91
CA VAL A 78 -3.98 -1.71 6.71
C VAL A 78 -4.55 -1.06 7.92
N GLU A 79 -4.22 0.22 8.09
CA GLU A 79 -4.76 1.04 9.12
C GLU A 79 -6.07 1.53 8.62
N SER A 80 -6.06 1.93 7.33
CA SER A 80 -7.14 2.69 6.80
C SER A 80 -7.10 2.62 5.32
N PHE A 81 -8.25 2.79 4.65
CA PHE A 81 -8.28 2.98 3.25
C PHE A 81 -8.64 4.42 3.10
N PRO A 82 -7.69 5.33 3.12
CA PRO A 82 -7.91 6.51 3.89
C PRO A 82 -8.42 7.60 3.01
N THR A 83 -7.55 8.27 2.23
CA THR A 83 -7.65 9.63 2.02
C THR A 83 -8.40 9.94 0.78
N LYS A 84 -8.04 11.15 0.40
CA LYS A 84 -8.41 11.88 -0.77
C LYS A 84 -7.11 12.55 -1.01
N ILE A 85 -6.64 12.51 -2.28
CA ILE A 85 -5.30 12.86 -2.64
C ILE A 85 -5.10 14.32 -2.49
N GLU A 86 -3.98 14.59 -1.83
CA GLU A 86 -3.47 15.90 -1.57
C GLU A 86 -2.09 15.82 -2.11
N GLY A 87 -1.77 16.72 -3.05
CA GLY A 87 -0.52 16.62 -3.75
C GLY A 87 -0.63 15.59 -4.82
N ARG A 88 0.55 15.05 -5.18
CA ARG A 88 0.73 14.20 -6.32
C ARG A 88 0.86 12.77 -5.95
N GLN A 89 0.25 12.36 -4.82
CA GLN A 89 0.63 11.15 -4.14
C GLN A 89 -0.34 10.87 -3.02
N MET A 90 -0.60 9.56 -2.70
CA MET A 90 -1.61 9.22 -1.72
C MET A 90 -1.19 8.03 -0.88
N ILE A 91 -1.03 8.21 0.44
CA ILE A 91 -0.62 7.16 1.31
C ILE A 91 -1.80 6.28 1.64
N MET A 92 -1.55 4.95 1.66
CA MET A 92 -2.32 3.99 2.42
C MET A 92 -1.34 3.49 3.42
N VAL A 93 -1.76 3.38 4.69
CA VAL A 93 -0.85 2.95 5.72
C VAL A 93 -1.05 1.46 5.96
N LEU A 94 0.01 0.62 5.91
CA LEU A 94 -0.05 -0.84 5.86
C LEU A 94 0.45 -1.62 7.10
N ALA A 95 -0.31 -1.66 8.22
CA ALA A 95 0.16 -2.13 9.52
C ALA A 95 -0.29 -3.48 10.04
N PRO A 96 0.44 -4.15 10.95
CA PRO A 96 0.27 -5.57 11.20
C PRO A 96 -1.05 -5.87 11.81
N LYS A 97 -1.64 -7.02 11.39
CA LYS A 97 -2.96 -7.37 11.82
C LYS A 97 -2.86 -7.90 13.20
N LYS A 98 -3.78 -7.40 14.04
CA LYS A 98 -4.01 -7.81 15.40
C LYS A 98 -4.40 -9.26 15.45
N LYS A 99 -3.65 -10.03 16.26
CA LYS A 99 -3.90 -11.43 16.43
C LYS A 99 -5.06 -11.63 17.34
N GLN A 100 -5.83 -12.70 17.09
CA GLN A 100 -6.96 -13.04 17.90
C GLN A 100 -6.45 -13.76 19.15
N VAL A 10 9.48 -1.01 18.34
CA VAL A 10 10.11 -2.30 17.97
C VAL A 10 9.64 -2.65 16.63
N ILE A 11 8.64 -1.86 16.31
CA ILE A 11 7.93 -1.81 15.06
C ILE A 11 8.53 -0.70 14.26
N GLN A 12 9.08 -1.06 13.08
CA GLN A 12 9.77 -0.12 12.25
C GLN A 12 8.80 0.38 11.25
N VAL A 13 9.19 1.42 10.48
CA VAL A 13 8.49 1.68 9.27
C VAL A 13 9.29 1.12 8.15
N LYS A 14 8.73 0.17 7.35
CA LYS A 14 9.28 0.03 6.02
C LYS A 14 8.32 0.67 5.10
N GLU A 15 8.71 0.79 3.83
CA GLU A 15 7.89 1.47 2.89
C GLU A 15 8.06 0.78 1.58
N ILE A 16 6.98 0.80 0.78
CA ILE A 16 6.98 0.27 -0.56
C ILE A 16 6.42 1.40 -1.36
N LYS A 17 6.61 1.40 -2.71
CA LYS A 17 5.79 2.24 -3.54
C LYS A 17 5.02 1.44 -4.51
N PHE A 18 3.86 1.99 -4.93
CA PHE A 18 3.10 1.49 -6.03
C PHE A 18 2.90 2.65 -6.92
N ARG A 19 2.96 2.41 -8.24
CA ARG A 19 2.65 3.40 -9.22
C ARG A 19 1.41 2.94 -9.91
N PRO A 20 0.74 3.81 -10.66
CA PRO A 20 -0.28 3.44 -11.61
C PRO A 20 0.36 2.66 -12.71
N GLY A 21 -0.31 1.58 -13.14
CA GLY A 21 0.10 0.82 -14.30
C GLY A 21 1.16 -0.16 -13.97
N THR A 22 1.31 -0.38 -12.67
CA THR A 22 2.16 -1.36 -12.11
C THR A 22 1.25 -2.43 -11.67
N ASP A 23 1.20 -3.44 -12.52
CA ASP A 23 0.62 -4.70 -12.29
C ASP A 23 1.68 -5.69 -12.64
N GLU A 24 1.32 -6.84 -13.27
CA GLU A 24 0.87 -7.97 -12.52
C GLU A 24 1.96 -8.40 -11.59
N GLY A 25 3.00 -9.07 -12.12
CA GLY A 25 4.07 -9.54 -11.30
C GLY A 25 5.27 -8.67 -11.40
N ASP A 26 5.03 -7.36 -11.40
CA ASP A 26 5.94 -6.40 -10.87
C ASP A 26 5.40 -5.98 -9.54
N TYR A 27 4.06 -5.85 -9.53
CA TYR A 27 3.26 -5.31 -8.46
C TYR A 27 3.26 -6.25 -7.32
N GLN A 28 2.56 -7.39 -7.44
CA GLN A 28 2.51 -8.44 -6.50
C GLN A 28 3.77 -9.14 -6.09
N VAL A 29 4.85 -8.95 -6.87
CA VAL A 29 6.20 -9.26 -6.47
C VAL A 29 6.68 -8.33 -5.36
N LYS A 30 6.32 -7.05 -5.42
CA LYS A 30 6.61 -6.11 -4.36
C LYS A 30 5.53 -5.98 -3.35
N LEU A 31 4.44 -6.70 -3.58
CA LEU A 31 3.48 -6.96 -2.56
C LEU A 31 4.07 -8.06 -1.76
N ARG A 32 4.87 -8.96 -2.42
CA ARG A 32 5.69 -9.94 -1.77
C ARG A 32 6.72 -9.28 -0.88
N SER A 33 7.41 -8.20 -1.38
CA SER A 33 8.36 -7.51 -0.56
C SER A 33 7.75 -6.92 0.69
N LEU A 34 6.58 -6.28 0.54
CA LEU A 34 5.79 -5.68 1.55
C LEU A 34 5.19 -6.68 2.52
N ILE A 35 4.87 -7.96 2.12
CA ILE A 35 4.47 -8.98 3.05
C ILE A 35 5.56 -9.15 4.06
N ARG A 36 6.79 -9.34 3.53
CA ARG A 36 8.00 -9.61 4.26
C ARG A 36 8.23 -8.56 5.29
N PHE A 37 7.97 -7.27 4.95
CA PHE A 37 8.09 -6.16 5.86
C PHE A 37 7.15 -6.27 7.01
N LEU A 38 5.85 -6.51 6.71
CA LEU A 38 4.84 -6.71 7.71
C LEU A 38 5.09 -7.88 8.64
N GLU A 39 5.66 -8.97 8.07
CA GLU A 39 5.83 -10.30 8.62
C GLU A 39 6.94 -10.29 9.62
N GLU A 40 7.99 -9.48 9.34
CA GLU A 40 9.10 -9.28 10.24
C GLU A 40 8.74 -8.30 11.34
N GLY A 41 7.47 -7.88 11.39
CA GLY A 41 6.89 -7.06 12.39
C GLY A 41 7.31 -5.67 12.15
N ASP A 42 6.88 -5.13 11.00
CA ASP A 42 7.05 -3.75 10.78
C ASP A 42 5.72 -3.32 10.41
N LYS A 43 5.59 -2.01 10.46
CA LYS A 43 4.46 -1.33 10.02
C LYS A 43 4.97 -0.90 8.73
N ALA A 44 4.34 -1.40 7.67
CA ALA A 44 4.76 -1.05 6.37
C ALA A 44 3.99 0.20 6.08
N LYS A 45 4.40 1.03 5.12
CA LYS A 45 3.54 2.09 4.65
C LYS A 45 3.66 2.08 3.16
N ILE A 46 2.53 2.10 2.45
CA ILE A 46 2.52 2.28 1.04
C ILE A 46 2.60 3.75 0.75
N THR A 47 3.46 4.12 -0.22
CA THR A 47 3.37 5.42 -0.81
C THR A 47 2.98 5.18 -2.22
N LEU A 48 1.78 5.67 -2.53
CA LEU A 48 1.31 5.77 -3.88
C LEU A 48 1.84 7.04 -4.40
N ARG A 49 2.10 7.13 -5.72
CA ARG A 49 2.79 8.21 -6.30
C ARG A 49 2.23 8.14 -7.67
N PHE A 50 1.31 9.08 -7.90
CA PHE A 50 0.48 9.19 -9.06
C PHE A 50 1.23 9.88 -10.15
N ARG A 51 1.99 9.11 -10.92
CA ARG A 51 2.78 9.64 -12.01
C ARG A 51 2.39 8.92 -13.25
N GLY A 52 1.10 8.50 -13.30
CA GLY A 52 0.50 7.96 -14.47
C GLY A 52 -0.22 9.09 -15.07
N ARG A 53 -0.72 9.90 -14.15
CA ARG A 53 -1.20 11.20 -14.46
C ARG A 53 -0.79 11.92 -13.24
N GLU A 54 0.01 12.99 -13.42
CA GLU A 54 0.82 13.61 -12.41
C GLU A 54 0.09 14.19 -11.23
N MET A 55 -1.24 14.41 -11.34
CA MET A 55 -2.05 14.87 -10.26
C MET A 55 -2.25 13.78 -9.21
N ALA A 56 -3.43 13.13 -9.18
CA ALA A 56 -3.88 12.47 -7.99
C ALA A 56 -5.25 12.00 -8.26
N HIS A 57 -5.44 10.67 -8.38
CA HIS A 57 -6.72 10.10 -8.67
C HIS A 57 -7.17 9.17 -7.59
N GLN A 58 -8.50 9.08 -7.38
CA GLN A 58 -9.04 8.13 -6.45
C GLN A 58 -9.14 6.79 -7.10
N GLN A 59 -9.00 6.80 -8.42
CA GLN A 59 -9.08 5.66 -9.28
C GLN A 59 -7.76 4.99 -9.31
N ILE A 60 -6.71 5.81 -9.63
CA ILE A 60 -5.34 5.45 -9.67
C ILE A 60 -4.92 4.81 -8.40
N GLY A 61 -5.34 5.39 -7.27
CA GLY A 61 -5.02 4.84 -6.02
C GLY A 61 -5.72 3.60 -5.72
N MET A 62 -7.05 3.64 -5.68
CA MET A 62 -7.77 2.67 -4.95
C MET A 62 -8.05 1.41 -5.75
N GLU A 63 -7.64 1.31 -7.03
CA GLU A 63 -7.26 -0.02 -7.44
C GLU A 63 -6.16 -0.62 -6.72
N VAL A 64 -4.98 0.01 -6.86
CA VAL A 64 -3.72 -0.53 -6.50
C VAL A 64 -3.70 -0.75 -5.07
N LEU A 65 -3.72 0.33 -4.31
CA LEU A 65 -3.74 0.42 -2.88
C LEU A 65 -4.64 -0.53 -2.22
N ASN A 66 -5.91 -0.51 -2.60
CA ASN A 66 -6.91 -1.45 -2.14
C ASN A 66 -6.73 -2.87 -2.48
N ARG A 67 -6.08 -3.15 -3.62
CA ARG A 67 -5.75 -4.50 -3.92
C ARG A 67 -4.49 -4.89 -3.22
N VAL A 68 -3.71 -3.92 -2.68
CA VAL A 68 -2.58 -4.28 -1.94
C VAL A 68 -3.06 -4.73 -0.60
N LYS A 69 -4.02 -4.00 0.03
CA LYS A 69 -4.72 -4.39 1.22
C LYS A 69 -5.32 -5.72 1.08
N ASP A 70 -6.07 -5.97 -0.01
CA ASP A 70 -6.88 -7.10 -0.20
C ASP A 70 -6.03 -8.28 -0.47
N ASP A 71 -4.93 -8.09 -1.24
CA ASP A 71 -4.01 -9.21 -1.30
C ASP A 71 -3.16 -9.40 -0.05
N LEU A 72 -2.89 -8.34 0.76
CA LEU A 72 -2.12 -8.44 1.97
C LEU A 72 -2.90 -8.99 3.09
N GLN A 73 -4.23 -8.72 3.13
CA GLN A 73 -5.31 -8.99 4.06
C GLN A 73 -5.26 -10.19 4.94
N GLU A 74 -4.48 -11.16 4.47
CA GLU A 74 -4.05 -12.33 5.17
C GLU A 74 -3.34 -11.97 6.43
N LEU A 75 -2.24 -11.26 6.25
CA LEU A 75 -1.29 -10.93 7.26
C LEU A 75 -1.62 -9.57 7.78
N ALA A 76 -1.68 -8.62 6.83
CA ALA A 76 -1.70 -7.21 7.15
C ALA A 76 -3.08 -6.76 7.09
N VAL A 77 -3.39 -5.74 7.90
CA VAL A 77 -4.09 -4.70 7.26
C VAL A 77 -3.44 -3.40 7.25
N VAL A 78 -4.12 -2.55 6.49
CA VAL A 78 -3.90 -1.18 6.32
C VAL A 78 -4.53 -0.54 7.49
N GLU A 79 -3.98 0.62 7.87
CA GLU A 79 -4.37 1.32 9.03
C GLU A 79 -5.59 2.07 8.65
N SER A 80 -5.55 2.58 7.42
CA SER A 80 -6.60 3.38 6.92
C SER A 80 -6.56 3.23 5.47
N PHE A 81 -7.74 3.06 4.90
CA PHE A 81 -7.93 3.39 3.52
C PHE A 81 -8.47 4.76 3.73
N PRO A 82 -7.94 5.86 3.20
CA PRO A 82 -8.67 7.09 3.21
C PRO A 82 -9.70 6.84 2.15
N THR A 83 -9.37 7.09 0.87
CA THR A 83 -10.06 6.82 -0.30
C THR A 83 -9.06 7.48 -1.20
N LYS A 84 -8.79 8.78 -0.89
CA LYS A 84 -8.18 9.72 -1.79
C LYS A 84 -7.05 10.39 -1.11
N ILE A 85 -6.37 11.22 -1.91
CA ILE A 85 -5.15 11.88 -1.61
C ILE A 85 -5.45 13.24 -1.06
N GLU A 86 -4.53 13.71 -0.19
CA GLU A 86 -4.38 15.11 0.14
C GLU A 86 -3.01 15.47 -0.37
N GLY A 87 -2.91 15.82 -1.67
CA GLY A 87 -1.63 15.99 -2.30
C GLY A 87 -1.66 15.30 -3.63
N ARG A 88 -0.45 15.04 -4.19
CA ARG A 88 -0.27 14.51 -5.51
C ARG A 88 0.35 13.14 -5.46
N GLN A 89 0.05 12.36 -4.40
CA GLN A 89 0.88 11.25 -3.97
C GLN A 89 0.26 10.77 -2.68
N MET A 90 -0.27 9.52 -2.64
CA MET A 90 -1.12 9.07 -1.55
C MET A 90 -0.43 8.11 -0.69
N ILE A 91 -0.28 8.46 0.59
CA ILE A 91 0.12 7.49 1.53
C ILE A 91 -1.12 6.76 1.96
N MET A 92 -1.06 5.44 1.75
CA MET A 92 -1.93 4.50 2.38
C MET A 92 -1.04 3.87 3.38
N VAL A 93 -1.49 3.84 4.63
CA VAL A 93 -0.58 3.34 5.66
C VAL A 93 -0.83 1.85 5.84
N LEU A 94 0.23 0.99 6.04
CA LEU A 94 0.15 -0.47 6.01
C LEU A 94 0.63 -1.30 7.20
N ALA A 95 -0.12 -1.38 8.31
CA ALA A 95 0.37 -1.94 9.55
C ALA A 95 0.24 -3.44 9.67
N PRO A 96 0.59 -4.05 10.79
CA PRO A 96 0.14 -5.37 11.13
C PRO A 96 -1.35 -5.36 11.33
N LYS A 97 -1.98 -6.53 11.11
CA LYS A 97 -3.36 -6.71 11.46
C LYS A 97 -3.34 -6.92 12.94
N LYS A 98 -4.15 -6.09 13.62
CA LYS A 98 -4.26 -6.03 15.05
C LYS A 98 -4.71 -7.32 15.63
N LYS A 99 -4.06 -7.70 16.75
CA LYS A 99 -4.08 -9.01 17.37
C LYS A 99 -3.57 -10.01 16.37
N GLN A 100 -2.23 -10.12 16.30
CA GLN A 100 -1.59 -11.05 15.43
C GLN A 100 -1.82 -12.46 15.98
N VAL A 10 7.79 -1.24 18.59
CA VAL A 10 8.69 -2.35 18.18
C VAL A 10 8.46 -2.60 16.75
N ILE A 11 7.36 -1.95 16.40
CA ILE A 11 6.79 -1.90 15.09
C ILE A 11 7.42 -0.75 14.38
N GLN A 12 8.17 -1.09 13.32
CA GLN A 12 9.07 -0.22 12.62
C GLN A 12 8.33 0.26 11.42
N VAL A 13 8.85 1.30 10.74
CA VAL A 13 8.29 1.66 9.46
C VAL A 13 9.14 1.09 8.39
N LYS A 14 8.57 0.22 7.51
CA LYS A 14 9.15 0.11 6.20
C LYS A 14 8.26 0.84 5.27
N GLU A 15 8.68 0.99 4.02
CA GLU A 15 7.91 1.74 3.08
C GLU A 15 8.02 1.03 1.78
N ILE A 16 7.01 1.22 0.91
CA ILE A 16 7.08 0.77 -0.44
C ILE A 16 6.47 1.89 -1.23
N LYS A 17 6.63 1.87 -2.58
CA LYS A 17 5.76 2.66 -3.40
C LYS A 17 5.00 1.80 -4.35
N PHE A 18 3.83 2.29 -4.81
CA PHE A 18 3.09 1.68 -5.86
C PHE A 18 2.76 2.72 -6.87
N ARG A 19 2.44 2.25 -8.09
CA ARG A 19 2.10 3.05 -9.22
C ARG A 19 0.60 3.02 -9.41
N PRO A 20 0.09 3.81 -10.34
CA PRO A 20 -1.18 3.61 -10.98
C PRO A 20 -1.24 2.29 -11.66
N GLY A 21 -2.47 1.70 -11.66
CA GLY A 21 -2.92 0.39 -12.12
C GLY A 21 -1.90 -0.39 -12.85
N THR A 22 -1.37 -1.33 -12.09
CA THR A 22 -0.06 -1.82 -12.22
C THR A 22 -0.11 -3.12 -12.93
N ASP A 23 0.92 -3.86 -12.57
CA ASP A 23 1.54 -4.89 -13.31
C ASP A 23 1.55 -6.14 -12.53
N GLU A 24 1.81 -7.28 -13.19
CA GLU A 24 1.81 -8.56 -12.55
C GLU A 24 3.00 -8.62 -11.65
N GLY A 25 4.18 -8.88 -12.24
CA GLY A 25 5.37 -8.95 -11.46
C GLY A 25 6.23 -7.77 -11.65
N ASP A 26 5.61 -6.60 -11.62
CA ASP A 26 6.26 -5.46 -11.04
C ASP A 26 5.64 -5.28 -9.70
N TYR A 27 4.30 -5.43 -9.66
CA TYR A 27 3.58 -4.97 -8.51
C TYR A 27 3.69 -5.98 -7.42
N GLN A 28 3.12 -7.18 -7.59
CA GLN A 28 3.15 -8.26 -6.68
C GLN A 28 4.44 -8.90 -6.28
N VAL A 29 5.53 -8.52 -6.98
CA VAL A 29 6.89 -8.67 -6.49
C VAL A 29 7.10 -7.83 -5.26
N LYS A 30 6.62 -6.58 -5.30
CA LYS A 30 6.70 -5.70 -4.18
C LYS A 30 5.57 -5.78 -3.24
N LEU A 31 4.55 -6.54 -3.61
CA LEU A 31 3.58 -7.00 -2.67
C LEU A 31 4.26 -8.04 -1.85
N ARG A 32 5.16 -8.83 -2.49
CA ARG A 32 6.07 -9.72 -1.82
C ARG A 32 6.94 -8.97 -0.84
N SER A 33 7.42 -7.74 -1.22
CA SER A 33 8.19 -6.94 -0.31
C SER A 33 7.44 -6.60 0.95
N LEU A 34 6.17 -6.12 0.87
CA LEU A 34 5.40 -5.87 2.05
C LEU A 34 5.00 -7.06 2.87
N ILE A 35 4.89 -8.29 2.28
CA ILE A 35 4.54 -9.44 3.07
C ILE A 35 5.62 -9.64 4.07
N ARG A 36 6.86 -9.59 3.55
CA ARG A 36 8.11 -9.73 4.24
C ARG A 36 8.16 -8.77 5.39
N PHE A 37 7.79 -7.50 5.15
CA PHE A 37 7.80 -6.45 6.15
C PHE A 37 6.88 -6.73 7.30
N LEU A 38 5.61 -7.06 7.00
CA LEU A 38 4.54 -7.35 7.94
C LEU A 38 4.71 -8.67 8.65
N GLU A 39 5.50 -9.59 8.04
CA GLU A 39 5.94 -10.85 8.59
C GLU A 39 6.90 -10.59 9.71
N GLU A 40 7.82 -9.60 9.51
CA GLU A 40 8.70 -9.14 10.55
C GLU A 40 7.94 -8.48 11.66
N GLY A 41 6.75 -7.93 11.31
CA GLY A 41 5.95 -7.11 12.16
C GLY A 41 6.55 -5.77 12.05
N ASP A 42 6.41 -5.18 10.85
CA ASP A 42 6.72 -3.82 10.69
C ASP A 42 5.41 -3.38 10.24
N LYS A 43 5.25 -2.07 10.30
CA LYS A 43 4.14 -1.45 9.74
C LYS A 43 4.80 -0.97 8.52
N ALA A 44 4.36 -1.50 7.39
CA ALA A 44 4.87 -0.97 6.18
C ALA A 44 4.01 0.21 5.92
N LYS A 45 4.42 1.17 5.10
CA LYS A 45 3.49 2.17 4.70
C LYS A 45 3.68 2.35 3.22
N ILE A 46 2.56 2.27 2.48
CA ILE A 46 2.57 2.48 1.07
C ILE A 46 2.54 3.95 0.82
N THR A 47 3.39 4.40 -0.12
CA THR A 47 3.21 5.69 -0.69
C THR A 47 2.77 5.46 -2.08
N LEU A 48 1.56 5.94 -2.38
CA LEU A 48 1.12 6.00 -3.73
C LEU A 48 1.72 7.22 -4.33
N ARG A 49 2.00 7.17 -5.64
CA ARG A 49 2.64 8.19 -6.35
C ARG A 49 2.02 7.93 -7.64
N PHE A 50 0.96 8.71 -7.83
CA PHE A 50 0.19 8.80 -9.02
C PHE A 50 1.11 9.38 -10.03
N ARG A 51 1.31 8.64 -11.12
CA ARG A 51 1.89 9.17 -12.32
C ARG A 51 0.73 9.89 -12.87
N GLY A 52 0.76 11.24 -12.78
CA GLY A 52 -0.44 12.02 -12.75
C GLY A 52 -1.16 12.00 -14.04
N ARG A 53 -2.36 11.41 -13.93
CA ARG A 53 -3.30 11.39 -15.02
C ARG A 53 -3.88 12.74 -15.15
N GLU A 54 -4.92 12.90 -14.35
CA GLU A 54 -5.40 14.18 -13.93
C GLU A 54 -4.33 14.70 -13.03
N MET A 55 -4.13 14.00 -11.89
CA MET A 55 -3.06 14.32 -11.00
C MET A 55 -2.93 13.16 -10.06
N ALA A 56 -4.08 12.52 -9.74
CA ALA A 56 -4.25 11.83 -8.51
C ALA A 56 -5.69 11.44 -8.45
N HIS A 57 -5.97 10.12 -8.59
CA HIS A 57 -7.33 9.65 -8.54
C HIS A 57 -7.52 8.71 -7.41
N GLN A 58 -8.76 8.53 -6.93
CA GLN A 58 -9.06 7.47 -6.02
C GLN A 58 -9.61 6.30 -6.80
N GLN A 59 -9.29 6.24 -8.11
CA GLN A 59 -9.52 5.12 -8.95
C GLN A 59 -8.18 4.50 -9.13
N ILE A 60 -7.22 5.39 -9.49
CA ILE A 60 -5.84 5.14 -9.70
C ILE A 60 -5.26 4.53 -8.48
N GLY A 61 -5.61 5.10 -7.32
CA GLY A 61 -5.13 4.60 -6.09
C GLY A 61 -5.74 3.33 -5.70
N MET A 62 -7.08 3.30 -5.61
CA MET A 62 -7.71 2.28 -4.87
C MET A 62 -7.93 1.02 -5.66
N GLU A 63 -7.53 0.94 -6.95
CA GLU A 63 -7.11 -0.36 -7.38
C GLU A 63 -5.95 -0.90 -6.67
N VAL A 64 -4.82 -0.19 -6.76
CA VAL A 64 -3.54 -0.70 -6.45
C VAL A 64 -3.47 -0.98 -5.02
N LEU A 65 -3.56 0.09 -4.24
CA LEU A 65 -3.54 0.16 -2.81
C LEU A 65 -4.41 -0.84 -2.13
N ASN A 66 -5.68 -0.84 -2.49
CA ASN A 66 -6.64 -1.82 -2.05
C ASN A 66 -6.40 -3.21 -2.44
N ARG A 67 -5.79 -3.45 -3.61
CA ARG A 67 -5.43 -4.79 -3.96
C ARG A 67 -4.18 -5.19 -3.25
N VAL A 68 -3.41 -4.22 -2.69
CA VAL A 68 -2.28 -4.58 -1.94
C VAL A 68 -2.82 -5.13 -0.67
N LYS A 69 -3.76 -4.42 0.04
CA LYS A 69 -4.44 -4.87 1.20
C LYS A 69 -5.03 -6.21 1.03
N ASP A 70 -5.80 -6.41 -0.06
CA ASP A 70 -6.62 -7.52 -0.30
C ASP A 70 -5.79 -8.69 -0.60
N ASP A 71 -4.70 -8.51 -1.38
CA ASP A 71 -3.82 -9.66 -1.51
C ASP A 71 -2.95 -9.95 -0.32
N LEU A 72 -2.59 -8.93 0.49
CA LEU A 72 -1.78 -9.13 1.64
C LEU A 72 -2.50 -9.60 2.81
N GLN A 73 -3.82 -9.25 2.94
CA GLN A 73 -4.85 -9.39 3.95
C GLN A 73 -4.77 -10.50 4.92
N GLU A 74 -4.12 -11.56 4.47
CA GLU A 74 -3.64 -12.68 5.25
C GLU A 74 -2.82 -12.25 6.44
N LEU A 75 -1.79 -11.47 6.12
CA LEU A 75 -0.71 -11.06 6.95
C LEU A 75 -1.07 -9.72 7.50
N ALA A 76 -1.29 -8.80 6.55
CA ALA A 76 -1.27 -7.37 6.83
C ALA A 76 -2.64 -6.88 6.74
N VAL A 77 -2.97 -5.82 7.49
CA VAL A 77 -3.83 -4.89 6.87
C VAL A 77 -3.31 -3.53 6.71
N VAL A 78 -4.15 -2.74 6.06
CA VAL A 78 -4.01 -1.36 5.98
C VAL A 78 -4.67 -0.85 7.22
N GLU A 79 -4.16 0.29 7.69
CA GLU A 79 -4.58 0.91 8.90
C GLU A 79 -5.82 1.63 8.57
N SER A 80 -5.81 2.20 7.36
CA SER A 80 -6.87 3.03 6.92
C SER A 80 -6.76 3.06 5.47
N PHE A 81 -7.92 3.09 4.81
CA PHE A 81 -7.95 3.33 3.40
C PHE A 81 -8.33 4.78 3.34
N PRO A 82 -7.40 5.71 3.32
CA PRO A 82 -7.59 6.88 4.12
C PRO A 82 -8.14 7.98 3.27
N THR A 83 -7.27 8.72 2.54
CA THR A 83 -7.38 10.08 2.45
C THR A 83 -8.13 10.52 1.25
N LYS A 84 -7.86 11.78 1.06
CA LYS A 84 -8.18 12.62 -0.04
C LYS A 84 -6.82 13.06 -0.43
N ILE A 85 -6.45 12.85 -1.70
CA ILE A 85 -5.14 13.07 -2.19
C ILE A 85 -4.89 14.52 -2.30
N GLU A 86 -3.71 14.87 -1.78
CA GLU A 86 -3.13 16.18 -1.89
C GLU A 86 -1.90 15.95 -2.69
N GLY A 87 -1.72 16.75 -3.76
CA GLY A 87 -0.64 16.56 -4.67
C GLY A 87 -0.92 15.40 -5.56
N ARG A 88 0.18 14.81 -6.08
CA ARG A 88 0.14 13.71 -6.98
C ARG A 88 0.61 12.47 -6.28
N GLN A 89 0.17 12.24 -5.03
CA GLN A 89 0.66 11.14 -4.23
C GLN A 89 -0.23 10.97 -3.05
N MET A 90 -0.57 9.70 -2.69
CA MET A 90 -1.46 9.43 -1.58
C MET A 90 -0.90 8.33 -0.72
N ILE A 91 -0.59 8.62 0.55
CA ILE A 91 -0.15 7.63 1.47
C ILE A 91 -1.34 6.84 1.93
N MET A 92 -1.18 5.51 1.92
CA MET A 92 -2.01 4.54 2.56
C MET A 92 -1.07 3.85 3.51
N VAL A 93 -1.48 3.71 4.78
CA VAL A 93 -0.57 3.22 5.77
C VAL A 93 -0.85 1.73 5.98
N LEU A 94 0.17 0.86 6.21
CA LEU A 94 0.09 -0.60 6.06
C LEU A 94 0.57 -1.53 7.19
N ALA A 95 -0.14 -1.58 8.34
CA ALA A 95 0.25 -2.24 9.59
C ALA A 95 -0.16 -3.66 9.83
N PRO A 96 0.29 -4.34 10.91
CA PRO A 96 -0.01 -5.73 11.09
C PRO A 96 -1.46 -5.92 11.42
N LYS A 97 -2.05 -7.01 10.87
CA LYS A 97 -3.39 -7.37 11.17
C LYS A 97 -3.36 -8.10 12.46
N LYS A 98 -4.24 -7.66 13.38
CA LYS A 98 -4.41 -8.30 14.65
C LYS A 98 -5.40 -9.42 14.50
N LYS A 99 -4.87 -10.66 14.40
CA LYS A 99 -5.68 -11.84 14.41
C LYS A 99 -6.10 -12.06 15.84
N GLN A 100 -7.43 -12.13 16.06
CA GLN A 100 -8.04 -12.35 17.35
C GLN A 100 -7.60 -11.26 18.31
N VAL A 10 10.71 -1.01 18.93
CA VAL A 10 9.35 -0.60 18.49
C VAL A 10 9.07 -1.07 17.12
N ILE A 11 7.93 -0.58 16.62
CA ILE A 11 7.43 -0.80 15.29
C ILE A 11 7.93 0.32 14.45
N GLN A 12 8.59 -0.02 13.31
CA GLN A 12 9.20 0.98 12.49
C GLN A 12 8.23 1.35 11.44
N VAL A 13 8.49 2.45 10.70
CA VAL A 13 7.89 2.58 9.42
C VAL A 13 8.90 2.17 8.44
N LYS A 14 8.62 1.08 7.68
CA LYS A 14 9.27 0.94 6.40
C LYS A 14 8.25 1.23 5.36
N GLU A 15 8.67 1.35 4.09
CA GLU A 15 7.82 1.89 3.07
C GLU A 15 7.97 1.07 1.81
N ILE A 16 6.94 1.11 0.94
CA ILE A 16 6.95 0.51 -0.36
C ILE A 16 6.24 1.54 -1.20
N LYS A 17 6.43 1.53 -2.55
CA LYS A 17 5.56 2.29 -3.42
C LYS A 17 4.80 1.41 -4.36
N PHE A 18 3.65 1.94 -4.85
CA PHE A 18 2.87 1.32 -5.88
C PHE A 18 2.42 2.43 -6.78
N ARG A 19 3.20 2.75 -7.83
CA ARG A 19 2.89 3.80 -8.76
C ARG A 19 1.96 3.25 -9.82
N PRO A 20 1.36 4.06 -10.71
CA PRO A 20 0.49 3.57 -11.73
C PRO A 20 1.35 2.92 -12.77
N GLY A 21 0.83 1.85 -13.39
CA GLY A 21 1.54 1.10 -14.38
C GLY A 21 2.29 0.00 -13.75
N THR A 22 2.00 -0.17 -12.46
CA THR A 22 2.44 -1.27 -11.66
C THR A 22 1.20 -2.07 -11.44
N ASP A 23 1.07 -3.05 -12.32
CA ASP A 23 0.09 -4.06 -12.26
C ASP A 23 0.81 -5.37 -12.29
N GLU A 24 0.08 -6.50 -12.48
CA GLU A 24 0.10 -7.69 -11.68
C GLU A 24 1.46 -8.23 -11.44
N GLY A 25 2.25 -8.35 -12.52
CA GLY A 25 3.48 -9.06 -12.42
C GLY A 25 4.67 -8.25 -12.06
N ASP A 26 4.43 -6.96 -11.85
CA ASP A 26 5.34 -6.04 -11.27
C ASP A 26 4.92 -5.84 -9.85
N TYR A 27 3.60 -5.99 -9.66
CA TYR A 27 2.87 -5.45 -8.55
C TYR A 27 2.92 -6.37 -7.41
N GLN A 28 2.22 -7.52 -7.50
CA GLN A 28 2.25 -8.60 -6.58
C GLN A 28 3.56 -9.28 -6.27
N VAL A 29 4.57 -9.02 -7.11
CA VAL A 29 5.97 -9.25 -6.80
C VAL A 29 6.38 -8.40 -5.62
N LYS A 30 6.01 -7.11 -5.64
CA LYS A 30 6.27 -6.19 -4.56
C LYS A 30 5.20 -6.10 -3.53
N LEU A 31 4.18 -6.95 -3.70
CA LEU A 31 3.28 -7.27 -2.64
C LEU A 31 3.97 -8.32 -1.88
N ARG A 32 4.80 -9.16 -2.56
CA ARG A 32 5.72 -10.06 -1.92
C ARG A 32 6.74 -9.29 -1.10
N SER A 33 7.28 -8.15 -1.66
CA SER A 33 8.08 -7.28 -0.86
C SER A 33 7.37 -6.80 0.38
N LEU A 34 6.09 -6.38 0.25
CA LEU A 34 5.31 -5.94 1.38
C LEU A 34 4.99 -6.94 2.42
N ILE A 35 4.88 -8.24 2.06
CA ILE A 35 4.69 -9.27 3.04
C ILE A 35 5.87 -9.29 3.95
N ARG A 36 7.05 -9.21 3.33
CA ARG A 36 8.34 -9.15 3.99
C ARG A 36 8.36 -8.07 5.03
N PHE A 37 8.00 -6.81 4.67
CA PHE A 37 7.96 -5.68 5.59
C PHE A 37 7.09 -5.85 6.80
N LEU A 38 5.87 -6.35 6.56
CA LEU A 38 4.89 -6.75 7.52
C LEU A 38 5.41 -7.77 8.51
N GLU A 39 6.15 -8.79 8.01
CA GLU A 39 6.66 -9.94 8.74
C GLU A 39 7.88 -9.61 9.52
N GLU A 40 8.59 -8.52 9.16
CA GLU A 40 9.67 -7.97 9.95
C GLU A 40 9.15 -7.39 11.23
N GLY A 41 7.84 -7.04 11.26
CA GLY A 41 7.18 -6.48 12.39
C GLY A 41 7.42 -5.03 12.32
N ASP A 42 7.12 -4.47 11.14
CA ASP A 42 7.12 -3.08 10.95
C ASP A 42 5.79 -2.80 10.39
N LYS A 43 5.49 -1.51 10.42
CA LYS A 43 4.29 -0.93 9.92
C LYS A 43 4.75 -0.52 8.59
N ALA A 44 4.08 -1.07 7.55
CA ALA A 44 4.57 -0.85 6.22
C ALA A 44 3.81 0.36 5.78
N LYS A 45 4.35 1.29 5.01
CA LYS A 45 3.51 2.35 4.52
C LYS A 45 3.52 2.25 3.05
N ILE A 46 2.32 2.17 2.46
CA ILE A 46 2.19 2.20 1.05
C ILE A 46 2.10 3.63 0.68
N THR A 47 2.88 4.03 -0.33
CA THR A 47 2.77 5.36 -0.85
C THR A 47 2.46 5.16 -2.30
N LEU A 48 1.34 5.75 -2.73
CA LEU A 48 1.07 5.92 -4.13
C LEU A 48 1.90 7.04 -4.58
N ARG A 49 2.31 7.03 -5.85
CA ARG A 49 3.07 8.07 -6.39
C ARG A 49 2.54 8.08 -7.74
N PHE A 50 1.48 8.88 -7.84
CA PHE A 50 0.69 9.10 -9.00
C PHE A 50 1.53 9.73 -10.06
N ARG A 51 1.27 9.35 -11.34
CA ARG A 51 2.02 9.89 -12.44
C ARG A 51 1.06 10.59 -13.35
N GLY A 52 -0.01 11.13 -12.75
CA GLY A 52 -0.92 12.03 -13.41
C GLY A 52 -0.97 13.24 -12.58
N ARG A 53 -0.49 13.03 -11.34
CA ARG A 53 -0.30 13.88 -10.19
C ARG A 53 -0.70 15.32 -10.29
N GLU A 54 -2.02 15.57 -10.16
CA GLU A 54 -2.55 16.89 -10.02
C GLU A 54 -3.66 16.72 -9.03
N MET A 55 -3.56 15.63 -8.23
CA MET A 55 -4.66 14.99 -7.55
C MET A 55 -5.68 14.64 -8.58
N ALA A 56 -5.35 13.62 -9.41
CA ALA A 56 -6.13 13.33 -10.59
C ALA A 56 -7.22 12.40 -10.24
N HIS A 57 -6.74 11.54 -9.38
CA HIS A 57 -7.12 10.18 -9.24
C HIS A 57 -7.95 9.99 -8.03
N GLN A 58 -8.70 8.87 -8.03
CA GLN A 58 -8.87 8.15 -6.82
C GLN A 58 -8.75 6.74 -7.27
N GLN A 59 -8.53 6.60 -8.59
CA GLN A 59 -8.62 5.37 -9.32
C GLN A 59 -7.31 4.71 -9.31
N ILE A 60 -6.28 5.51 -9.69
CA ILE A 60 -4.89 5.18 -9.67
C ILE A 60 -4.45 4.68 -8.34
N GLY A 61 -4.97 5.30 -7.28
CA GLY A 61 -4.72 4.83 -5.96
C GLY A 61 -5.43 3.56 -5.67
N MET A 62 -6.78 3.59 -5.66
CA MET A 62 -7.52 2.65 -4.89
C MET A 62 -7.82 1.36 -5.58
N GLU A 63 -7.50 1.19 -6.88
CA GLU A 63 -7.34 -0.17 -7.33
C GLU A 63 -6.23 -0.87 -6.68
N VAL A 64 -5.09 -0.19 -6.65
CA VAL A 64 -3.85 -0.76 -6.31
C VAL A 64 -3.90 -1.06 -4.90
N LEU A 65 -3.95 -0.01 -4.07
CA LEU A 65 -3.99 0.00 -2.64
C LEU A 65 -4.91 -0.98 -2.03
N ASN A 66 -6.16 -0.93 -2.47
CA ASN A 66 -7.19 -1.87 -2.06
C ASN A 66 -6.99 -3.26 -2.44
N ARG A 67 -6.35 -3.52 -3.59
CA ARG A 67 -6.01 -4.86 -3.90
C ARG A 67 -4.75 -5.27 -3.21
N VAL A 68 -3.96 -4.32 -2.65
CA VAL A 68 -2.82 -4.70 -1.94
C VAL A 68 -3.32 -5.20 -0.64
N LYS A 69 -4.24 -4.44 0.04
CA LYS A 69 -4.91 -4.85 1.22
C LYS A 69 -5.54 -6.16 1.05
N ASP A 70 -6.32 -6.37 -0.03
CA ASP A 70 -7.15 -7.50 -0.21
C ASP A 70 -6.34 -8.69 -0.51
N ASP A 71 -5.24 -8.54 -1.28
CA ASP A 71 -4.37 -9.68 -1.38
C ASP A 71 -3.56 -9.99 -0.13
N LEU A 72 -3.05 -8.97 0.60
CA LEU A 72 -2.24 -9.19 1.77
C LEU A 72 -2.98 -9.47 3.00
N GLN A 73 -4.29 -9.12 3.08
CA GLN A 73 -5.34 -9.31 4.05
C GLN A 73 -5.26 -10.50 4.96
N GLU A 74 -4.57 -11.52 4.47
CA GLU A 74 -4.12 -12.68 5.17
C GLU A 74 -3.32 -12.35 6.39
N LEU A 75 -2.24 -11.60 6.14
CA LEU A 75 -1.14 -11.40 7.01
C LEU A 75 -1.19 -9.99 7.50
N ALA A 76 -1.29 -9.05 6.54
CA ALA A 76 -1.40 -7.63 6.86
C ALA A 76 -2.82 -7.31 6.96
N VAL A 77 -3.19 -6.37 7.86
CA VAL A 77 -3.97 -5.32 7.32
C VAL A 77 -3.43 -3.98 7.46
N VAL A 78 -4.16 -3.13 6.75
CA VAL A 78 -4.03 -1.74 6.60
C VAL A 78 -4.67 -1.10 7.78
N GLU A 79 -4.20 0.12 8.06
CA GLU A 79 -4.64 0.90 9.17
C GLU A 79 -5.90 1.55 8.74
N SER A 80 -5.87 2.04 7.48
CA SER A 80 -6.96 2.80 7.00
C SER A 80 -6.95 2.67 5.53
N PHE A 81 -8.15 2.57 4.97
CA PHE A 81 -8.35 2.89 3.61
C PHE A 81 -8.88 4.26 3.77
N PRO A 82 -8.21 5.35 3.43
CA PRO A 82 -8.67 6.64 3.83
C PRO A 82 -9.63 6.99 2.74
N THR A 83 -9.23 7.84 1.78
CA THR A 83 -10.16 8.53 0.99
C THR A 83 -9.34 8.99 -0.19
N LYS A 84 -8.32 9.87 0.02
CA LYS A 84 -7.78 10.64 -1.05
C LYS A 84 -6.35 10.97 -0.81
N ILE A 85 -5.73 11.37 -1.94
CA ILE A 85 -4.43 11.89 -2.19
C ILE A 85 -4.13 13.08 -1.33
N GLU A 86 -2.86 13.13 -0.92
CA GLU A 86 -2.29 14.15 -0.09
C GLU A 86 -1.03 14.57 -0.78
N GLY A 87 -1.08 15.66 -1.57
CA GLY A 87 0.03 16.03 -2.40
C GLY A 87 -0.12 15.38 -3.73
N ARG A 88 1.04 14.98 -4.29
CA ARG A 88 1.17 14.37 -5.58
C ARG A 88 1.26 12.88 -5.50
N GLN A 89 0.66 12.29 -4.45
CA GLN A 89 0.99 10.99 -3.95
C GLN A 89 -0.03 10.68 -2.92
N MET A 90 -0.48 9.40 -2.84
CA MET A 90 -1.46 9.02 -1.83
C MET A 90 -0.64 8.29 -0.85
N ILE A 91 -1.11 8.18 0.39
CA ILE A 91 -0.69 7.18 1.31
C ILE A 91 -1.89 6.36 1.64
N MET A 92 -1.71 5.05 1.56
CA MET A 92 -2.48 4.10 2.33
C MET A 92 -1.53 3.61 3.34
N VAL A 93 -1.94 3.66 4.61
CA VAL A 93 -1.04 3.20 5.64
C VAL A 93 -1.30 1.72 5.88
N LEU A 94 -0.24 0.90 5.89
CA LEU A 94 -0.14 -0.52 6.20
C LEU A 94 0.38 -0.90 7.56
N ALA A 95 -0.13 -1.96 8.20
CA ALA A 95 0.35 -2.34 9.48
C ALA A 95 0.38 -3.82 9.59
N PRO A 96 0.78 -4.38 10.71
CA PRO A 96 0.44 -5.72 11.08
C PRO A 96 -1.04 -5.81 11.30
N LYS A 97 -1.63 -6.97 10.95
CA LYS A 97 -2.96 -7.28 11.38
C LYS A 97 -2.82 -7.68 12.81
N LYS A 98 -3.82 -7.28 13.62
CA LYS A 98 -3.98 -7.74 14.98
C LYS A 98 -4.37 -9.18 14.93
N LYS A 99 -3.40 -10.07 15.25
CA LYS A 99 -3.63 -11.49 15.29
C LYS A 99 -3.80 -11.86 16.73
N GLN A 100 -5.00 -11.57 17.28
CA GLN A 100 -5.35 -11.77 18.67
C GLN A 100 -4.31 -11.10 19.57
N VAL A 10 10.67 -3.07 18.40
CA VAL A 10 9.33 -2.46 18.17
C VAL A 10 8.96 -2.52 16.75
N ILE A 11 7.86 -1.83 16.45
CA ILE A 11 7.32 -1.66 15.14
C ILE A 11 7.90 -0.43 14.53
N GLN A 12 8.64 -0.59 13.41
CA GLN A 12 9.21 0.50 12.67
C GLN A 12 8.24 0.94 11.64
N VAL A 13 8.50 2.10 10.99
CA VAL A 13 7.85 2.41 9.74
C VAL A 13 8.80 2.15 8.64
N LYS A 14 8.41 1.22 7.75
CA LYS A 14 9.00 1.18 6.43
C LYS A 14 7.95 1.50 5.42
N GLU A 15 8.34 1.53 4.13
CA GLU A 15 7.46 1.98 3.09
C GLU A 15 7.65 1.13 1.85
N ILE A 16 6.63 1.13 0.95
CA ILE A 16 6.72 0.58 -0.38
C ILE A 16 6.09 1.62 -1.25
N LYS A 17 6.29 1.58 -2.60
CA LYS A 17 5.42 2.32 -3.47
C LYS A 17 4.71 1.43 -4.44
N PHE A 18 3.53 1.92 -4.91
CA PHE A 18 2.80 1.38 -6.01
C PHE A 18 2.55 2.57 -6.87
N ARG A 19 2.74 2.42 -8.20
CA ARG A 19 2.59 3.49 -9.15
C ARG A 19 1.40 3.15 -10.01
N PRO A 20 0.96 4.02 -10.92
CA PRO A 20 0.10 3.64 -11.99
C PRO A 20 0.95 2.88 -12.94
N GLY A 21 0.43 1.74 -13.45
CA GLY A 21 1.14 0.89 -14.35
C GLY A 21 1.90 -0.14 -13.59
N THR A 22 1.60 -0.20 -12.29
CA THR A 22 2.03 -1.21 -11.41
C THR A 22 0.87 -2.13 -11.26
N ASP A 23 0.89 -3.10 -12.17
CA ASP A 23 0.01 -4.21 -12.19
C ASP A 23 0.87 -5.43 -12.21
N GLU A 24 0.27 -6.63 -12.40
CA GLU A 24 0.44 -7.83 -11.64
C GLU A 24 1.84 -8.20 -11.40
N GLY A 25 2.65 -8.20 -12.48
CA GLY A 25 3.94 -8.76 -12.41
C GLY A 25 5.04 -7.84 -12.04
N ASP A 26 4.67 -6.60 -11.79
CA ASP A 26 5.47 -5.61 -11.16
C ASP A 26 5.04 -5.51 -9.73
N TYR A 27 3.75 -5.80 -9.57
CA TYR A 27 2.95 -5.37 -8.46
C TYR A 27 3.05 -6.32 -7.34
N GLN A 28 2.43 -7.51 -7.46
CA GLN A 28 2.50 -8.59 -6.55
C GLN A 28 3.84 -9.21 -6.26
N VAL A 29 4.83 -8.88 -7.10
CA VAL A 29 6.25 -9.04 -6.78
C VAL A 29 6.60 -8.21 -5.57
N LYS A 30 6.19 -6.94 -5.57
CA LYS A 30 6.41 -6.04 -4.47
C LYS A 30 5.31 -5.99 -3.47
N LEU A 31 4.34 -6.90 -3.63
CA LEU A 31 3.43 -7.23 -2.60
C LEU A 31 4.12 -8.29 -1.82
N ARG A 32 4.98 -9.12 -2.49
CA ARG A 32 5.90 -9.99 -1.82
C ARG A 32 6.87 -9.20 -1.00
N SER A 33 7.43 -8.06 -1.57
CA SER A 33 8.26 -7.24 -0.74
C SER A 33 7.54 -6.68 0.45
N LEU A 34 6.28 -6.22 0.28
CA LEU A 34 5.47 -5.76 1.38
C LEU A 34 5.12 -6.73 2.43
N ILE A 35 4.97 -8.04 2.08
CA ILE A 35 4.78 -9.05 3.09
C ILE A 35 5.93 -8.99 4.01
N ARG A 36 7.15 -9.03 3.42
CA ARG A 36 8.42 -9.01 4.09
C ARG A 36 8.54 -7.90 5.08
N PHE A 37 8.13 -6.66 4.72
CA PHE A 37 8.12 -5.54 5.65
C PHE A 37 7.25 -5.73 6.83
N LEU A 38 5.97 -6.04 6.58
CA LEU A 38 5.03 -6.30 7.62
C LEU A 38 5.38 -7.42 8.57
N GLU A 39 5.96 -8.51 8.01
CA GLU A 39 6.23 -9.80 8.59
C GLU A 39 7.44 -9.75 9.45
N GLU A 40 8.40 -8.84 9.10
CA GLU A 40 9.56 -8.58 9.92
C GLU A 40 9.23 -7.65 11.06
N GLY A 41 7.93 -7.35 11.24
CA GLY A 41 7.38 -6.59 12.32
C GLY A 41 7.64 -5.16 12.05
N ASP A 42 7.10 -4.68 10.93
CA ASP A 42 7.13 -3.29 10.70
C ASP A 42 5.75 -3.03 10.32
N LYS A 43 5.49 -1.74 10.30
CA LYS A 43 4.29 -1.22 9.84
C LYS A 43 4.77 -0.65 8.58
N ALA A 44 4.23 -1.20 7.50
CA ALA A 44 4.57 -0.76 6.19
C ALA A 44 3.69 0.45 6.00
N LYS A 45 4.00 1.39 5.11
CA LYS A 45 2.97 2.21 4.54
C LYS A 45 3.12 2.08 3.07
N ILE A 46 1.99 2.10 2.35
CA ILE A 46 1.99 2.24 0.93
C ILE A 46 2.01 3.70 0.62
N THR A 47 2.82 4.10 -0.37
CA THR A 47 2.70 5.41 -0.93
C THR A 47 2.33 5.19 -2.37
N LEU A 48 1.20 5.79 -2.78
CA LEU A 48 0.87 5.90 -4.17
C LEU A 48 1.66 7.04 -4.67
N ARG A 49 1.97 7.05 -5.97
CA ARG A 49 2.76 8.06 -6.54
C ARG A 49 2.17 8.07 -7.88
N PHE A 50 1.22 8.99 -8.01
CA PHE A 50 0.37 9.10 -9.15
C PHE A 50 1.06 9.72 -10.31
N ARG A 51 0.34 9.78 -11.46
CA ARG A 51 0.55 10.80 -12.46
C ARG A 51 0.12 12.06 -11.78
N GLY A 52 1.10 12.91 -11.42
CA GLY A 52 0.92 13.86 -10.35
C GLY A 52 -0.02 14.95 -10.64
N ARG A 53 -1.05 15.00 -9.76
CA ARG A 53 -2.02 16.07 -9.77
C ARG A 53 -2.07 16.55 -8.37
N GLU A 54 -2.80 17.66 -8.13
CA GLU A 54 -3.01 18.21 -6.82
C GLU A 54 -3.74 17.24 -5.94
N MET A 55 -5.05 17.03 -6.17
CA MET A 55 -5.76 15.94 -5.59
C MET A 55 -5.92 14.98 -6.73
N ALA A 56 -5.09 13.91 -6.77
CA ALA A 56 -5.08 13.07 -7.94
C ALA A 56 -6.17 12.05 -7.96
N HIS A 57 -6.03 11.17 -8.97
CA HIS A 57 -6.68 9.90 -9.20
C HIS A 57 -6.93 9.11 -7.96
N GLN A 58 -8.22 8.77 -7.71
CA GLN A 58 -8.55 7.87 -6.65
C GLN A 58 -8.74 6.51 -7.24
N GLN A 59 -8.58 6.45 -8.57
CA GLN A 59 -8.79 5.27 -9.35
C GLN A 59 -7.52 4.51 -9.37
N ILE A 60 -6.44 5.25 -9.74
CA ILE A 60 -5.07 4.85 -9.73
C ILE A 60 -4.67 4.32 -8.40
N GLY A 61 -5.14 4.98 -7.33
CA GLY A 61 -4.88 4.55 -6.01
C GLY A 61 -5.61 3.30 -5.71
N MET A 62 -6.95 3.36 -5.71
CA MET A 62 -7.72 2.42 -4.97
C MET A 62 -7.99 1.13 -5.67
N GLU A 63 -7.62 0.96 -6.96
CA GLU A 63 -7.41 -0.40 -7.37
C GLU A 63 -6.31 -1.06 -6.68
N VAL A 64 -5.15 -0.40 -6.73
CA VAL A 64 -3.90 -0.95 -6.36
C VAL A 64 -3.93 -1.20 -4.94
N LEU A 65 -3.99 -0.12 -4.16
CA LEU A 65 -4.08 -0.06 -2.73
C LEU A 65 -4.97 -1.05 -2.10
N ASN A 66 -6.24 -1.04 -2.53
CA ASN A 66 -7.22 -1.99 -2.09
C ASN A 66 -6.99 -3.40 -2.44
N ARG A 67 -6.33 -3.68 -3.58
CA ARG A 67 -5.98 -5.02 -3.87
C ARG A 67 -4.72 -5.40 -3.17
N VAL A 68 -3.95 -4.42 -2.62
CA VAL A 68 -2.79 -4.78 -1.92
C VAL A 68 -3.27 -5.27 -0.60
N LYS A 69 -4.21 -4.52 0.07
CA LYS A 69 -4.88 -4.93 1.26
C LYS A 69 -5.48 -6.25 1.14
N ASP A 70 -6.24 -6.51 0.05
CA ASP A 70 -7.04 -7.65 -0.13
C ASP A 70 -6.20 -8.82 -0.42
N ASP A 71 -5.10 -8.64 -1.19
CA ASP A 71 -4.20 -9.76 -1.29
C ASP A 71 -3.38 -10.04 -0.05
N LEU A 72 -2.92 -9.01 0.68
CA LEU A 72 -2.12 -9.19 1.85
C LEU A 72 -2.84 -9.48 3.08
N GLN A 73 -4.16 -9.16 3.16
CA GLN A 73 -5.18 -9.35 4.16
C GLN A 73 -5.06 -10.51 5.11
N GLU A 74 -4.38 -11.53 4.61
CA GLU A 74 -3.89 -12.68 5.31
C GLU A 74 -3.09 -12.35 6.53
N LEU A 75 -2.07 -11.51 6.29
CA LEU A 75 -1.00 -11.22 7.18
C LEU A 75 -1.12 -9.81 7.62
N ALA A 76 -1.26 -8.90 6.63
CA ALA A 76 -1.34 -7.47 6.87
C ALA A 76 -2.71 -7.02 6.72
N VAL A 77 -3.15 -6.07 7.58
CA VAL A 77 -3.97 -5.07 7.04
C VAL A 77 -3.48 -3.71 7.14
N VAL A 78 -4.26 -2.89 6.44
CA VAL A 78 -4.17 -1.52 6.32
C VAL A 78 -4.82 -0.94 7.51
N GLU A 79 -4.36 0.27 7.85
CA GLU A 79 -4.78 0.97 9.01
C GLU A 79 -6.04 1.65 8.62
N SER A 80 -6.04 2.17 7.38
CA SER A 80 -7.13 2.94 6.91
C SER A 80 -7.11 2.81 5.45
N PHE A 81 -8.31 2.71 4.87
CA PHE A 81 -8.46 2.91 3.47
C PHE A 81 -9.06 4.27 3.44
N PRO A 82 -8.39 5.34 3.07
CA PRO A 82 -9.01 6.61 3.18
C PRO A 82 -9.39 6.88 1.75
N THR A 83 -8.70 7.86 1.15
CA THR A 83 -9.24 8.72 0.16
C THR A 83 -8.06 9.60 -0.15
N LYS A 84 -7.37 10.12 0.91
CA LYS A 84 -6.72 11.39 0.82
C LYS A 84 -5.38 11.30 0.21
N ILE A 85 -5.30 11.89 -1.00
CA ILE A 85 -4.09 12.11 -1.72
C ILE A 85 -3.50 13.28 -1.00
N GLU A 86 -2.22 13.10 -0.63
CA GLU A 86 -1.45 14.03 0.14
C GLU A 86 -0.28 14.39 -0.72
N GLY A 87 -0.36 15.57 -1.38
CA GLY A 87 0.59 15.88 -2.42
C GLY A 87 0.10 15.24 -3.66
N ARG A 88 1.07 14.79 -4.47
CA ARG A 88 0.86 14.21 -5.77
C ARG A 88 0.92 12.71 -5.68
N GLN A 89 0.41 12.15 -4.58
CA GLN A 89 0.75 10.84 -4.08
C GLN A 89 -0.20 10.49 -2.97
N MET A 90 -0.65 9.22 -2.84
CA MET A 90 -1.66 8.84 -1.84
C MET A 90 -1.07 7.88 -0.87
N ILE A 91 -0.90 8.29 0.39
CA ILE A 91 -0.54 7.34 1.38
C ILE A 91 -1.78 6.61 1.82
N MET A 92 -1.70 5.28 1.68
CA MET A 92 -2.52 4.33 2.39
C MET A 92 -1.59 3.73 3.37
N VAL A 93 -2.00 3.66 4.63
CA VAL A 93 -1.09 3.21 5.65
C VAL A 93 -1.26 1.71 5.84
N LEU A 94 -0.17 0.92 6.06
CA LEU A 94 -0.16 -0.55 6.04
C LEU A 94 0.41 -1.30 7.23
N ALA A 95 -0.36 -1.48 8.32
CA ALA A 95 0.14 -2.03 9.57
C ALA A 95 0.16 -3.53 9.68
N PRO A 96 0.63 -4.11 10.78
CA PRO A 96 0.31 -5.47 11.14
C PRO A 96 -1.17 -5.59 11.37
N LYS A 97 -1.74 -6.75 10.97
CA LYS A 97 -3.13 -7.00 11.22
C LYS A 97 -3.27 -7.40 12.65
N LYS A 98 -4.24 -6.77 13.33
CA LYS A 98 -4.66 -7.13 14.66
C LYS A 98 -5.47 -8.37 14.51
N LYS A 99 -4.88 -9.53 14.88
CA LYS A 99 -5.55 -10.79 14.78
C LYS A 99 -6.47 -10.88 15.96
N GLN A 100 -7.77 -11.05 15.66
CA GLN A 100 -8.78 -11.11 16.68
C GLN A 100 -9.80 -12.13 16.20
N VAL A 10 7.68 -0.39 18.56
CA VAL A 10 8.73 -1.43 18.34
C VAL A 10 8.65 -1.84 16.93
N ILE A 11 7.54 -1.36 16.41
CA ILE A 11 7.06 -1.54 15.07
C ILE A 11 7.69 -0.47 14.25
N GLN A 12 8.38 -0.95 13.19
CA GLN A 12 9.28 -0.15 12.42
C GLN A 12 8.52 0.31 11.23
N VAL A 13 9.00 1.33 10.51
CA VAL A 13 8.40 1.67 9.26
C VAL A 13 9.25 1.10 8.18
N LYS A 14 8.68 0.20 7.34
CA LYS A 14 9.27 0.06 6.02
C LYS A 14 8.34 0.74 5.09
N GLU A 15 8.75 0.89 3.82
CA GLU A 15 7.95 1.62 2.89
C GLU A 15 8.08 0.93 1.57
N ILE A 16 7.05 1.09 0.71
CA ILE A 16 7.11 0.65 -0.65
C ILE A 16 6.46 1.76 -1.42
N LYS A 17 6.62 1.79 -2.77
CA LYS A 17 5.75 2.62 -3.57
C LYS A 17 4.95 1.78 -4.51
N PHE A 18 3.77 2.30 -4.93
CA PHE A 18 2.99 1.72 -5.97
C PHE A 18 2.66 2.79 -6.97
N ARG A 19 2.61 2.36 -8.25
CA ARG A 19 2.39 3.18 -9.41
C ARG A 19 0.93 3.01 -9.79
N PRO A 20 0.39 3.85 -10.66
CA PRO A 20 -0.90 3.69 -11.27
C PRO A 20 -1.05 2.39 -12.00
N GLY A 21 -2.26 1.80 -11.81
CA GLY A 21 -2.79 0.52 -12.22
C GLY A 21 -1.82 -0.36 -12.88
N THR A 22 -1.30 -1.24 -12.05
CA THR A 22 -0.05 -1.84 -12.20
C THR A 22 -0.24 -3.20 -12.74
N ASP A 23 0.78 -3.96 -12.41
CA ASP A 23 1.30 -5.05 -13.16
C ASP A 23 1.36 -6.27 -12.36
N GLU A 24 1.57 -7.42 -13.00
CA GLU A 24 1.64 -8.67 -12.31
C GLU A 24 2.89 -8.68 -11.51
N GLY A 25 4.04 -8.87 -12.19
CA GLY A 25 5.28 -8.93 -11.49
C GLY A 25 6.11 -7.73 -11.69
N ASP A 26 5.45 -6.57 -11.58
CA ASP A 26 6.09 -5.43 -11.01
C ASP A 26 5.55 -5.27 -9.65
N TYR A 27 4.21 -5.44 -9.56
CA TYR A 27 3.52 -4.94 -8.41
C TYR A 27 3.60 -5.95 -7.32
N GLN A 28 3.02 -7.15 -7.52
CA GLN A 28 3.03 -8.24 -6.63
C GLN A 28 4.34 -8.89 -6.27
N VAL A 29 5.41 -8.53 -7.00
CA VAL A 29 6.78 -8.72 -6.57
C VAL A 29 7.02 -7.94 -5.30
N LYS A 30 6.61 -6.66 -5.29
CA LYS A 30 6.76 -5.78 -4.17
C LYS A 30 5.63 -5.77 -3.22
N LEU A 31 4.60 -6.54 -3.55
CA LEU A 31 3.61 -6.91 -2.60
C LEU A 31 4.24 -8.01 -1.81
N ARG A 32 5.10 -8.84 -2.45
CA ARG A 32 5.92 -9.79 -1.76
C ARG A 32 6.89 -9.09 -0.83
N SER A 33 7.49 -7.93 -1.25
CA SER A 33 8.30 -7.19 -0.33
C SER A 33 7.56 -6.77 0.92
N LEU A 34 6.33 -6.23 0.77
CA LEU A 34 5.50 -5.84 1.88
C LEU A 34 5.01 -6.93 2.77
N ILE A 35 4.78 -8.16 2.24
CA ILE A 35 4.43 -9.27 3.09
C ILE A 35 5.51 -9.47 4.08
N ARG A 36 6.74 -9.52 3.55
CA ARG A 36 7.97 -9.73 4.25
C ARG A 36 8.15 -8.71 5.33
N PHE A 37 7.78 -7.44 5.09
CA PHE A 37 7.86 -6.38 6.06
C PHE A 37 6.98 -6.64 7.25
N LEU A 38 5.69 -6.94 7.01
CA LEU A 38 4.69 -7.28 8.01
C LEU A 38 4.91 -8.59 8.72
N GLU A 39 5.68 -9.50 8.08
CA GLU A 39 6.15 -10.75 8.63
C GLU A 39 7.18 -10.49 9.69
N GLU A 40 8.05 -9.47 9.46
CA GLU A 40 8.98 -9.01 10.46
C GLU A 40 8.24 -8.37 11.60
N GLY A 41 7.03 -7.84 11.31
CA GLY A 41 6.24 -7.06 12.20
C GLY A 41 6.77 -5.69 12.06
N ASP A 42 6.57 -5.14 10.85
CA ASP A 42 6.83 -3.77 10.64
C ASP A 42 5.51 -3.36 10.20
N LYS A 43 5.34 -2.06 10.22
CA LYS A 43 4.24 -1.45 9.62
C LYS A 43 4.89 -1.00 8.41
N ALA A 44 4.43 -1.53 7.28
CA ALA A 44 4.93 -0.99 6.06
C ALA A 44 4.05 0.19 5.82
N LYS A 45 4.46 1.15 4.99
CA LYS A 45 3.54 2.15 4.58
C LYS A 45 3.72 2.28 3.11
N ILE A 46 2.60 2.27 2.35
CA ILE A 46 2.59 2.46 0.94
C ILE A 46 2.61 3.93 0.69
N THR A 47 3.45 4.36 -0.27
CA THR A 47 3.32 5.68 -0.80
C THR A 47 2.89 5.49 -2.22
N LEU A 48 1.72 6.02 -2.52
CA LEU A 48 1.32 6.14 -3.90
C LEU A 48 1.89 7.39 -4.42
N ARG A 49 2.11 7.40 -5.74
CA ARG A 49 2.75 8.41 -6.44
C ARG A 49 2.04 8.21 -7.71
N PHE A 50 1.10 9.11 -7.92
CA PHE A 50 0.18 9.11 -9.02
C PHE A 50 0.88 9.47 -10.29
N ARG A 51 0.14 9.45 -11.42
CA ARG A 51 0.72 9.54 -12.72
C ARG A 51 1.20 10.91 -13.07
N GLY A 52 0.68 11.86 -12.31
CA GLY A 52 1.20 13.17 -12.24
C GLY A 52 0.27 13.96 -11.42
N ARG A 53 -0.84 13.27 -11.09
CA ARG A 53 -2.14 13.86 -10.91
C ARG A 53 -2.47 14.59 -12.18
N GLU A 54 -2.35 13.87 -13.32
CA GLU A 54 -2.79 14.36 -14.58
C GLU A 54 -4.23 13.98 -14.67
N MET A 55 -4.51 12.69 -14.44
CA MET A 55 -5.85 12.21 -14.29
C MET A 55 -6.18 12.29 -12.83
N ALA A 56 -5.46 11.49 -12.00
CA ALA A 56 -6.00 11.15 -10.73
C ALA A 56 -4.99 10.58 -9.82
N HIS A 57 -5.50 9.53 -9.13
CA HIS A 57 -5.83 9.62 -7.75
C HIS A 57 -6.67 8.47 -7.28
N GLN A 58 -7.99 8.48 -7.59
CA GLN A 58 -8.93 7.68 -6.87
C GLN A 58 -9.18 6.40 -7.55
N GLN A 59 -8.96 6.46 -8.86
CA GLN A 59 -9.10 5.35 -9.75
C GLN A 59 -7.83 4.60 -9.61
N ILE A 60 -6.76 5.42 -9.78
CA ILE A 60 -5.38 5.09 -9.75
C ILE A 60 -5.02 4.37 -8.52
N GLY A 61 -5.43 4.97 -7.41
CA GLY A 61 -4.96 4.55 -6.15
C GLY A 61 -5.66 3.35 -5.70
N MET A 62 -6.99 3.42 -5.70
CA MET A 62 -7.77 2.44 -5.03
C MET A 62 -8.07 1.23 -5.87
N GLU A 63 -7.57 1.12 -7.12
CA GLU A 63 -7.15 -0.21 -7.50
C GLU A 63 -6.06 -0.79 -6.69
N VAL A 64 -4.89 -0.17 -6.79
CA VAL A 64 -3.63 -0.70 -6.42
C VAL A 64 -3.62 -0.99 -5.00
N LEU A 65 -3.72 0.08 -4.19
CA LEU A 65 -3.81 0.13 -2.77
C LEU A 65 -4.71 -0.87 -2.16
N ASN A 66 -5.95 -0.89 -2.65
CA ASN A 66 -6.98 -1.83 -2.27
C ASN A 66 -6.67 -3.24 -2.58
N ARG A 67 -6.00 -3.49 -3.71
CA ARG A 67 -5.57 -4.81 -4.01
C ARG A 67 -4.32 -5.16 -3.26
N VAL A 68 -3.59 -4.17 -2.67
CA VAL A 68 -2.45 -4.49 -1.92
C VAL A 68 -2.95 -5.00 -0.62
N LYS A 69 -3.93 -4.31 0.02
CA LYS A 69 -4.62 -4.71 1.21
C LYS A 69 -5.21 -6.05 1.08
N ASP A 70 -5.93 -6.31 -0.03
CA ASP A 70 -6.71 -7.47 -0.24
C ASP A 70 -5.80 -8.61 -0.50
N ASP A 71 -4.70 -8.39 -1.25
CA ASP A 71 -3.75 -9.46 -1.29
C ASP A 71 -2.89 -9.64 -0.04
N LEU A 72 -2.71 -8.59 0.80
CA LEU A 72 -1.92 -8.65 1.99
C LEU A 72 -2.67 -9.18 3.14
N GLN A 73 -4.02 -8.96 3.18
CA GLN A 73 -5.07 -9.23 4.15
C GLN A 73 -4.94 -10.40 5.06
N GLU A 74 -4.19 -11.38 4.56
CA GLU A 74 -3.69 -12.56 5.21
C GLU A 74 -3.00 -12.25 6.50
N LEU A 75 -2.04 -11.33 6.38
CA LEU A 75 -1.09 -11.00 7.39
C LEU A 75 -1.37 -9.63 7.88
N ALA A 76 -1.43 -8.71 6.91
CA ALA A 76 -1.42 -7.29 7.17
C ALA A 76 -2.76 -6.79 6.97
N VAL A 77 -3.11 -5.67 7.63
CA VAL A 77 -3.88 -4.74 6.90
C VAL A 77 -3.34 -3.39 6.74
N VAL A 78 -4.12 -2.60 6.02
CA VAL A 78 -3.98 -1.21 5.94
C VAL A 78 -4.70 -0.68 7.14
N GLU A 79 -4.23 0.49 7.60
CA GLU A 79 -4.73 1.15 8.76
C GLU A 79 -5.96 1.86 8.33
N SER A 80 -5.89 2.40 7.09
CA SER A 80 -6.97 3.19 6.58
C SER A 80 -7.39 2.55 5.32
N PHE A 81 -8.33 3.15 4.58
CA PHE A 81 -8.23 3.08 3.18
C PHE A 81 -8.44 4.52 2.77
N PRO A 82 -7.40 5.34 2.56
CA PRO A 82 -7.45 6.71 3.01
C PRO A 82 -8.28 7.59 2.14
N THR A 83 -8.04 7.53 0.80
CA THR A 83 -8.28 8.39 -0.31
C THR A 83 -8.81 9.76 -0.09
N LYS A 84 -8.07 10.38 0.82
CA LYS A 84 -7.93 11.79 1.04
C LYS A 84 -6.50 12.05 0.69
N ILE A 85 -6.20 12.05 -0.63
CA ILE A 85 -4.90 12.25 -1.18
C ILE A 85 -4.47 13.65 -0.93
N GLU A 86 -3.20 13.75 -0.56
CA GLU A 86 -2.53 14.97 -0.23
C GLU A 86 -1.53 15.24 -1.30
N GLY A 87 -1.84 16.20 -2.19
CA GLY A 87 -0.99 16.45 -3.32
C GLY A 87 -1.26 15.44 -4.37
N ARG A 88 -0.18 15.11 -5.10
CA ARG A 88 -0.16 14.22 -6.22
C ARG A 88 0.40 12.90 -5.80
N GLN A 89 0.05 12.42 -4.59
CA GLN A 89 0.70 11.26 -4.00
C GLN A 89 -0.10 10.90 -2.79
N MET A 90 -0.44 9.59 -2.61
CA MET A 90 -1.32 9.17 -1.54
C MET A 90 -0.61 8.20 -0.66
N ILE A 91 -0.37 8.55 0.60
CA ILE A 91 0.07 7.59 1.54
C ILE A 91 -1.13 6.82 1.98
N MET A 92 -1.01 5.50 1.78
CA MET A 92 -1.83 4.50 2.39
C MET A 92 -0.94 3.87 3.40
N VAL A 93 -1.46 3.59 4.62
CA VAL A 93 -0.56 3.14 5.65
C VAL A 93 -0.81 1.66 5.89
N LEU A 94 0.23 0.80 6.01
CA LEU A 94 0.14 -0.66 5.93
C LEU A 94 0.64 -1.52 7.10
N ALA A 95 -0.07 -1.51 8.26
CA ALA A 95 0.31 -2.13 9.53
C ALA A 95 -0.10 -3.54 9.81
N PRO A 96 0.36 -4.17 10.90
CA PRO A 96 -0.04 -5.51 11.22
C PRO A 96 -1.47 -5.46 11.69
N LYS A 97 -2.29 -6.45 11.27
CA LYS A 97 -3.66 -6.47 11.66
C LYS A 97 -3.84 -7.04 13.03
N LYS A 98 -5.07 -6.85 13.56
CA LYS A 98 -5.51 -7.34 14.83
C LYS A 98 -5.52 -8.83 14.85
N LYS A 99 -4.59 -9.42 15.63
CA LYS A 99 -4.59 -10.83 15.89
C LYS A 99 -5.68 -11.09 16.87
N GLN A 100 -6.69 -11.88 16.42
CA GLN A 100 -7.91 -12.12 17.14
C GLN A 100 -8.61 -10.79 17.39
N VAL A 10 8.59 -0.35 18.58
CA VAL A 10 9.47 -1.52 18.31
C VAL A 10 9.18 -2.00 16.96
N ILE A 11 8.07 -1.43 16.54
CA ILE A 11 7.45 -1.56 15.27
C ILE A 11 7.91 -0.41 14.43
N GLN A 12 8.50 -0.74 13.25
CA GLN A 12 9.08 0.27 12.42
C GLN A 12 8.05 0.66 11.44
N VAL A 13 8.27 1.77 10.72
CA VAL A 13 7.56 1.97 9.49
C VAL A 13 8.46 1.49 8.41
N LYS A 14 8.01 0.52 7.57
CA LYS A 14 8.72 0.39 6.30
C LYS A 14 7.85 1.02 5.30
N GLU A 15 8.36 1.17 4.07
CA GLU A 15 7.60 1.83 3.07
C GLU A 15 7.86 1.17 1.77
N ILE A 16 6.83 1.16 0.91
CA ILE A 16 6.95 0.72 -0.45
C ILE A 16 6.27 1.83 -1.20
N LYS A 17 6.52 1.97 -2.53
CA LYS A 17 5.65 2.78 -3.33
C LYS A 17 4.93 1.93 -4.30
N PHE A 18 3.74 2.38 -4.73
CA PHE A 18 2.97 1.70 -5.73
C PHE A 18 2.45 2.73 -6.66
N ARG A 19 2.66 2.49 -7.96
CA ARG A 19 2.22 3.34 -9.01
C ARG A 19 0.80 3.01 -9.41
N PRO A 20 0.26 3.74 -10.38
CA PRO A 20 -1.02 3.50 -11.00
C PRO A 20 -1.15 2.13 -11.60
N GLY A 21 -2.42 1.61 -11.53
CA GLY A 21 -2.93 0.29 -11.87
C GLY A 21 -2.00 -0.55 -12.67
N THR A 22 -1.43 -1.47 -11.91
CA THR A 22 -0.18 -2.04 -12.18
C THR A 22 -0.39 -3.43 -12.66
N ASP A 23 0.64 -4.17 -12.37
CA ASP A 23 1.09 -5.33 -13.06
C ASP A 23 1.21 -6.47 -12.14
N GLU A 24 1.34 -7.67 -12.71
CA GLU A 24 1.43 -8.86 -11.92
C GLU A 24 2.76 -8.85 -11.21
N GLY A 25 3.85 -9.09 -11.97
CA GLY A 25 5.13 -9.11 -11.37
C GLY A 25 5.93 -7.91 -11.67
N ASP A 26 5.29 -6.75 -11.52
CA ASP A 26 5.96 -5.59 -11.07
C ASP A 26 5.52 -5.35 -9.68
N TYR A 27 4.20 -5.52 -9.49
CA TYR A 27 3.57 -4.94 -8.32
C TYR A 27 3.65 -5.92 -7.21
N GLN A 28 3.04 -7.11 -7.38
CA GLN A 28 3.09 -8.21 -6.49
C GLN A 28 4.42 -8.85 -6.17
N VAL A 29 5.45 -8.50 -6.96
CA VAL A 29 6.85 -8.67 -6.58
C VAL A 29 7.13 -7.87 -5.33
N LYS A 30 6.71 -6.59 -5.33
CA LYS A 30 6.88 -5.73 -4.19
C LYS A 30 5.77 -5.73 -3.22
N LEU A 31 4.78 -6.58 -3.48
CA LEU A 31 3.84 -6.98 -2.49
C LEU A 31 4.50 -8.06 -1.71
N ARG A 32 5.41 -8.85 -2.35
CA ARG A 32 6.31 -9.73 -1.65
C ARG A 32 7.24 -8.94 -0.77
N SER A 33 7.78 -7.77 -1.26
CA SER A 33 8.59 -6.94 -0.41
C SER A 33 7.89 -6.51 0.83
N LEU A 34 6.62 -6.05 0.71
CA LEU A 34 5.77 -5.68 1.81
C LEU A 34 5.34 -6.75 2.73
N ILE A 35 5.21 -8.03 2.27
CA ILE A 35 4.90 -9.09 3.18
C ILE A 35 6.01 -9.19 4.17
N ARG A 36 7.23 -9.21 3.62
CA ARG A 36 8.48 -9.33 4.32
C ARG A 36 8.58 -8.29 5.37
N PHE A 37 8.20 -7.03 5.05
CA PHE A 37 8.19 -5.95 5.98
C PHE A 37 7.23 -6.18 7.10
N LEU A 38 5.99 -6.55 6.75
CA LEU A 38 4.93 -6.77 7.67
C LEU A 38 5.21 -7.88 8.67
N GLU A 39 5.76 -9.01 8.15
CA GLU A 39 5.91 -10.27 8.81
C GLU A 39 7.18 -10.33 9.62
N GLU A 40 8.13 -9.41 9.31
CA GLU A 40 9.28 -9.18 10.18
C GLU A 40 8.89 -8.26 11.30
N GLY A 41 7.62 -7.81 11.31
CA GLY A 41 6.98 -7.08 12.36
C GLY A 41 7.28 -5.65 12.18
N ASP A 42 6.77 -5.08 11.07
CA ASP A 42 6.83 -3.68 10.88
C ASP A 42 5.50 -3.41 10.41
N LYS A 43 5.23 -2.12 10.44
CA LYS A 43 4.02 -1.58 10.01
C LYS A 43 4.52 -1.09 8.72
N ALA A 44 4.00 -1.60 7.60
CA ALA A 44 4.47 -1.16 6.34
C ALA A 44 3.64 0.04 5.99
N LYS A 45 4.04 0.91 5.05
CA LYS A 45 3.11 1.92 4.62
C LYS A 45 3.35 2.12 3.15
N ILE A 46 2.28 2.10 2.34
CA ILE A 46 2.37 2.39 0.95
C ILE A 46 2.31 3.87 0.79
N THR A 47 3.17 4.42 -0.08
CA THR A 47 2.95 5.72 -0.62
C THR A 47 2.58 5.48 -2.05
N LEU A 48 1.35 5.92 -2.39
CA LEU A 48 0.94 6.03 -3.75
C LEU A 48 1.67 7.18 -4.35
N ARG A 49 1.98 7.10 -5.66
CA ARG A 49 2.69 8.08 -6.37
C ARG A 49 2.07 7.89 -7.70
N PHE A 50 1.09 8.75 -7.92
CA PHE A 50 0.25 8.81 -9.06
C PHE A 50 1.03 9.32 -10.22
N ARG A 51 0.67 8.81 -11.41
CA ARG A 51 1.12 9.32 -12.67
C ARG A 51 -0.13 9.71 -13.37
N GLY A 52 -1.15 10.01 -12.55
CA GLY A 52 -2.46 10.44 -12.93
C GLY A 52 -2.43 11.85 -13.37
N ARG A 53 -3.14 12.64 -12.56
CA ARG A 53 -3.20 14.08 -12.77
C ARG A 53 -2.53 14.74 -11.61
N GLU A 54 -2.74 16.07 -11.46
CA GLU A 54 -2.18 16.90 -10.41
C GLU A 54 -2.59 16.42 -9.06
N MET A 55 -3.74 16.90 -8.53
CA MET A 55 -4.41 16.23 -7.44
C MET A 55 -5.07 15.07 -8.09
N ALA A 56 -4.51 13.85 -7.90
CA ALA A 56 -4.76 12.77 -8.81
C ALA A 56 -6.04 12.04 -8.58
N HIS A 57 -6.08 10.80 -9.07
CA HIS A 57 -7.28 10.03 -9.12
C HIS A 57 -7.38 9.13 -7.96
N GLN A 58 -8.60 8.98 -7.38
CA GLN A 58 -8.80 8.04 -6.31
C GLN A 58 -9.17 6.69 -6.87
N GLN A 59 -9.19 6.62 -8.20
CA GLN A 59 -9.39 5.44 -9.00
C GLN A 59 -8.08 4.77 -9.12
N ILE A 60 -7.08 5.60 -9.53
CA ILE A 60 -5.71 5.27 -9.71
C ILE A 60 -5.14 4.66 -8.47
N GLY A 61 -5.50 5.25 -7.32
CA GLY A 61 -5.03 4.80 -6.07
C GLY A 61 -5.66 3.54 -5.63
N MET A 62 -7.00 3.50 -5.57
CA MET A 62 -7.68 2.49 -4.85
C MET A 62 -7.91 1.24 -5.66
N GLU A 63 -7.50 1.16 -6.94
CA GLU A 63 -7.10 -0.17 -7.35
C GLU A 63 -5.99 -0.73 -6.60
N VAL A 64 -4.87 -0.01 -6.62
CA VAL A 64 -3.61 -0.55 -6.29
C VAL A 64 -3.59 -0.89 -4.88
N LEU A 65 -3.70 0.14 -4.03
CA LEU A 65 -3.73 0.10 -2.61
C LEU A 65 -4.65 -0.91 -2.02
N ASN A 66 -5.90 -0.87 -2.47
CA ASN A 66 -6.89 -1.85 -2.10
C ASN A 66 -6.63 -3.24 -2.52
N ARG A 67 -5.95 -3.44 -3.67
CA ARG A 67 -5.55 -4.76 -4.03
C ARG A 67 -4.33 -5.17 -3.30
N VAL A 68 -3.58 -4.22 -2.67
CA VAL A 68 -2.46 -4.60 -1.93
C VAL A 68 -2.98 -5.17 -0.66
N LYS A 69 -4.00 -4.51 -0.02
CA LYS A 69 -4.71 -4.96 1.12
C LYS A 69 -5.26 -6.32 0.97
N ASP A 70 -5.96 -6.57 -0.15
CA ASP A 70 -6.71 -7.72 -0.47
C ASP A 70 -5.77 -8.81 -0.78
N ASP A 71 -4.68 -8.53 -1.52
CA ASP A 71 -3.70 -9.57 -1.66
C ASP A 71 -2.84 -9.82 -0.44
N LEU A 72 -2.66 -8.82 0.46
CA LEU A 72 -1.89 -8.96 1.67
C LEU A 72 -2.67 -9.57 2.75
N GLN A 73 -4.02 -9.35 2.79
CA GLN A 73 -5.08 -9.67 3.74
C GLN A 73 -4.95 -10.87 4.60
N GLU A 74 -4.19 -11.83 4.06
CA GLU A 74 -3.65 -13.00 4.67
C GLU A 74 -2.98 -12.74 5.97
N LEU A 75 -2.10 -11.74 5.93
CA LEU A 75 -1.10 -11.46 6.90
C LEU A 75 -1.25 -10.05 7.38
N ALA A 76 -1.40 -9.12 6.41
CA ALA A 76 -1.50 -7.69 6.71
C ALA A 76 -2.86 -7.24 6.50
N VAL A 77 -3.30 -6.22 7.24
CA VAL A 77 -4.04 -5.24 6.55
C VAL A 77 -3.52 -3.87 6.61
N VAL A 78 -4.23 -3.06 5.85
CA VAL A 78 -4.18 -1.67 5.81
C VAL A 78 -4.92 -1.22 7.01
N GLU A 79 -4.45 -0.09 7.52
CA GLU A 79 -4.86 0.48 8.75
C GLU A 79 -6.09 1.27 8.44
N SER A 80 -6.03 1.92 7.26
CA SER A 80 -7.03 2.85 6.89
C SER A 80 -6.94 3.00 5.43
N PHE A 81 -8.11 3.14 4.79
CA PHE A 81 -8.19 3.45 3.40
C PHE A 81 -8.53 4.92 3.44
N PRO A 82 -7.57 5.85 3.46
CA PRO A 82 -7.74 6.96 4.33
C PRO A 82 -8.13 8.16 3.50
N THR A 83 -7.14 8.91 2.96
CA THR A 83 -7.22 10.28 2.84
C THR A 83 -7.64 10.65 1.47
N LYS A 84 -7.26 11.90 1.27
CA LYS A 84 -7.33 12.67 0.07
C LYS A 84 -5.93 12.74 -0.37
N ILE A 85 -5.72 12.72 -1.70
CA ILE A 85 -4.42 12.85 -2.29
C ILE A 85 -4.03 14.29 -2.16
N GLU A 86 -2.78 14.48 -1.74
CA GLU A 86 -2.16 15.76 -1.60
C GLU A 86 -1.03 15.75 -2.57
N GLY A 87 -1.15 16.55 -3.63
CA GLY A 87 -0.21 16.48 -4.71
C GLY A 87 -0.52 15.27 -5.51
N ARG A 88 0.54 14.71 -6.09
CA ARG A 88 0.51 13.59 -6.98
C ARG A 88 0.88 12.35 -6.23
N GLN A 89 0.40 12.20 -4.98
CA GLN A 89 0.76 11.07 -4.13
C GLN A 89 -0.08 11.03 -2.91
N MET A 90 -0.50 9.81 -2.52
CA MET A 90 -1.35 9.59 -1.37
C MET A 90 -0.56 8.63 -0.55
N ILE A 91 -0.97 8.40 0.71
CA ILE A 91 -0.58 7.31 1.52
C ILE A 91 -1.77 6.42 1.74
N MET A 92 -1.54 5.09 1.73
CA MET A 92 -2.35 4.14 2.47
C MET A 92 -1.38 3.58 3.44
N VAL A 93 -1.78 3.51 4.72
CA VAL A 93 -0.91 2.95 5.71
C VAL A 93 -1.19 1.45 5.78
N LEU A 94 -0.14 0.60 5.81
CA LEU A 94 -0.19 -0.87 5.68
C LEU A 94 0.30 -1.70 6.87
N ALA A 95 -0.45 -1.80 7.97
CA ALA A 95 0.03 -2.41 9.20
C ALA A 95 -0.10 -3.91 9.35
N PRO A 96 0.29 -4.53 10.48
CA PRO A 96 -0.17 -5.85 10.82
C PRO A 96 -1.63 -5.81 11.12
N LYS A 97 -2.36 -6.89 10.75
CA LYS A 97 -3.77 -6.94 10.99
C LYS A 97 -4.08 -7.27 12.41
N LYS A 98 -5.19 -6.68 12.89
CA LYS A 98 -5.73 -6.93 14.19
C LYS A 98 -6.94 -7.78 14.02
N LYS A 99 -6.74 -9.00 13.51
CA LYS A 99 -7.81 -9.93 13.26
C LYS A 99 -8.19 -10.58 14.54
N GLN A 100 -9.45 -10.34 14.97
CA GLN A 100 -9.98 -10.94 16.15
C GLN A 100 -11.33 -11.51 15.75
N VAL A 10 10.89 -1.81 18.23
CA VAL A 10 9.52 -1.29 18.00
C VAL A 10 9.07 -1.59 16.62
N ILE A 11 7.91 -1.01 16.31
CA ILE A 11 7.25 -1.08 15.04
C ILE A 11 7.81 0.02 14.20
N GLN A 12 8.46 -0.41 13.10
CA GLN A 12 9.24 0.43 12.27
C GLN A 12 8.37 0.84 11.13
N VAL A 13 8.83 1.80 10.31
CA VAL A 13 8.19 2.07 9.06
C VAL A 13 9.04 1.49 7.99
N LYS A 14 8.48 0.57 7.17
CA LYS A 14 9.08 0.40 5.86
C LYS A 14 8.16 1.08 4.92
N GLU A 15 8.54 1.16 3.64
CA GLU A 15 7.70 1.81 2.70
C GLU A 15 7.82 1.07 1.41
N ILE A 16 6.75 1.12 0.61
CA ILE A 16 6.76 0.63 -0.73
C ILE A 16 6.15 1.73 -1.53
N LYS A 17 6.33 1.75 -2.87
CA LYS A 17 5.44 2.52 -3.69
C LYS A 17 4.68 1.65 -4.61
N PHE A 18 3.46 2.12 -4.97
CA PHE A 18 2.69 1.54 -6.01
C PHE A 18 2.38 2.64 -6.97
N ARG A 19 2.59 2.34 -8.27
CA ARG A 19 2.48 3.26 -9.34
C ARG A 19 1.12 3.10 -9.98
N PRO A 20 0.71 4.02 -10.86
CA PRO A 20 -0.47 3.87 -11.65
C PRO A 20 -0.38 2.71 -12.57
N GLY A 21 -1.52 1.99 -12.69
CA GLY A 21 -1.56 0.74 -13.39
C GLY A 21 -0.79 -0.23 -12.57
N THR A 22 0.19 -0.83 -13.28
CA THR A 22 1.20 -1.73 -12.82
C THR A 22 0.66 -2.94 -12.15
N ASP A 23 0.77 -4.06 -12.86
CA ASP A 23 0.50 -5.34 -12.34
C ASP A 23 1.73 -6.15 -12.64
N GLU A 24 1.57 -7.37 -13.19
CA GLU A 24 1.36 -8.55 -12.41
C GLU A 24 2.45 -8.66 -11.42
N GLY A 25 3.62 -9.20 -11.88
CA GLY A 25 4.75 -9.34 -11.02
C GLY A 25 5.77 -8.30 -11.27
N ASP A 26 5.31 -7.05 -11.32
CA ASP A 26 6.09 -5.94 -10.90
C ASP A 26 5.53 -5.50 -9.59
N TYR A 27 4.18 -5.53 -9.55
CA TYR A 27 3.34 -5.06 -8.47
C TYR A 27 3.46 -6.01 -7.34
N GLN A 28 2.86 -7.21 -7.44
CA GLN A 28 2.91 -8.28 -6.51
C GLN A 28 4.24 -8.90 -6.14
N VAL A 29 5.29 -8.56 -6.89
CA VAL A 29 6.67 -8.74 -6.45
C VAL A 29 6.97 -7.84 -5.28
N LYS A 30 6.45 -6.60 -5.30
CA LYS A 30 6.58 -5.68 -4.21
C LYS A 30 5.47 -5.68 -3.23
N LEU A 31 4.47 -6.51 -3.50
CA LEU A 31 3.53 -6.90 -2.52
C LEU A 31 4.23 -7.96 -1.73
N ARG A 32 5.12 -8.74 -2.40
CA ARG A 32 6.05 -9.64 -1.77
C ARG A 32 6.98 -8.92 -0.82
N SER A 33 7.53 -7.75 -1.26
CA SER A 33 8.33 -6.95 -0.38
C SER A 33 7.60 -6.47 0.85
N LEU A 34 6.33 -6.04 0.70
CA LEU A 34 5.49 -5.69 1.82
C LEU A 34 5.13 -6.80 2.75
N ILE A 35 5.02 -8.08 2.27
CA ILE A 35 4.73 -9.18 3.14
C ILE A 35 5.82 -9.28 4.14
N ARG A 36 7.04 -9.25 3.60
CA ARG A 36 8.30 -9.28 4.29
C ARG A 36 8.32 -8.25 5.38
N PHE A 37 7.87 -7.00 5.10
CA PHE A 37 7.85 -5.93 6.04
C PHE A 37 6.99 -6.18 7.25
N LEU A 38 5.74 -6.61 7.03
CA LEU A 38 4.77 -6.92 8.07
C LEU A 38 5.05 -8.19 8.81
N GLU A 39 5.86 -9.09 8.21
CA GLU A 39 6.38 -10.28 8.81
C GLU A 39 7.46 -9.96 9.79
N GLU A 40 8.25 -8.89 9.52
CA GLU A 40 9.18 -8.35 10.48
C GLU A 40 8.42 -7.73 11.63
N GLY A 41 7.20 -7.24 11.34
CA GLY A 41 6.38 -6.51 12.24
C GLY A 41 6.82 -5.11 12.11
N ASP A 42 6.55 -4.54 10.93
CA ASP A 42 6.71 -3.14 10.73
C ASP A 42 5.36 -2.84 10.31
N LYS A 43 5.05 -1.54 10.23
CA LYS A 43 3.98 -1.21 9.38
C LYS A 43 4.75 -0.85 8.20
N ALA A 44 4.31 -1.34 7.03
CA ALA A 44 4.77 -0.65 5.88
C ALA A 44 3.86 0.52 5.73
N LYS A 45 4.27 1.54 4.98
CA LYS A 45 3.31 2.44 4.44
C LYS A 45 3.32 2.21 2.99
N ILE A 46 2.13 2.14 2.39
CA ILE A 46 2.02 2.23 0.98
C ILE A 46 2.05 3.68 0.70
N THR A 47 2.93 4.09 -0.22
CA THR A 47 2.88 5.42 -0.72
C THR A 47 2.45 5.24 -2.13
N LEU A 48 1.31 5.84 -2.46
CA LEU A 48 0.97 5.96 -3.83
C LEU A 48 1.68 7.13 -4.34
N ARG A 49 1.94 7.13 -5.65
CA ARG A 49 2.66 8.13 -6.28
C ARG A 49 1.98 8.03 -7.55
N PHE A 50 1.00 8.91 -7.65
CA PHE A 50 0.24 9.10 -8.83
C PHE A 50 1.18 9.82 -9.71
N ARG A 51 1.53 9.18 -10.82
CA ARG A 51 2.32 9.79 -11.86
C ARG A 51 1.26 10.40 -12.68
N GLY A 52 0.96 11.69 -12.34
CA GLY A 52 -0.38 12.19 -12.36
C GLY A 52 -1.02 12.18 -13.67
N ARG A 53 -2.14 11.44 -13.71
CA ARG A 53 -3.00 11.45 -14.87
C ARG A 53 -3.70 12.76 -14.91
N GLU A 54 -4.62 12.80 -13.98
CA GLU A 54 -5.20 14.01 -13.45
C GLU A 54 -4.11 14.61 -12.63
N MET A 55 -3.93 14.07 -11.39
CA MET A 55 -2.87 14.49 -10.52
C MET A 55 -2.84 13.61 -9.32
N ALA A 56 -3.95 12.90 -9.03
CA ALA A 56 -4.21 12.43 -7.70
C ALA A 56 -5.55 11.81 -7.78
N HIS A 57 -5.60 10.49 -7.57
CA HIS A 57 -6.73 9.69 -7.95
C HIS A 57 -7.29 8.88 -6.85
N GLN A 58 -8.62 8.64 -6.90
CA GLN A 58 -9.23 7.61 -6.13
C GLN A 58 -9.61 6.51 -7.08
N GLN A 59 -8.88 6.38 -8.20
CA GLN A 59 -9.15 5.41 -9.22
C GLN A 59 -7.88 4.66 -9.43
N ILE A 60 -6.82 5.44 -9.78
CA ILE A 60 -5.45 5.07 -9.88
C ILE A 60 -4.99 4.49 -8.60
N GLY A 61 -5.47 5.09 -7.51
CA GLY A 61 -5.11 4.63 -6.23
C GLY A 61 -5.77 3.38 -5.87
N MET A 62 -7.11 3.38 -5.82
CA MET A 62 -7.85 2.40 -5.10
C MET A 62 -8.18 1.19 -5.94
N GLU A 63 -7.72 1.06 -7.19
CA GLU A 63 -7.38 -0.30 -7.58
C GLU A 63 -6.31 -0.90 -6.81
N VAL A 64 -5.16 -0.22 -6.84
CA VAL A 64 -3.89 -0.77 -6.51
C VAL A 64 -3.90 -1.05 -5.09
N LEU A 65 -4.03 0.02 -4.30
CA LEU A 65 -4.13 0.06 -2.87
C LEU A 65 -4.98 -1.00 -2.31
N ASN A 66 -6.25 -0.99 -2.73
CA ASN A 66 -7.27 -1.96 -2.38
C ASN A 66 -6.93 -3.35 -2.68
N ARG A 67 -6.26 -3.60 -3.81
CA ARG A 67 -5.84 -4.93 -4.09
C ARG A 67 -4.58 -5.29 -3.37
N VAL A 68 -3.85 -4.30 -2.79
CA VAL A 68 -2.72 -4.62 -2.04
C VAL A 68 -3.22 -5.15 -0.73
N LYS A 69 -4.22 -4.47 -0.06
CA LYS A 69 -4.87 -4.98 1.10
C LYS A 69 -5.39 -6.30 0.78
N ASP A 70 -6.25 -6.45 -0.25
CA ASP A 70 -7.04 -7.60 -0.48
C ASP A 70 -6.18 -8.78 -0.77
N ASP A 71 -5.03 -8.58 -1.44
CA ASP A 71 -4.10 -9.68 -1.49
C ASP A 71 -3.32 -9.96 -0.23
N LEU A 72 -2.85 -8.94 0.52
CA LEU A 72 -2.05 -9.15 1.69
C LEU A 72 -2.77 -9.50 2.92
N GLN A 73 -4.07 -9.13 3.03
CA GLN A 73 -5.09 -9.21 4.03
C GLN A 73 -5.02 -10.30 5.02
N GLU A 74 -4.45 -11.41 4.56
CA GLU A 74 -4.07 -12.57 5.31
C GLU A 74 -3.20 -12.27 6.49
N LEU A 75 -2.13 -11.54 6.18
CA LEU A 75 -0.93 -11.38 6.91
C LEU A 75 -0.91 -10.00 7.49
N ALA A 76 -1.05 -9.01 6.58
CA ALA A 76 -0.98 -7.59 6.91
C ALA A 76 -2.37 -7.17 6.94
N VAL A 77 -2.71 -6.10 7.69
CA VAL A 77 -3.66 -5.26 7.07
C VAL A 77 -3.20 -3.90 6.82
N VAL A 78 -4.14 -3.14 6.25
CA VAL A 78 -4.11 -1.76 6.13
C VAL A 78 -4.87 -1.24 7.30
N GLU A 79 -4.47 -0.05 7.74
CA GLU A 79 -4.99 0.60 8.88
C GLU A 79 -6.24 1.27 8.45
N SER A 80 -6.16 1.88 7.26
CA SER A 80 -7.23 2.68 6.79
C SER A 80 -7.19 2.66 5.32
N PHE A 81 -8.36 2.75 4.69
CA PHE A 81 -8.43 2.92 3.30
C PHE A 81 -8.86 4.32 3.15
N PRO A 82 -7.99 5.23 2.79
CA PRO A 82 -8.26 6.56 3.15
C PRO A 82 -8.73 7.11 1.84
N THR A 83 -8.12 8.23 1.45
CA THR A 83 -8.82 9.31 0.89
C THR A 83 -7.75 10.33 0.62
N LYS A 84 -6.87 10.60 1.62
CA LYS A 84 -6.21 11.86 1.70
C LYS A 84 -4.93 11.85 0.93
N ILE A 85 -5.00 12.36 -0.30
CA ILE A 85 -3.87 12.53 -1.15
C ILE A 85 -3.35 13.88 -0.82
N GLU A 86 -2.03 13.92 -0.66
CA GLU A 86 -1.30 15.11 -0.34
C GLU A 86 -0.33 15.29 -1.45
N GLY A 87 -0.58 16.33 -2.28
CA GLY A 87 0.16 16.46 -3.50
C GLY A 87 -0.39 15.50 -4.49
N ARG A 88 0.55 14.93 -5.25
CA ARG A 88 0.30 13.97 -6.27
C ARG A 88 0.71 12.63 -5.78
N GLN A 89 0.33 12.26 -4.54
CA GLN A 89 0.79 11.03 -3.93
C GLN A 89 -0.02 10.75 -2.70
N MET A 90 -0.46 9.49 -2.48
CA MET A 90 -1.37 9.18 -1.38
C MET A 90 -0.81 8.11 -0.51
N ILE A 91 -0.58 8.40 0.78
CA ILE A 91 -0.25 7.38 1.71
C ILE A 91 -1.52 6.72 2.15
N MET A 92 -1.53 5.39 1.96
CA MET A 92 -2.38 4.45 2.61
C MET A 92 -1.48 3.78 3.58
N VAL A 93 -1.97 3.58 4.82
CA VAL A 93 -1.05 3.08 5.82
C VAL A 93 -1.29 1.59 6.02
N LEU A 94 -0.21 0.78 6.06
CA LEU A 94 -0.15 -0.68 6.20
C LEU A 94 0.41 -1.33 7.45
N ALA A 95 -0.39 -1.57 8.51
CA ALA A 95 0.06 -2.16 9.77
C ALA A 95 -0.38 -3.57 10.03
N PRO A 96 0.32 -4.37 10.85
CA PRO A 96 0.15 -5.81 10.89
C PRO A 96 -1.16 -6.14 11.49
N LYS A 97 -1.73 -7.29 11.06
CA LYS A 97 -3.05 -7.63 11.52
C LYS A 97 -2.94 -8.14 12.91
N LYS A 98 -3.65 -7.42 13.81
CA LYS A 98 -3.84 -7.83 15.17
C LYS A 98 -5.01 -8.74 15.15
N LYS A 99 -4.75 -10.06 15.26
CA LYS A 99 -5.80 -11.05 15.26
C LYS A 99 -6.46 -11.02 16.60
N GLN A 100 -7.80 -11.01 16.59
CA GLN A 100 -8.58 -10.98 17.80
C GLN A 100 -8.42 -12.32 18.49
N VAL A 10 7.69 -0.37 18.66
CA VAL A 10 8.74 -1.39 18.44
C VAL A 10 8.65 -1.83 17.04
N ILE A 11 7.51 -1.40 16.56
CA ILE A 11 7.00 -1.57 15.23
C ILE A 11 7.58 -0.47 14.42
N GLN A 12 8.26 -0.88 13.33
CA GLN A 12 9.10 -0.02 12.57
C GLN A 12 8.28 0.44 11.43
N VAL A 13 8.68 1.53 10.75
CA VAL A 13 7.98 1.94 9.58
C VAL A 13 8.78 1.49 8.40
N LYS A 14 8.17 0.67 7.50
CA LYS A 14 8.77 0.56 6.19
C LYS A 14 7.91 1.28 5.24
N GLU A 15 8.29 1.26 3.95
CA GLU A 15 7.49 1.89 2.97
C GLU A 15 7.67 1.16 1.68
N ILE A 16 6.60 1.19 0.86
CA ILE A 16 6.61 0.67 -0.48
C ILE A 16 5.98 1.76 -1.29
N LYS A 17 6.17 1.76 -2.63
CA LYS A 17 5.32 2.58 -3.46
C LYS A 17 4.62 1.76 -4.47
N PHE A 18 3.44 2.27 -4.92
CA PHE A 18 2.68 1.67 -5.98
C PHE A 18 2.25 2.75 -6.91
N ARG A 19 2.37 2.45 -8.22
CA ARG A 19 2.13 3.40 -9.29
C ARG A 19 0.87 2.99 -10.02
N PRO A 20 0.21 3.88 -10.79
CA PRO A 20 -0.96 3.59 -11.57
C PRO A 20 -0.64 2.59 -12.64
N GLY A 21 -1.55 1.61 -12.83
CA GLY A 21 -1.53 0.61 -13.87
C GLY A 21 -0.23 -0.10 -13.94
N THR A 22 0.06 -0.66 -12.79
CA THR A 22 1.23 -1.40 -12.51
C THR A 22 0.70 -2.62 -11.91
N ASP A 23 0.79 -3.68 -12.71
CA ASP A 23 0.52 -5.01 -12.34
C ASP A 23 1.75 -5.78 -12.68
N GLU A 24 1.60 -7.00 -13.25
CA GLU A 24 1.42 -8.19 -12.47
C GLU A 24 2.60 -8.33 -11.58
N GLY A 25 3.73 -8.81 -12.14
CA GLY A 25 4.91 -9.04 -11.35
C GLY A 25 5.91 -7.95 -11.51
N ASP A 26 5.42 -6.72 -11.51
CA ASP A 26 6.16 -5.62 -11.00
C ASP A 26 5.60 -5.32 -9.64
N TYR A 27 4.25 -5.40 -9.60
CA TYR A 27 3.41 -4.98 -8.51
C TYR A 27 3.54 -5.93 -7.39
N GLN A 28 2.96 -7.14 -7.51
CA GLN A 28 3.03 -8.20 -6.57
C GLN A 28 4.35 -8.80 -6.19
N VAL A 29 5.40 -8.45 -6.94
CA VAL A 29 6.78 -8.60 -6.52
C VAL A 29 7.07 -7.70 -5.32
N LYS A 30 6.54 -6.47 -5.33
CA LYS A 30 6.66 -5.55 -4.24
C LYS A 30 5.56 -5.59 -3.26
N LEU A 31 4.55 -6.40 -3.56
CA LEU A 31 3.62 -6.82 -2.58
C LEU A 31 4.34 -7.86 -1.79
N ARG A 32 5.24 -8.64 -2.45
CA ARG A 32 6.15 -9.56 -1.83
C ARG A 32 7.09 -8.84 -0.89
N SER A 33 7.66 -7.67 -1.32
CA SER A 33 8.53 -6.94 -0.45
C SER A 33 7.86 -6.46 0.80
N LEU A 34 6.63 -5.94 0.68
CA LEU A 34 5.82 -5.48 1.72
C LEU A 34 5.31 -6.60 2.63
N ILE A 35 5.09 -7.86 2.14
CA ILE A 35 4.80 -8.99 3.01
C ILE A 35 5.88 -9.14 4.00
N ARG A 36 7.11 -9.19 3.48
CA ARG A 36 8.35 -9.38 4.17
C ARG A 36 8.51 -8.39 5.28
N PHE A 37 8.09 -7.12 5.04
CA PHE A 37 8.09 -6.07 6.02
C PHE A 37 7.20 -6.39 7.19
N LEU A 38 5.93 -6.72 6.93
CA LEU A 38 4.92 -7.07 7.92
C LEU A 38 5.16 -8.38 8.62
N GLU A 39 5.96 -9.27 8.01
CA GLU A 39 6.44 -10.51 8.58
C GLU A 39 7.47 -10.24 9.62
N GLU A 40 8.32 -9.20 9.40
CA GLU A 40 9.20 -8.71 10.43
C GLU A 40 8.43 -8.06 11.55
N GLY A 41 7.19 -7.63 11.25
CA GLY A 41 6.34 -6.92 12.13
C GLY A 41 6.75 -5.51 11.99
N ASP A 42 6.48 -4.95 10.80
CA ASP A 42 6.66 -3.58 10.62
C ASP A 42 5.34 -3.18 10.19
N LYS A 43 5.14 -1.89 10.27
CA LYS A 43 3.98 -1.27 9.80
C LYS A 43 4.54 -0.64 8.59
N ALA A 44 4.19 -1.20 7.43
CA ALA A 44 4.72 -0.70 6.22
C ALA A 44 3.73 0.20 5.59
N LYS A 45 4.16 1.41 5.24
CA LYS A 45 3.24 2.36 4.70
C LYS A 45 3.29 2.32 3.23
N ILE A 46 2.12 2.21 2.61
CA ILE A 46 2.02 2.33 1.20
C ILE A 46 1.97 3.79 0.91
N THR A 47 2.78 4.21 -0.05
CA THR A 47 2.64 5.52 -0.59
C THR A 47 2.21 5.26 -1.99
N LEU A 48 1.03 5.78 -2.32
CA LEU A 48 0.62 5.88 -3.68
C LEU A 48 1.40 6.98 -4.29
N ARG A 49 1.75 6.84 -5.57
CA ARG A 49 2.51 7.78 -6.27
C ARG A 49 1.92 7.60 -7.60
N PHE A 50 0.95 8.47 -7.82
CA PHE A 50 0.16 8.63 -8.99
C PHE A 50 1.06 9.12 -10.10
N ARG A 51 0.60 9.02 -11.36
CA ARG A 51 1.13 9.82 -12.44
C ARG A 51 0.40 11.12 -12.25
N GLY A 52 0.90 11.97 -11.34
CA GLY A 52 -0.02 12.70 -10.50
C GLY A 52 -0.56 13.89 -11.16
N ARG A 53 -1.86 13.78 -11.43
CA ARG A 53 -2.45 14.76 -12.30
C ARG A 53 -3.92 14.65 -12.16
N GLU A 54 -4.58 14.65 -13.32
CA GLU A 54 -5.88 14.09 -13.56
C GLU A 54 -5.73 12.63 -13.90
N MET A 55 -4.55 12.03 -13.57
CA MET A 55 -4.36 10.63 -13.45
C MET A 55 -3.92 10.40 -12.03
N ALA A 56 -4.32 11.31 -11.11
CA ALA A 56 -4.29 11.10 -9.70
C ALA A 56 -5.69 11.05 -9.19
N HIS A 57 -6.19 9.81 -9.01
CA HIS A 57 -7.57 9.59 -8.67
C HIS A 57 -7.69 8.70 -7.49
N GLN A 58 -8.92 8.55 -6.95
CA GLN A 58 -9.23 7.52 -6.01
C GLN A 58 -9.60 6.25 -6.71
N GLN A 59 -9.42 6.20 -8.03
CA GLN A 59 -9.59 5.05 -8.87
C GLN A 59 -8.24 4.47 -9.06
N ILE A 60 -7.30 5.40 -9.39
CA ILE A 60 -5.93 5.18 -9.68
C ILE A 60 -5.25 4.67 -8.46
N GLY A 61 -5.68 5.18 -7.32
CA GLY A 61 -5.27 4.69 -6.07
C GLY A 61 -5.86 3.39 -5.69
N MET A 62 -7.19 3.32 -5.57
CA MET A 62 -7.81 2.30 -4.82
C MET A 62 -8.05 1.03 -5.58
N GLU A 63 -7.75 0.93 -6.88
CA GLU A 63 -7.39 -0.39 -7.32
C GLU A 63 -6.23 -0.96 -6.65
N VAL A 64 -5.13 -0.19 -6.67
CA VAL A 64 -3.85 -0.70 -6.38
C VAL A 64 -3.81 -1.00 -4.96
N LEU A 65 -3.91 0.03 -4.15
CA LEU A 65 -3.91 0.06 -2.72
C LEU A 65 -4.73 -0.99 -2.06
N ASN A 66 -6.01 -1.01 -2.43
CA ASN A 66 -6.96 -2.01 -2.02
C ASN A 66 -6.71 -3.39 -2.44
N ARG A 67 -6.08 -3.59 -3.60
CA ARG A 67 -5.68 -4.91 -3.94
C ARG A 67 -4.40 -5.27 -3.27
N VAL A 68 -3.65 -4.28 -2.72
CA VAL A 68 -2.49 -4.61 -2.01
C VAL A 68 -2.96 -5.16 -0.72
N LYS A 69 -3.92 -4.46 -0.04
CA LYS A 69 -4.59 -4.91 1.13
C LYS A 69 -5.13 -6.24 0.95
N ASP A 70 -5.94 -6.47 -0.11
CA ASP A 70 -6.75 -7.61 -0.29
C ASP A 70 -5.90 -8.79 -0.61
N ASP A 71 -4.80 -8.58 -1.36
CA ASP A 71 -3.88 -9.70 -1.46
C ASP A 71 -3.11 -9.99 -0.20
N LEU A 72 -2.72 -8.96 0.59
CA LEU A 72 -1.95 -9.15 1.76
C LEU A 72 -2.67 -9.55 2.96
N GLN A 73 -3.99 -9.20 3.07
CA GLN A 73 -5.05 -9.39 4.03
C GLN A 73 -5.02 -10.60 4.89
N GLU A 74 -4.30 -11.60 4.41
CA GLU A 74 -3.86 -12.75 5.15
C GLU A 74 -3.10 -12.38 6.40
N LEU A 75 -2.03 -11.64 6.16
CA LEU A 75 -0.89 -11.46 7.00
C LEU A 75 -0.87 -10.06 7.52
N ALA A 76 -1.14 -9.11 6.60
CA ALA A 76 -1.16 -7.69 6.95
C ALA A 76 -2.50 -7.14 6.78
N VAL A 77 -2.95 -6.22 7.67
CA VAL A 77 -3.84 -5.23 7.19
C VAL A 77 -3.62 -3.79 7.44
N VAL A 78 -4.37 -3.04 6.64
CA VAL A 78 -4.33 -1.65 6.51
C VAL A 78 -5.11 -1.08 7.63
N GLU A 79 -4.66 0.12 8.02
CA GLU A 79 -5.12 0.81 9.16
C GLU A 79 -6.36 1.48 8.74
N SER A 80 -6.33 1.99 7.50
CA SER A 80 -7.37 2.82 7.02
C SER A 80 -7.24 2.84 5.56
N PHE A 81 -8.37 3.00 4.88
CA PHE A 81 -8.37 3.17 3.45
C PHE A 81 -8.74 4.62 3.29
N PRO A 82 -7.86 5.57 2.98
CA PRO A 82 -8.08 6.82 3.63
C PRO A 82 -7.97 7.91 2.59
N THR A 83 -6.88 8.70 2.59
CA THR A 83 -7.05 10.04 2.98
C THR A 83 -7.35 10.95 1.84
N LYS A 84 -6.29 11.57 1.30
CA LYS A 84 -6.38 12.64 0.36
C LYS A 84 -5.12 12.54 -0.41
N ILE A 85 -5.21 12.58 -1.75
CA ILE A 85 -4.05 12.77 -2.56
C ILE A 85 -3.74 14.21 -2.40
N GLU A 86 -2.46 14.45 -2.11
CA GLU A 86 -1.90 15.74 -1.88
C GLU A 86 -0.66 15.70 -2.69
N GLY A 87 -0.62 16.54 -3.74
CA GLY A 87 0.42 16.40 -4.73
C GLY A 87 0.09 15.27 -5.63
N ARG A 88 1.15 14.53 -5.97
CA ARG A 88 1.13 13.46 -6.90
C ARG A 88 1.11 12.14 -6.19
N GLN A 89 0.45 12.06 -5.03
CA GLN A 89 0.72 10.96 -4.13
C GLN A 89 -0.27 10.92 -3.00
N MET A 90 -0.70 9.70 -2.60
CA MET A 90 -1.52 9.51 -1.42
C MET A 90 -0.69 8.64 -0.54
N ILE A 91 -1.12 8.44 0.72
CA ILE A 91 -0.73 7.39 1.60
C ILE A 91 -1.95 6.57 1.92
N MET A 92 -1.73 5.24 2.02
CA MET A 92 -2.56 4.30 2.73
C MET A 92 -1.60 3.65 3.66
N VAL A 93 -1.96 3.49 4.95
CA VAL A 93 -0.99 3.03 5.90
C VAL A 93 -1.24 1.55 6.15
N LEU A 94 -0.21 0.66 6.28
CA LEU A 94 -0.53 -0.75 6.34
C LEU A 94 0.24 -1.31 7.52
N ALA A 95 -0.44 -2.08 8.41
CA ALA A 95 0.08 -2.57 9.66
C ALA A 95 -0.15 -4.04 9.82
N PRO A 96 0.29 -4.70 10.88
CA PRO A 96 0.11 -6.12 11.00
C PRO A 96 -1.34 -6.46 11.23
N LYS A 97 -1.68 -7.72 10.89
CA LYS A 97 -2.99 -8.28 11.15
C LYS A 97 -3.02 -8.62 12.60
N LYS A 98 -3.98 -7.96 13.30
CA LYS A 98 -4.37 -8.34 14.62
C LYS A 98 -5.27 -9.51 14.38
N LYS A 99 -4.86 -10.69 14.91
CA LYS A 99 -5.44 -11.98 14.61
C LYS A 99 -6.89 -12.03 14.96
N GLN A 100 -7.72 -12.27 13.91
CA GLN A 100 -9.14 -12.38 14.07
C GLN A 100 -9.43 -13.74 14.69
N VAL A 10 10.84 -0.84 17.91
CA VAL A 10 9.38 -0.59 17.83
C VAL A 10 8.84 -1.03 16.52
N ILE A 11 7.57 -0.67 16.33
CA ILE A 11 6.85 -0.81 15.10
C ILE A 11 7.08 0.45 14.33
N GLN A 12 7.78 0.29 13.19
CA GLN A 12 8.40 1.38 12.50
C GLN A 12 7.60 1.61 11.29
N VAL A 13 7.75 2.77 10.61
CA VAL A 13 7.27 2.85 9.27
C VAL A 13 8.40 2.39 8.43
N LYS A 14 8.18 1.27 7.71
CA LYS A 14 8.90 1.12 6.47
C LYS A 14 7.89 1.25 5.40
N GLU A 15 8.32 1.35 4.13
CA GLU A 15 7.44 1.83 3.11
C GLU A 15 7.55 0.99 1.86
N ILE A 16 6.51 1.03 1.00
CA ILE A 16 6.58 0.53 -0.35
C ILE A 16 5.99 1.61 -1.20
N LYS A 17 6.23 1.60 -2.53
CA LYS A 17 5.39 2.37 -3.41
C LYS A 17 4.68 1.53 -4.42
N PHE A 18 3.52 2.06 -4.89
CA PHE A 18 2.78 1.53 -5.99
C PHE A 18 2.53 2.68 -6.91
N ARG A 19 2.49 2.39 -8.23
CA ARG A 19 2.26 3.36 -9.26
C ARG A 19 0.95 3.03 -9.92
N PRO A 20 0.43 3.90 -10.79
CA PRO A 20 -0.73 3.61 -11.60
C PRO A 20 -0.37 2.60 -12.63
N GLY A 21 -1.38 1.82 -13.06
CA GLY A 21 -1.15 0.65 -13.84
C GLY A 21 -0.51 -0.32 -12.92
N THR A 22 0.63 -0.83 -13.41
CA THR A 22 1.55 -1.75 -12.83
C THR A 22 0.87 -2.96 -12.29
N ASP A 23 0.93 -4.03 -13.09
CA ASP A 23 0.27 -5.24 -12.74
C ASP A 23 1.29 -6.32 -12.55
N GLU A 24 0.87 -7.60 -12.68
CA GLU A 24 1.00 -8.59 -11.65
C GLU A 24 2.41 -8.85 -11.27
N GLY A 25 3.27 -9.00 -12.29
CA GLY A 25 4.62 -9.42 -12.09
C GLY A 25 5.56 -8.29 -12.20
N ASP A 26 5.29 -7.38 -11.28
CA ASP A 26 5.93 -6.14 -11.02
C ASP A 26 5.32 -5.70 -9.71
N TYR A 27 3.99 -5.93 -9.62
CA TYR A 27 3.12 -5.37 -8.63
C TYR A 27 3.16 -6.28 -7.45
N GLN A 28 2.55 -7.47 -7.57
CA GLN A 28 2.58 -8.54 -6.64
C GLN A 28 3.90 -9.17 -6.31
N VAL A 29 4.93 -8.90 -7.12
CA VAL A 29 6.32 -9.11 -6.76
C VAL A 29 6.70 -8.20 -5.63
N LYS A 30 6.26 -6.93 -5.66
CA LYS A 30 6.48 -6.00 -4.59
C LYS A 30 5.39 -5.93 -3.58
N LEU A 31 4.43 -6.85 -3.73
CA LEU A 31 3.51 -7.17 -2.69
C LEU A 31 4.21 -8.19 -1.89
N ARG A 32 5.06 -9.02 -2.54
CA ARG A 32 6.00 -9.90 -1.91
C ARG A 32 6.97 -9.10 -1.06
N SER A 33 7.51 -7.97 -1.62
CA SER A 33 8.31 -7.10 -0.85
C SER A 33 7.59 -6.55 0.35
N LEU A 34 6.30 -6.13 0.18
CA LEU A 34 5.48 -5.68 1.27
C LEU A 34 5.18 -6.64 2.36
N ILE A 35 5.08 -7.96 2.04
CA ILE A 35 4.86 -8.95 3.04
C ILE A 35 6.00 -8.92 3.98
N ARG A 36 7.20 -8.89 3.38
CA ARG A 36 8.49 -8.83 4.04
C ARG A 36 8.50 -7.74 5.07
N PHE A 37 8.13 -6.49 4.69
CA PHE A 37 8.08 -5.36 5.62
C PHE A 37 7.19 -5.53 6.79
N LEU A 38 5.97 -6.00 6.53
CA LEU A 38 5.02 -6.29 7.57
C LEU A 38 5.48 -7.37 8.53
N GLU A 39 6.19 -8.41 8.00
CA GLU A 39 6.63 -9.61 8.67
C GLU A 39 7.84 -9.40 9.50
N GLU A 40 8.62 -8.33 9.21
CA GLU A 40 9.67 -7.90 10.08
C GLU A 40 9.10 -7.27 11.32
N GLY A 41 7.79 -6.94 11.28
CA GLY A 41 7.06 -6.34 12.32
C GLY A 41 7.32 -4.91 12.19
N ASP A 42 6.84 -4.34 11.07
CA ASP A 42 6.88 -2.94 10.96
C ASP A 42 5.53 -2.73 10.49
N LYS A 43 5.14 -1.46 10.39
CA LYS A 43 4.06 -1.22 9.53
C LYS A 43 4.82 -1.00 8.31
N ALA A 44 4.32 -1.62 7.27
CA ALA A 44 4.59 -1.14 5.98
C ALA A 44 3.65 0.02 5.83
N LYS A 45 3.93 0.98 4.97
CA LYS A 45 2.90 1.94 4.71
C LYS A 45 3.06 2.12 3.24
N ILE A 46 1.92 2.07 2.54
CA ILE A 46 1.90 2.20 1.13
C ILE A 46 1.92 3.66 0.80
N THR A 47 2.76 4.04 -0.16
CA THR A 47 2.68 5.36 -0.71
C THR A 47 2.32 5.15 -2.13
N LEU A 48 1.19 5.74 -2.53
CA LEU A 48 0.86 5.87 -3.92
C LEU A 48 1.68 6.97 -4.43
N ARG A 49 1.97 6.95 -5.73
CA ARG A 49 2.75 7.94 -6.36
C ARG A 49 2.04 7.91 -7.63
N PHE A 50 1.13 8.86 -7.71
CA PHE A 50 0.33 9.08 -8.86
C PHE A 50 1.24 9.62 -9.90
N ARG A 51 1.23 8.96 -11.06
CA ARG A 51 1.70 9.54 -12.28
C ARG A 51 0.53 10.40 -12.61
N GLY A 52 0.73 11.71 -12.45
CA GLY A 52 -0.37 12.60 -12.25
C GLY A 52 -1.15 12.80 -13.48
N ARG A 53 -2.42 12.37 -13.37
CA ARG A 53 -3.38 12.70 -14.40
C ARG A 53 -4.47 13.54 -13.81
N GLU A 54 -4.13 14.14 -12.65
CA GLU A 54 -5.00 14.94 -11.83
C GLU A 54 -4.08 15.29 -10.70
N MET A 55 -2.93 14.57 -10.68
CA MET A 55 -1.91 14.51 -9.67
C MET A 55 -2.30 13.58 -8.55
N ALA A 56 -3.53 13.03 -8.55
CA ALA A 56 -4.05 12.50 -7.34
C ALA A 56 -5.40 11.95 -7.60
N HIS A 57 -5.51 10.59 -7.50
CA HIS A 57 -6.74 9.91 -7.76
C HIS A 57 -7.11 8.93 -6.70
N GLN A 58 -8.43 8.64 -6.57
CA GLN A 58 -8.85 7.44 -5.89
C GLN A 58 -9.38 6.52 -6.94
N GLN A 59 -8.63 6.38 -8.05
CA GLN A 59 -8.91 5.42 -9.08
C GLN A 59 -7.62 4.74 -9.29
N ILE A 60 -6.59 5.59 -9.57
CA ILE A 60 -5.20 5.28 -9.58
C ILE A 60 -4.84 4.59 -8.31
N GLY A 61 -5.20 5.23 -7.18
CA GLY A 61 -4.86 4.73 -5.90
C GLY A 61 -5.56 3.47 -5.59
N MET A 62 -6.90 3.50 -5.60
CA MET A 62 -7.68 2.50 -4.95
C MET A 62 -8.05 1.34 -5.87
N GLU A 63 -7.54 1.26 -7.12
CA GLU A 63 -7.30 -0.08 -7.61
C GLU A 63 -6.25 -0.78 -6.88
N VAL A 64 -5.09 -0.12 -6.85
CA VAL A 64 -3.86 -0.69 -6.50
C VAL A 64 -3.92 -1.01 -5.09
N LEU A 65 -4.00 0.03 -4.24
CA LEU A 65 -4.09 -0.01 -2.80
C LEU A 65 -4.96 -1.07 -2.30
N ASN A 66 -6.22 -1.03 -2.76
CA ASN A 66 -7.26 -1.98 -2.51
C ASN A 66 -6.92 -3.39 -2.80
N ARG A 67 -6.28 -3.66 -3.95
CA ARG A 67 -5.93 -5.00 -4.26
C ARG A 67 -4.64 -5.41 -3.63
N VAL A 68 -3.85 -4.46 -3.08
CA VAL A 68 -2.66 -4.84 -2.43
C VAL A 68 -3.10 -5.38 -1.12
N LYS A 69 -4.11 -4.72 -0.50
CA LYS A 69 -4.70 -5.13 0.72
C LYS A 69 -5.35 -6.42 0.63
N ASP A 70 -6.25 -6.61 -0.35
CA ASP A 70 -7.02 -7.76 -0.57
C ASP A 70 -6.12 -8.90 -0.83
N ASP A 71 -5.00 -8.66 -1.57
CA ASP A 71 -4.03 -9.73 -1.60
C ASP A 71 -3.15 -9.92 -0.36
N LEU A 72 -2.87 -8.86 0.44
CA LEU A 72 -2.08 -8.95 1.63
C LEU A 72 -2.81 -9.55 2.76
N GLN A 73 -4.14 -9.24 2.86
CA GLN A 73 -5.16 -9.34 3.88
C GLN A 73 -5.06 -10.39 4.90
N GLU A 74 -4.49 -11.50 4.44
CA GLU A 74 -4.11 -12.66 5.19
C GLU A 74 -3.24 -12.32 6.37
N LEU A 75 -2.20 -11.56 6.04
CA LEU A 75 -0.99 -11.35 6.76
C LEU A 75 -1.02 -9.94 7.27
N ALA A 76 -1.36 -8.99 6.39
CA ALA A 76 -1.38 -7.58 6.73
C ALA A 76 -2.70 -6.98 6.58
N VAL A 77 -3.06 -6.10 7.52
CA VAL A 77 -4.05 -5.12 7.20
C VAL A 77 -3.69 -3.70 7.43
N VAL A 78 -4.69 -2.85 7.17
CA VAL A 78 -4.58 -1.48 7.03
C VAL A 78 -4.66 -0.83 8.35
N GLU A 79 -4.28 0.45 8.35
CA GLU A 79 -4.78 1.33 9.35
C GLU A 79 -6.09 1.81 8.82
N SER A 80 -6.09 2.12 7.50
CA SER A 80 -7.23 2.77 6.92
C SER A 80 -7.17 2.68 5.45
N PHE A 81 -8.34 2.57 4.79
CA PHE A 81 -8.42 2.67 3.38
C PHE A 81 -8.88 4.03 3.17
N PRO A 82 -8.16 4.91 2.53
CA PRO A 82 -8.51 6.26 2.80
C PRO A 82 -8.57 6.83 1.43
N THR A 83 -7.85 7.93 1.27
CA THR A 83 -8.50 9.13 0.88
C THR A 83 -7.42 10.17 0.76
N LYS A 84 -6.47 10.20 1.73
CA LYS A 84 -5.66 11.36 1.98
C LYS A 84 -4.48 11.42 1.08
N ILE A 85 -4.68 12.04 -0.10
CA ILE A 85 -3.62 12.31 -0.99
C ILE A 85 -3.03 13.58 -0.53
N GLU A 86 -1.71 13.50 -0.39
CA GLU A 86 -0.87 14.52 0.17
C GLU A 86 0.16 14.77 -0.88
N GLY A 87 0.01 15.89 -1.63
CA GLY A 87 0.84 16.11 -2.76
C GLY A 87 0.31 15.32 -3.91
N ARG A 88 1.28 14.75 -4.64
CA ARG A 88 1.07 14.00 -5.83
C ARG A 88 1.17 12.54 -5.52
N GLN A 89 0.63 12.10 -4.37
CA GLN A 89 0.98 10.82 -3.81
C GLN A 89 0.09 10.50 -2.64
N MET A 90 -0.47 9.26 -2.56
CA MET A 90 -1.47 8.94 -1.57
C MET A 90 -0.99 7.91 -0.61
N ILE A 91 -0.85 8.28 0.65
CA ILE A 91 -0.55 7.31 1.64
C ILE A 91 -1.82 6.62 2.04
N MET A 92 -1.76 5.28 1.96
CA MET A 92 -2.58 4.38 2.71
C MET A 92 -1.62 3.72 3.61
N VAL A 93 -2.03 3.45 4.85
CA VAL A 93 -1.09 2.89 5.78
C VAL A 93 -1.31 1.38 5.83
N LEU A 94 -0.26 0.58 6.17
CA LEU A 94 -0.30 -0.87 6.14
C LEU A 94 0.31 -1.55 7.37
N ALA A 95 -0.45 -1.68 8.48
CA ALA A 95 0.05 -2.23 9.72
C ALA A 95 0.02 -3.72 9.80
N PRO A 96 0.56 -4.34 10.86
CA PRO A 96 0.32 -5.72 11.16
C PRO A 96 -1.11 -5.89 11.56
N LYS A 97 -1.77 -6.95 11.03
CA LYS A 97 -3.08 -7.26 11.51
C LYS A 97 -3.01 -8.01 12.80
N LYS A 98 -4.17 -8.05 13.51
CA LYS A 98 -4.30 -8.78 14.73
C LYS A 98 -4.37 -10.23 14.39
N LYS A 99 -3.27 -10.96 14.69
CA LYS A 99 -3.06 -12.33 14.31
C LYS A 99 -4.02 -13.22 15.04
N GLN A 100 -5.03 -13.71 14.32
CA GLN A 100 -6.03 -14.56 14.89
C GLN A 100 -5.52 -15.99 14.76
#